data_7JLV
#
_entry.id   7JLV
#
_cell.length_a   1.00
_cell.length_b   1.00
_cell.length_c   1.00
_cell.angle_alpha   90.00
_cell.angle_beta   90.00
_cell.angle_gamma   90.00
#
_symmetry.space_group_name_H-M   'P 1'
#
loop_
_entity.id
_entity.type
_entity.pdbx_description
1 polymer 'Disease resistance protein Roq1'
2 non-polymer "ADENOSINE-5'-TRIPHOSPHATE"
3 non-polymer 'MAGNESIUM ION'
#
_entity_poly.entity_id   1
_entity_poly.type   'polypeptide(L)'
_entity_poly.pdbx_seq_one_letter_code
;MLTSSSHHGRSYDVFLSFRGEDTRKTFVGHLFNALIEKGIHTFMDDKELKRGKSISSELMKAIGESRFAVVVFSKNYASS
TWCLEELVKILEIHEKFELIVVPVFYDVDPSTVRKQNGEYAVCFTKFEANLVDDRDKVLRWREALTKVANISGHDLRNTY
NGDESKCIQQILKDIFDKFCFSISITNRDLVGIESQIKKLSSLLRMDLKGVRLVGIWGMGGVGKTTAARALFNRYYQNFE
SACFLEDVKEYLQHHTLLYLQKTLLSKLLKVEFVDCTDTEEMCVILKRRLCSKKVLVVLDDVNHNDQLDKLVGAEDWFGS
GSRIVITTRDMKLLKNHDVHETYEIKVLEKDEAIELFNLHAFKRSSPEKEFKELLNLVVDYTGGLPLALKVLGSLLYKED
LDVWISTIDRLKDNPEGEIMATLKISFDGLRDYEKSIFLDIACFFRGYNQRDMTALFHASGFHPVLGVKTLVEKSLIFIL
EDKIQMHDLMQEMGRQIAVQESPMRRIYRPEDVKDACIGDMRKEAIEGLLLTEPEQFEEGELEYMYSAEALKKTRRLRIL
VKEYYNRGFDEPVAYLPNSLLWLEWRNYSSNSFPSNFEPSKLVYLTMKGSSIIELWNGAKRLAFLTTLDLSYCHKLIQTP
DFRMITNLERLILSSCDALVEVHPSVGFLKNLILLNMDHCISLERLPAIIQSECLEVLDLNYCFNLKMFPEVERNMTHLK
KLDLTSTGIRELPASIEHLSSLENLQMHSCNQLVSLPSSIWRFRNLKISECEKLGSLPEIHGNSNCTRELILKLVSIKEL
PTSIGNLTSLNFLEICNCKTISSLSSSIWGLTSLTTLKLLDCRKLKNLPGIPNAINHLSGHGLQLLLTLEQPTIYERLDL
LRIIDMSWCSCISSLPHNIWMLKFLRILCISYCSRLEYLPENLGHLEHLEELLADGTGILRLPSSVARLNKLEVLSFRKK
FAIGPKVQYSSSMLNLPDDVFGSLGSLGSVVKLNLSGNGFCNLPETMNQLFCLEYLDITFCQRLEALPELPPSIKELYVD
EHLALRIMEDLVIKCKELNLIAVTKIEYQNFYRWLDSIWSDVSELLENSQKQQLDDMLQLIPFSYLSTAKREEVLKIVIH
GTRIPEWFRWQDRSATTMSVNLPEYWYTENFLGFAICCSCCFYHSARSYDVEFEGSMHHYNYDSSYWKEYEEPSYDFYER
DSIEITAKLTPRHKGMRTEELKKVCSFSMNVLRRATAVPNMCFAFFPFNSLCHISNLQANNPNDYGIFETCLSPGDIRHR
GKQWGFNLVYKDETGGSVTHEMLINR
;
_entity_poly.pdbx_strand_id   A,B,D,G
#
loop_
_chem_comp.id
_chem_comp.type
_chem_comp.name
_chem_comp.formula
ATP non-polymer ADENOSINE-5'-TRIPHOSPHATE 'C10 H16 N5 O13 P3'
MG non-polymer 'MAGNESIUM ION' 'Mg 2'
#
# COMPACT_ATOMS: atom_id res chain seq x y z
N ASP A 189 0.54 26.85 -29.39
CA ASP A 189 1.50 27.89 -29.74
C ASP A 189 1.36 29.10 -28.83
N LEU A 190 1.11 28.85 -27.55
CA LEU A 190 0.96 29.87 -26.52
C LEU A 190 -0.08 30.92 -26.94
N VAL A 191 -1.33 30.48 -26.95
CA VAL A 191 -2.45 31.35 -27.29
C VAL A 191 -2.85 32.17 -26.07
N GLY A 192 -3.06 33.46 -26.27
CA GLY A 192 -3.50 34.32 -25.19
C GLY A 192 -2.45 34.65 -24.15
N ILE A 193 -1.19 34.30 -24.42
CA ILE A 193 -0.14 34.50 -23.43
C ILE A 193 0.46 35.91 -23.50
N GLU A 194 0.53 36.50 -24.69
CA GLU A 194 1.17 37.80 -24.86
C GLU A 194 0.58 38.87 -23.93
N SER A 195 -0.71 38.75 -23.61
CA SER A 195 -1.34 39.67 -22.68
C SER A 195 -0.84 39.50 -21.25
N GLN A 196 -0.09 38.45 -20.96
CA GLN A 196 0.37 38.18 -19.60
C GLN A 196 1.79 38.68 -19.33
N ILE A 197 2.66 38.68 -20.34
CA ILE A 197 4.02 39.17 -20.13
C ILE A 197 4.01 40.62 -19.66
N LYS A 198 3.10 41.43 -20.21
CA LYS A 198 2.98 42.81 -19.77
C LYS A 198 2.60 42.88 -18.29
N LYS A 199 1.65 42.04 -17.86
CA LYS A 199 1.20 42.07 -16.48
C LYS A 199 2.32 41.65 -15.52
N LEU A 200 3.04 40.58 -15.86
CA LEU A 200 4.14 40.14 -15.01
C LEU A 200 5.28 41.17 -15.01
N SER A 201 5.59 41.75 -16.17
CA SER A 201 6.67 42.71 -16.26
C SER A 201 6.38 43.95 -15.43
N SER A 202 5.12 44.37 -15.44
CA SER A 202 4.71 45.54 -14.70
C SER A 202 4.86 45.37 -13.19
N LEU A 203 4.64 44.16 -12.68
CA LEU A 203 4.77 43.95 -11.24
C LEU A 203 6.19 44.16 -10.71
N LEU A 204 7.18 43.56 -11.38
CA LEU A 204 8.57 43.72 -10.95
C LEU A 204 9.06 45.15 -11.16
N ARG A 205 8.69 45.65 -12.35
CA ARG A 205 8.92 46.97 -12.97
C ARG A 205 10.25 47.06 -13.74
N MET A 206 11.18 46.17 -13.39
CA MET A 206 12.51 46.00 -14.01
C MET A 206 13.52 47.17 -13.87
N ASP A 207 13.22 48.13 -13.01
CA ASP A 207 14.11 49.27 -12.82
C ASP A 207 14.48 49.51 -11.36
N LEU A 208 13.88 48.73 -10.47
CA LEU A 208 14.14 48.89 -9.04
C LEU A 208 15.44 48.20 -8.63
N LYS A 209 15.96 48.60 -7.47
CA LYS A 209 17.19 48.04 -6.94
C LYS A 209 16.90 47.08 -5.80
N GLY A 210 17.79 46.09 -5.64
CA GLY A 210 17.66 45.11 -4.58
C GLY A 210 17.10 43.80 -5.09
N VAL A 211 16.31 43.12 -4.26
CA VAL A 211 15.66 41.86 -4.65
C VAL A 211 14.18 41.98 -4.37
N ARG A 212 13.37 41.46 -5.28
CA ARG A 212 11.92 41.46 -5.14
C ARG A 212 11.40 40.05 -5.38
N LEU A 213 10.46 39.61 -4.54
CA LEU A 213 9.86 38.29 -4.66
C LEU A 213 8.44 38.43 -5.17
N VAL A 214 8.12 37.70 -6.24
CA VAL A 214 6.80 37.69 -6.85
C VAL A 214 6.25 36.28 -6.83
N GLY A 215 5.01 36.13 -6.39
CA GLY A 215 4.38 34.83 -6.30
C GLY A 215 3.22 34.67 -7.25
N ILE A 216 3.29 33.68 -8.13
CA ILE A 216 2.24 33.38 -9.08
C ILE A 216 1.36 32.29 -8.48
N TRP A 217 0.10 32.61 -8.24
CA TRP A 217 -0.85 31.71 -7.60
C TRP A 217 -1.95 31.37 -8.59
N GLY A 218 -2.20 30.07 -8.76
CA GLY A 218 -3.16 29.62 -9.74
C GLY A 218 -4.26 28.74 -9.18
N MET A 219 -4.74 27.80 -9.98
CA MET A 219 -5.86 26.94 -9.60
C MET A 219 -5.53 25.46 -9.64
N GLY A 220 -4.37 25.05 -10.14
CA GLY A 220 -4.08 23.64 -10.27
C GLY A 220 -4.43 23.07 -11.63
N GLY A 221 -3.88 23.67 -12.67
CA GLY A 221 -4.17 23.24 -14.03
C GLY A 221 -4.23 24.41 -15.00
N VAL A 222 -4.54 25.60 -14.49
CA VAL A 222 -4.46 26.79 -15.32
C VAL A 222 -3.00 27.09 -15.63
N GLY A 223 -2.78 27.85 -16.71
CA GLY A 223 -1.42 28.11 -17.14
C GLY A 223 -0.60 28.87 -16.12
N LYS A 224 0.33 28.18 -15.47
CA LYS A 224 1.23 28.77 -14.48
C LYS A 224 2.68 28.60 -14.89
N THR A 225 3.10 27.35 -15.14
CA THR A 225 4.47 27.09 -15.57
C THR A 225 4.75 27.71 -16.93
N THR A 226 3.77 27.66 -17.84
CA THR A 226 3.97 28.24 -19.15
C THR A 226 4.17 29.75 -19.06
N ALA A 227 3.42 30.41 -18.19
CA ALA A 227 3.62 31.85 -18.00
C ALA A 227 5.00 32.14 -17.42
N ALA A 228 5.43 31.35 -16.44
CA ALA A 228 6.75 31.53 -15.88
C ALA A 228 7.82 31.29 -16.93
N ARG A 229 7.62 30.28 -17.78
CA ARG A 229 8.59 30.01 -18.84
C ARG A 229 8.64 31.14 -19.86
N ALA A 230 7.49 31.73 -20.18
CA ALA A 230 7.49 32.86 -21.11
C ALA A 230 8.28 34.05 -20.56
N LEU A 231 8.05 34.39 -19.29
CA LEU A 231 8.82 35.46 -18.66
C LEU A 231 10.31 35.12 -18.65
N PHE A 232 10.64 33.88 -18.31
CA PHE A 232 12.05 33.47 -18.29
C PHE A 232 12.66 33.62 -19.68
N ASN A 233 12.00 33.09 -20.70
CA ASN A 233 12.56 33.14 -22.05
C ASN A 233 12.66 34.56 -22.58
N ARG A 234 11.90 35.50 -22.02
CA ARG A 234 11.99 36.87 -22.52
C ARG A 234 13.06 37.69 -21.80
N TYR A 235 13.25 37.48 -20.48
CA TYR A 235 14.16 38.32 -19.70
C TYR A 235 15.39 37.57 -19.19
N TYR A 236 15.71 36.39 -19.74
CA TYR A 236 16.84 35.66 -19.19
C TYR A 236 18.19 36.23 -19.62
N GLN A 237 18.23 37.11 -20.63
CA GLN A 237 19.49 37.67 -21.10
C GLN A 237 19.95 38.88 -20.29
N ASN A 238 19.07 39.46 -19.48
CA ASN A 238 19.43 40.66 -18.74
C ASN A 238 20.36 40.39 -17.57
N PHE A 239 20.37 39.16 -17.05
CA PHE A 239 21.10 38.82 -15.84
C PHE A 239 22.34 37.99 -16.17
N GLU A 240 23.27 37.96 -15.21
CA GLU A 240 24.50 37.19 -15.40
C GLU A 240 24.22 35.69 -15.53
N SER A 241 23.34 35.17 -14.69
CA SER A 241 23.00 33.75 -14.69
C SER A 241 21.53 33.60 -14.32
N ALA A 242 20.94 32.48 -14.73
CA ALA A 242 19.54 32.22 -14.46
C ALA A 242 19.32 30.72 -14.41
N CYS A 243 18.25 30.33 -13.72
CA CYS A 243 17.93 28.92 -13.53
C CYS A 243 16.42 28.75 -13.47
N PHE A 244 15.96 27.55 -13.81
CA PHE A 244 14.54 27.24 -13.87
C PHE A 244 14.34 25.77 -13.50
N LEU A 245 13.36 25.51 -12.63
CA LEU A 245 13.04 24.17 -12.18
C LEU A 245 11.58 23.85 -12.49
N GLU A 246 11.28 22.56 -12.61
CA GLU A 246 9.91 22.08 -12.74
C GLU A 246 9.60 21.07 -11.64
N ASP A 247 8.45 21.23 -11.01
CA ASP A 247 7.87 20.22 -10.14
C ASP A 247 8.86 19.75 -9.07
N VAL A 248 9.18 20.69 -8.17
CA VAL A 248 10.07 20.39 -7.06
C VAL A 248 9.50 19.25 -6.22
N LYS A 249 8.17 19.13 -6.17
CA LYS A 249 7.52 18.03 -5.46
C LYS A 249 8.02 16.68 -5.98
N GLU A 250 7.95 16.46 -7.29
CA GLU A 250 8.44 15.22 -7.88
C GLU A 250 9.93 15.06 -7.67
N TYR A 251 10.68 16.17 -7.72
CA TYR A 251 12.13 16.09 -7.57
C TYR A 251 12.50 15.53 -6.21
N LEU A 252 11.80 15.95 -5.15
CA LEU A 252 12.04 15.36 -3.84
C LEU A 252 11.42 13.97 -3.70
N GLN A 253 10.43 13.63 -4.51
CA GLN A 253 9.95 12.25 -4.53
C GLN A 253 10.96 11.30 -5.15
N HIS A 254 11.92 11.82 -5.92
CA HIS A 254 12.98 10.99 -6.48
C HIS A 254 14.35 11.26 -5.88
N HIS A 255 14.60 12.47 -5.39
CA HIS A 255 15.91 12.83 -4.85
C HIS A 255 15.77 13.40 -3.44
N THR A 256 16.85 13.94 -2.90
CA THR A 256 16.87 14.54 -1.57
C THR A 256 16.98 16.05 -1.70
N LEU A 257 16.46 16.77 -0.70
CA LEU A 257 16.46 18.23 -0.74
C LEU A 257 17.88 18.77 -0.84
N LEU A 258 18.83 18.12 -0.17
CA LEU A 258 20.22 18.56 -0.25
C LEU A 258 20.74 18.49 -1.68
N TYR A 259 20.40 17.41 -2.39
CA TYR A 259 20.83 17.29 -3.78
C TYR A 259 20.21 18.37 -4.66
N LEU A 260 18.94 18.69 -4.42
CA LEU A 260 18.26 19.71 -5.21
C LEU A 260 18.99 21.05 -5.14
N GLN A 261 19.26 21.53 -3.93
CA GLN A 261 19.98 22.78 -3.78
C GLN A 261 21.44 22.66 -4.21
N LYS A 262 21.98 21.44 -4.25
CA LYS A 262 23.32 21.26 -4.82
C LYS A 262 23.32 21.57 -6.31
N THR A 263 22.29 21.13 -7.03
CA THR A 263 22.23 21.41 -8.47
C THR A 263 21.99 22.89 -8.74
N LEU A 264 21.24 23.57 -7.87
CA LEU A 264 20.92 24.99 -8.12
C LEU A 264 22.18 25.84 -8.13
N LEU A 265 23.09 25.59 -7.18
CA LEU A 265 24.36 26.33 -7.18
C LEU A 265 25.18 26.00 -8.41
N SER A 266 25.22 24.72 -8.79
CA SER A 266 25.99 24.31 -9.96
C SER A 266 25.35 24.75 -11.27
N LYS A 267 24.12 25.25 -11.25
CA LYS A 267 23.49 25.77 -12.45
C LYS A 267 23.78 27.25 -12.65
N LEU A 268 23.74 28.04 -11.57
CA LEU A 268 24.06 29.45 -11.67
C LEU A 268 25.52 29.66 -12.10
N LEU A 269 26.40 28.85 -11.54
CA LEU A 269 27.82 28.88 -11.88
C LEU A 269 28.16 27.64 -12.68
N LYS A 270 29.30 27.65 -13.35
CA LYS A 270 29.72 26.52 -14.17
C LYS A 270 30.55 25.48 -13.42
N VAL A 271 30.79 25.74 -12.13
CA VAL A 271 31.57 24.84 -11.29
C VAL A 271 30.87 23.49 -11.04
N GLU A 272 31.64 22.47 -10.69
CA GLU A 272 31.12 21.14 -10.43
C GLU A 272 30.52 21.09 -9.02
N PHE A 273 29.80 20.01 -8.73
CA PHE A 273 29.19 19.83 -7.42
C PHE A 273 30.23 19.90 -6.31
N VAL A 274 29.91 20.64 -5.26
CA VAL A 274 30.77 20.80 -4.10
C VAL A 274 30.24 19.90 -2.99
N ASP A 275 31.13 19.15 -2.35
CA ASP A 275 30.69 18.20 -1.34
C ASP A 275 30.26 18.92 -0.06
N CYS A 276 29.09 18.53 0.44
CA CYS A 276 28.55 19.05 1.70
C CYS A 276 27.50 18.05 2.18
N THR A 277 27.79 17.37 3.28
CA THR A 277 26.85 16.40 3.84
C THR A 277 25.87 17.04 4.82
N ASP A 278 25.98 18.35 5.06
CA ASP A 278 25.07 19.06 5.95
C ASP A 278 24.40 20.18 5.14
N THR A 279 23.08 20.31 5.27
CA THR A 279 22.36 21.31 4.49
C THR A 279 22.78 22.73 4.90
N GLU A 280 23.02 22.96 6.19
CA GLU A 280 23.29 24.31 6.67
C GLU A 280 24.59 24.86 6.10
N GLU A 281 25.63 24.03 6.00
CA GLU A 281 26.85 24.48 5.33
C GLU A 281 26.54 24.92 3.90
N MET A 282 25.63 24.22 3.22
CA MET A 282 25.29 24.59 1.86
C MET A 282 24.56 25.93 1.81
N CYS A 283 23.66 26.18 2.75
CA CYS A 283 22.99 27.47 2.81
C CYS A 283 23.98 28.61 3.04
N VAL A 284 24.93 28.40 3.95
CA VAL A 284 25.97 29.40 4.18
C VAL A 284 26.84 29.56 2.94
N ILE A 285 27.08 28.46 2.21
CA ILE A 285 27.89 28.54 1.00
C ILE A 285 27.19 29.38 -0.06
N LEU A 286 25.88 29.19 -0.25
CA LEU A 286 25.15 30.03 -1.19
C LEU A 286 25.26 31.49 -0.81
N LYS A 287 25.06 31.79 0.47
CA LYS A 287 25.17 33.18 0.94
C LYS A 287 26.57 33.73 0.70
N ARG A 288 27.59 32.93 0.96
CA ARG A 288 28.96 33.42 0.88
C ARG A 288 29.45 33.56 -0.57
N ARG A 289 28.95 32.71 -1.47
CA ARG A 289 29.50 32.66 -2.82
C ARG A 289 28.74 33.55 -3.80
N LEU A 290 27.40 33.42 -3.85
CA LEU A 290 26.62 34.09 -4.89
C LEU A 290 25.95 35.38 -4.42
N CYS A 291 26.36 35.90 -3.26
CA CYS A 291 25.77 37.15 -2.78
C CYS A 291 26.05 38.31 -3.73
N SER A 292 27.27 38.40 -4.23
CA SER A 292 27.68 39.53 -5.07
C SER A 292 27.45 39.26 -6.55
N LYS A 293 26.21 38.85 -6.88
CA LYS A 293 25.82 38.59 -8.26
C LYS A 293 24.32 38.80 -8.38
N LYS A 294 23.88 39.10 -9.60
CA LYS A 294 22.46 39.28 -9.89
C LYS A 294 21.99 38.10 -10.73
N VAL A 295 20.96 37.40 -10.24
CA VAL A 295 20.48 36.18 -10.85
C VAL A 295 18.95 36.20 -10.89
N LEU A 296 18.39 35.35 -11.74
CA LEU A 296 16.95 35.12 -11.80
C LEU A 296 16.71 33.65 -11.51
N VAL A 297 15.86 33.36 -10.53
CA VAL A 297 15.58 32.01 -10.10
C VAL A 297 14.08 31.81 -10.06
N VAL A 298 13.61 30.70 -10.64
CA VAL A 298 12.19 30.37 -10.71
C VAL A 298 11.96 29.05 -9.99
N LEU A 299 10.98 29.04 -9.08
CA LEU A 299 10.50 27.83 -8.43
C LEU A 299 9.14 27.48 -9.00
N ASP A 300 8.94 26.21 -9.33
CA ASP A 300 7.75 25.78 -10.08
C ASP A 300 6.61 25.34 -9.17
N ASP A 301 6.89 24.47 -8.19
CA ASP A 301 5.83 23.94 -7.35
C ASP A 301 6.39 23.66 -5.98
N VAL A 302 5.86 24.35 -4.96
CA VAL A 302 6.26 24.15 -3.58
C VAL A 302 5.02 23.92 -2.74
N ASN A 303 5.19 23.20 -1.63
CA ASN A 303 4.08 22.88 -0.75
C ASN A 303 4.37 23.11 0.73
N HIS A 304 5.63 23.22 1.13
CA HIS A 304 5.98 23.41 2.53
C HIS A 304 7.06 24.47 2.62
N ASN A 305 7.11 25.15 3.76
CA ASN A 305 7.93 26.36 3.86
C ASN A 305 9.42 26.06 3.96
N ASP A 306 9.80 24.89 4.48
CA ASP A 306 11.22 24.58 4.58
C ASP A 306 11.88 24.51 3.21
N GLN A 307 11.10 24.21 2.17
CA GLN A 307 11.62 24.26 0.81
C GLN A 307 12.14 25.66 0.49
N LEU A 308 11.31 26.68 0.71
CA LEU A 308 11.70 28.05 0.45
C LEU A 308 12.84 28.48 1.38
N ASP A 309 12.77 28.09 2.65
CA ASP A 309 13.80 28.49 3.60
C ASP A 309 15.17 27.93 3.20
N LYS A 310 15.20 26.68 2.74
CA LYS A 310 16.47 26.06 2.37
C LYS A 310 16.98 26.55 1.03
N LEU A 311 16.08 26.94 0.11
CA LEU A 311 16.49 27.30 -1.24
C LEU A 311 16.64 28.80 -1.45
N VAL A 312 15.58 29.57 -1.21
CA VAL A 312 15.53 30.96 -1.63
C VAL A 312 15.08 31.86 -0.48
N GLY A 313 14.95 31.30 0.72
CA GLY A 313 14.38 32.08 1.79
C GLY A 313 15.39 32.95 2.50
N ALA A 314 15.48 34.21 2.04
CA ALA A 314 16.36 35.22 2.58
C ALA A 314 16.14 36.54 1.84
N GLU A 315 16.86 37.58 2.21
CA GLU A 315 16.82 38.83 1.49
C GLU A 315 18.16 39.27 0.91
N ASP A 316 19.27 38.99 1.59
CA ASP A 316 20.59 39.40 1.14
C ASP A 316 21.41 38.27 0.55
N TRP A 317 20.78 37.12 0.29
CA TRP A 317 21.50 36.04 -0.39
C TRP A 317 21.84 36.39 -1.83
N PHE A 318 21.10 37.32 -2.43
CA PHE A 318 21.26 37.69 -3.83
C PHE A 318 21.63 39.16 -3.93
N GLY A 319 22.36 39.51 -4.98
CA GLY A 319 22.80 40.87 -5.18
C GLY A 319 21.71 41.76 -5.73
N SER A 320 22.08 43.02 -5.96
CA SER A 320 21.13 43.99 -6.49
C SER A 320 20.70 43.61 -7.91
N GLY A 321 19.42 43.79 -8.20
CA GLY A 321 18.87 43.45 -9.50
C GLY A 321 18.34 42.05 -9.62
N SER A 322 18.51 41.21 -8.60
CA SER A 322 18.01 39.84 -8.66
C SER A 322 16.50 39.80 -8.58
N ARG A 323 15.90 38.82 -9.27
CA ARG A 323 14.47 38.62 -9.29
C ARG A 323 14.16 37.19 -8.88
N ILE A 324 13.16 37.02 -8.03
CA ILE A 324 12.74 35.70 -7.56
C ILE A 324 11.28 35.50 -7.94
N VAL A 325 11.01 34.41 -8.66
CA VAL A 325 9.66 34.04 -9.08
C VAL A 325 9.32 32.71 -8.45
N ILE A 326 8.23 32.65 -7.71
CA ILE A 326 7.82 31.42 -7.03
C ILE A 326 6.39 31.08 -7.45
N THR A 327 6.21 29.94 -8.10
CA THR A 327 4.91 29.48 -8.54
C THR A 327 4.38 28.49 -7.52
N THR A 328 3.13 28.68 -7.09
CA THR A 328 2.54 27.79 -6.11
C THR A 328 1.02 27.81 -6.23
N ARG A 329 0.40 26.72 -5.75
CA ARG A 329 -1.05 26.58 -5.81
C ARG A 329 -1.78 27.36 -4.73
N ASP A 330 -1.10 27.82 -3.68
CA ASP A 330 -1.74 28.59 -2.62
C ASP A 330 -0.85 29.73 -2.15
N MET A 331 -1.46 30.89 -1.92
CA MET A 331 -0.72 32.07 -1.53
C MET A 331 -0.26 32.03 -0.08
N LYS A 332 -0.71 31.05 0.70
CA LYS A 332 -0.37 31.02 2.12
C LYS A 332 1.14 30.90 2.32
N LEU A 333 1.80 30.05 1.53
CA LEU A 333 3.25 29.94 1.62
C LEU A 333 3.92 31.27 1.25
N LEU A 334 3.35 31.99 0.29
CA LEU A 334 3.85 33.31 -0.05
C LEU A 334 3.67 34.30 1.10
N LYS A 335 2.54 34.19 1.81
CA LYS A 335 2.26 35.15 2.88
C LYS A 335 3.29 35.06 3.98
N ASN A 336 3.72 33.84 4.34
CA ASN A 336 4.74 33.69 5.37
C ASN A 336 6.06 34.31 4.94
N HIS A 337 6.31 34.40 3.64
CA HIS A 337 7.46 35.11 3.12
C HIS A 337 7.10 36.57 2.84
N ASP A 338 8.14 37.36 2.54
CA ASP A 338 7.96 38.78 2.27
C ASP A 338 7.74 39.07 0.79
N VAL A 339 6.80 38.35 0.18
CA VAL A 339 6.50 38.55 -1.23
C VAL A 339 5.89 39.93 -1.43
N HIS A 340 6.47 40.70 -2.33
CA HIS A 340 5.97 42.03 -2.55
C HIS A 340 4.65 42.03 -3.31
N GLU A 341 4.59 41.27 -4.39
CA GLU A 341 3.41 41.26 -5.26
C GLU A 341 3.01 39.83 -5.57
N THR A 342 1.73 39.65 -5.88
CA THR A 342 1.18 38.37 -6.26
C THR A 342 0.25 38.54 -7.45
N TYR A 343 0.13 37.49 -8.25
CA TYR A 343 -0.72 37.50 -9.43
C TYR A 343 -1.53 36.20 -9.44
N GLU A 344 -2.85 36.33 -9.56
CA GLU A 344 -3.74 35.19 -9.66
C GLU A 344 -4.17 35.03 -11.11
N ILE A 345 -4.00 33.83 -11.66
CA ILE A 345 -4.26 33.56 -13.06
C ILE A 345 -5.60 32.84 -13.18
N LYS A 346 -6.50 33.40 -13.97
CA LYS A 346 -7.85 32.87 -14.14
C LYS A 346 -7.92 31.96 -15.37
N VAL A 347 -9.08 31.33 -15.55
CA VAL A 347 -9.29 30.40 -16.64
C VAL A 347 -9.40 31.18 -17.96
N LEU A 348 -9.31 30.45 -19.07
CA LEU A 348 -9.39 31.07 -20.38
C LEU A 348 -10.83 31.46 -20.71
N GLU A 349 -10.97 32.35 -21.70
CA GLU A 349 -12.27 32.82 -22.14
C GLU A 349 -12.80 31.95 -23.26
N LYS A 350 -14.00 32.29 -23.76
CA LYS A 350 -14.65 31.47 -24.77
C LYS A 350 -13.84 31.42 -26.06
N ASP A 351 -13.42 32.58 -26.56
CA ASP A 351 -12.65 32.62 -27.80
C ASP A 351 -11.32 31.89 -27.64
N GLU A 352 -10.63 32.13 -26.53
CA GLU A 352 -9.32 31.52 -26.32
C GLU A 352 -9.43 30.01 -26.14
N ALA A 353 -10.46 29.54 -25.43
CA ALA A 353 -10.67 28.12 -25.27
C ALA A 353 -10.95 27.45 -26.61
N ILE A 354 -11.78 28.08 -27.44
CA ILE A 354 -12.07 27.52 -28.76
C ILE A 354 -10.82 27.46 -29.62
N GLU A 355 -10.01 28.53 -29.58
CA GLU A 355 -8.79 28.55 -30.38
C GLU A 355 -7.81 27.47 -29.95
N LEU A 356 -7.64 27.29 -28.64
CA LEU A 356 -6.69 26.29 -28.15
C LEU A 356 -7.18 24.87 -28.49
N PHE A 357 -8.47 24.60 -28.27
CA PHE A 357 -8.99 23.27 -28.60
C PHE A 357 -8.88 23.00 -30.10
N ASN A 358 -9.18 23.99 -30.94
CA ASN A 358 -9.04 23.81 -32.37
C ASN A 358 -7.59 23.54 -32.76
N LEU A 359 -6.65 24.21 -32.08
CA LEU A 359 -5.24 23.97 -32.35
C LEU A 359 -4.85 22.53 -31.99
N HIS A 360 -5.34 22.03 -30.87
CA HIS A 360 -4.96 20.68 -30.44
C HIS A 360 -5.63 19.61 -31.31
N ALA A 361 -6.93 19.76 -31.56
CA ALA A 361 -7.65 18.74 -32.31
C ALA A 361 -7.28 18.78 -33.80
N PHE A 362 -7.14 19.97 -34.37
CA PHE A 362 -6.79 20.14 -35.78
C PHE A 362 -5.62 21.13 -35.84
N LYS A 363 -4.40 20.62 -35.71
CA LYS A 363 -3.23 21.50 -35.69
C LYS A 363 -3.01 22.21 -37.02
N ARG A 364 -3.20 21.51 -38.13
CA ARG A 364 -3.10 22.13 -39.45
C ARG A 364 -4.47 22.37 -40.10
N SER A 365 -5.34 21.37 -40.09
CA SER A 365 -6.59 21.45 -40.85
C SER A 365 -7.63 22.25 -40.07
N SER A 366 -8.86 22.28 -40.59
CA SER A 366 -9.99 22.98 -40.01
C SER A 366 -11.18 22.05 -39.95
N PRO A 367 -12.11 22.27 -39.01
CA PRO A 367 -13.30 21.42 -38.94
C PRO A 367 -14.11 21.45 -40.23
N GLU A 368 -14.67 20.29 -40.59
CA GLU A 368 -15.36 20.15 -41.86
C GLU A 368 -16.79 20.66 -41.82
N LYS A 369 -16.97 21.91 -41.35
CA LYS A 369 -18.26 22.60 -41.30
C LYS A 369 -19.39 21.72 -40.71
N GLU A 370 -19.04 20.82 -39.79
CA GLU A 370 -20.07 20.06 -39.09
C GLU A 370 -19.75 19.83 -37.61
N PHE A 371 -18.69 20.41 -37.08
CA PHE A 371 -18.29 20.19 -35.69
C PHE A 371 -18.55 21.38 -34.78
N LYS A 372 -19.20 22.43 -35.29
CA LYS A 372 -19.38 23.65 -34.50
C LYS A 372 -20.27 23.43 -33.28
N GLU A 373 -21.38 22.72 -33.46
CA GLU A 373 -22.24 22.41 -32.31
C GLU A 373 -21.50 21.55 -31.29
N LEU A 374 -20.78 20.54 -31.77
CA LEU A 374 -19.98 19.70 -30.88
C LEU A 374 -18.86 20.51 -30.23
N LEU A 375 -18.27 21.44 -30.98
CA LEU A 375 -17.23 22.30 -30.42
C LEU A 375 -17.77 23.12 -29.26
N ASN A 376 -18.96 23.71 -29.43
CA ASN A 376 -19.54 24.51 -28.37
C ASN A 376 -19.86 23.66 -27.14
N LEU A 377 -20.42 22.47 -27.35
CA LEU A 377 -20.75 21.62 -26.20
C LEU A 377 -19.50 21.19 -25.43
N VAL A 378 -18.45 20.79 -26.15
CA VAL A 378 -17.24 20.32 -25.48
C VAL A 378 -16.59 21.46 -24.70
N VAL A 379 -16.45 22.62 -25.33
CA VAL A 379 -15.78 23.74 -24.66
C VAL A 379 -16.61 24.21 -23.47
N ASP A 380 -17.94 24.21 -23.60
CA ASP A 380 -18.79 24.58 -22.49
C ASP A 380 -18.66 23.60 -21.33
N TYR A 381 -18.42 22.32 -21.64
CA TYR A 381 -18.27 21.33 -20.58
C TYR A 381 -17.06 21.65 -19.69
N THR A 382 -15.95 22.06 -20.29
CA THR A 382 -14.75 22.37 -19.52
C THR A 382 -14.86 23.73 -18.85
N GLY A 383 -15.08 24.78 -19.64
CA GLY A 383 -15.14 26.11 -19.09
C GLY A 383 -13.79 26.62 -18.64
N GLY A 384 -12.89 26.84 -19.59
CA GLY A 384 -11.53 27.22 -19.24
C GLY A 384 -10.69 26.00 -18.91
N LEU A 385 -9.72 26.21 -18.00
CA LEU A 385 -8.83 25.15 -17.56
C LEU A 385 -8.15 24.49 -18.74
N PRO A 386 -7.16 25.14 -19.35
CA PRO A 386 -6.56 24.63 -20.59
C PRO A 386 -6.05 23.20 -20.50
N LEU A 387 -5.82 22.66 -19.30
CA LEU A 387 -5.41 21.26 -19.17
C LEU A 387 -6.50 20.33 -19.70
N ALA A 388 -7.77 20.63 -19.38
CA ALA A 388 -8.87 19.82 -19.90
C ALA A 388 -8.95 19.91 -21.41
N LEU A 389 -8.71 21.10 -21.97
CA LEU A 389 -8.71 21.25 -23.42
C LEU A 389 -7.59 20.43 -24.05
N LYS A 390 -6.41 20.40 -23.42
CA LYS A 390 -5.32 19.59 -23.94
C LYS A 390 -5.67 18.10 -23.90
N VAL A 391 -6.28 17.65 -22.81
CA VAL A 391 -6.62 16.24 -22.67
C VAL A 391 -7.65 15.83 -23.71
N LEU A 392 -8.72 16.62 -23.85
CA LEU A 392 -9.77 16.27 -24.80
C LEU A 392 -9.33 16.49 -26.24
N GLY A 393 -8.41 17.42 -26.48
CA GLY A 393 -7.95 17.65 -27.84
C GLY A 393 -7.21 16.47 -28.42
N SER A 394 -6.37 15.81 -27.62
CA SER A 394 -5.64 14.64 -28.07
C SER A 394 -6.50 13.39 -28.16
N LEU A 395 -7.69 13.40 -27.54
CA LEU A 395 -8.55 12.23 -27.54
C LEU A 395 -9.38 12.14 -28.82
N LEU A 396 -9.98 13.26 -29.23
CA LEU A 396 -10.81 13.29 -30.44
C LEU A 396 -10.00 13.80 -31.63
N TYR A 397 -9.02 12.99 -32.03
CA TYR A 397 -8.09 13.34 -33.09
C TYR A 397 -8.15 12.27 -34.17
N LYS A 398 -8.45 12.69 -35.40
CA LYS A 398 -8.81 11.79 -36.51
C LYS A 398 -9.82 10.74 -36.08
N GLU A 399 -10.89 11.20 -35.42
CA GLU A 399 -11.98 10.34 -34.98
C GLU A 399 -13.25 10.77 -35.69
N ASP A 400 -14.02 9.79 -36.15
CA ASP A 400 -15.22 10.09 -36.92
C ASP A 400 -16.28 10.73 -36.04
N LEU A 401 -17.28 11.31 -36.70
CA LEU A 401 -18.37 11.97 -35.99
C LEU A 401 -19.18 11.00 -35.15
N ASP A 402 -19.18 9.72 -35.51
CA ASP A 402 -19.98 8.74 -34.78
C ASP A 402 -19.53 8.60 -33.33
N VAL A 403 -18.24 8.79 -33.06
CA VAL A 403 -17.72 8.64 -31.70
C VAL A 403 -17.84 9.91 -30.88
N TRP A 404 -18.05 11.06 -31.52
CA TRP A 404 -18.06 12.33 -30.80
C TRP A 404 -19.24 12.39 -29.84
N ILE A 405 -20.44 12.02 -30.30
CA ILE A 405 -21.63 12.07 -29.45
C ILE A 405 -21.48 11.11 -28.29
N SER A 406 -20.95 9.92 -28.53
CA SER A 406 -20.68 8.99 -27.44
C SER A 406 -19.71 9.59 -26.43
N THR A 407 -18.73 10.36 -26.91
CA THR A 407 -17.82 11.04 -25.99
C THR A 407 -18.55 12.06 -25.14
N ILE A 408 -19.50 12.79 -25.73
CA ILE A 408 -20.27 13.77 -24.96
C ILE A 408 -21.06 13.07 -23.85
N ASP A 409 -21.71 11.97 -24.20
CA ASP A 409 -22.51 11.24 -23.20
C ASP A 409 -21.62 10.68 -22.10
N ARG A 410 -20.47 10.11 -22.48
CA ARG A 410 -19.54 9.58 -21.48
C ARG A 410 -19.02 10.68 -20.56
N LEU A 411 -18.67 11.84 -21.12
CA LEU A 411 -18.22 12.95 -20.31
C LEU A 411 -19.32 13.45 -19.39
N LYS A 412 -20.57 13.38 -19.83
CA LYS A 412 -21.68 13.75 -18.97
C LYS A 412 -21.78 12.80 -17.77
N ASP A 413 -21.55 11.52 -17.99
CA ASP A 413 -21.69 10.54 -16.91
C ASP A 413 -20.36 10.26 -16.20
N ASN A 414 -19.24 10.25 -16.93
CA ASN A 414 -17.96 9.94 -16.31
C ASN A 414 -17.09 11.19 -16.18
N PRO A 415 -16.33 11.31 -15.10
CA PRO A 415 -15.56 12.54 -14.86
C PRO A 415 -14.24 12.63 -15.63
N GLU A 416 -13.90 11.65 -16.46
CA GLU A 416 -12.65 11.66 -17.23
C GLU A 416 -11.45 11.73 -16.28
N GLY A 417 -11.27 10.62 -15.56
CA GLY A 417 -10.33 10.51 -14.46
C GLY A 417 -8.93 11.05 -14.65
N GLU A 418 -8.45 11.17 -15.88
CA GLU A 418 -7.09 11.64 -16.11
C GLU A 418 -6.89 13.04 -15.53
N ILE A 419 -7.78 13.97 -15.88
CA ILE A 419 -7.72 15.29 -15.28
C ILE A 419 -8.03 15.22 -13.80
N MET A 420 -8.91 14.32 -13.40
CA MET A 420 -9.34 14.23 -12.01
C MET A 420 -8.18 13.87 -11.09
N ALA A 421 -7.18 13.15 -11.60
CA ALA A 421 -6.02 12.83 -10.79
C ALA A 421 -5.19 14.06 -10.48
N THR A 422 -4.97 14.92 -11.48
CA THR A 422 -4.21 16.15 -11.26
C THR A 422 -4.94 17.04 -10.26
N LEU A 423 -6.26 17.14 -10.37
CA LEU A 423 -7.03 17.87 -9.36
C LEU A 423 -6.98 17.16 -8.01
N LYS A 424 -6.97 15.82 -8.01
CA LYS A 424 -6.93 15.06 -6.76
C LYS A 424 -5.66 15.34 -5.97
N ILE A 425 -4.58 15.72 -6.65
CA ILE A 425 -3.33 16.04 -5.96
C ILE A 425 -3.55 17.13 -4.93
N SER A 426 -4.34 18.15 -5.29
CA SER A 426 -4.61 19.26 -4.37
C SER A 426 -5.48 18.81 -3.19
N PHE A 427 -6.30 17.78 -3.37
CA PHE A 427 -7.16 17.33 -2.28
C PHE A 427 -6.37 16.81 -1.09
N ASP A 428 -5.31 16.04 -1.37
CA ASP A 428 -4.46 15.53 -0.31
C ASP A 428 -3.75 16.70 0.37
N GLY A 429 -3.92 16.81 1.69
CA GLY A 429 -3.38 17.92 2.44
C GLY A 429 -4.36 18.47 3.45
N LEU A 430 -5.65 18.41 3.12
CA LEU A 430 -6.68 18.81 4.07
C LEU A 430 -6.67 17.86 5.26
N ARG A 431 -6.72 18.42 6.47
CA ARG A 431 -6.35 17.62 7.64
C ARG A 431 -7.50 16.74 8.14
N ASP A 432 -8.55 17.34 8.67
CA ASP A 432 -9.64 16.51 9.19
C ASP A 432 -11.01 17.00 8.74
N TYR A 433 -11.23 18.32 8.73
CA TYR A 433 -12.54 18.89 8.51
C TYR A 433 -12.69 19.60 7.19
N GLU A 434 -11.58 19.97 6.55
CA GLU A 434 -11.65 20.65 5.27
C GLU A 434 -12.22 19.73 4.19
N LYS A 435 -11.92 18.43 4.27
CA LYS A 435 -12.52 17.47 3.36
C LYS A 435 -14.03 17.41 3.56
N SER A 436 -14.48 17.40 4.81
CA SER A 436 -15.92 17.36 5.07
C SER A 436 -16.60 18.64 4.57
N ILE A 437 -15.97 19.78 4.78
CA ILE A 437 -16.54 21.05 4.30
C ILE A 437 -16.64 21.05 2.78
N PHE A 438 -15.55 20.63 2.11
CA PHE A 438 -15.53 20.61 0.65
C PHE A 438 -16.56 19.63 0.10
N LEU A 439 -16.68 18.46 0.73
CA LEU A 439 -17.65 17.48 0.27
C LEU A 439 -19.08 17.98 0.47
N ASP A 440 -19.34 18.65 1.60
CA ASP A 440 -20.66 19.22 1.84
C ASP A 440 -21.01 20.27 0.78
N ILE A 441 -20.05 21.14 0.47
CA ILE A 441 -20.31 22.21 -0.49
C ILE A 441 -20.53 21.62 -1.88
N ALA A 442 -19.67 20.69 -2.29
CA ALA A 442 -19.77 20.11 -3.63
C ALA A 442 -21.06 19.31 -3.81
N CYS A 443 -21.44 18.53 -2.79
CA CYS A 443 -22.57 17.62 -2.95
C CYS A 443 -23.90 18.38 -3.00
N PHE A 444 -24.12 19.30 -2.05
CA PHE A 444 -25.42 19.94 -1.93
C PHE A 444 -25.37 21.44 -2.21
N PHE A 445 -24.55 22.20 -1.50
CA PHE A 445 -24.64 23.66 -1.49
C PHE A 445 -23.48 24.24 -2.29
N ARG A 446 -23.72 24.55 -3.56
CA ARG A 446 -22.70 25.15 -4.40
C ARG A 446 -22.83 26.66 -4.50
N GLY A 447 -24.04 27.16 -4.75
CA GLY A 447 -24.26 28.58 -4.90
C GLY A 447 -25.20 29.17 -3.86
N TYR A 448 -25.06 28.74 -2.61
CA TYR A 448 -25.93 29.21 -1.53
C TYR A 448 -25.32 30.42 -0.84
N ASN A 449 -26.05 30.94 0.14
CA ASN A 449 -25.59 32.12 0.87
C ASN A 449 -24.45 31.76 1.80
N GLN A 450 -23.50 32.68 1.97
CA GLN A 450 -22.34 32.42 2.81
C GLN A 450 -22.73 32.27 4.27
N ARG A 451 -23.54 33.20 4.79
CA ARG A 451 -23.79 33.25 6.23
C ARG A 451 -24.44 31.97 6.73
N ASP A 452 -25.43 31.45 6.00
CA ASP A 452 -26.04 30.19 6.39
C ASP A 452 -25.04 29.03 6.31
N MET A 453 -24.13 29.07 5.34
CA MET A 453 -23.11 28.04 5.25
C MET A 453 -22.21 28.02 6.48
N THR A 454 -21.74 29.21 6.90
CA THR A 454 -20.90 29.27 8.08
C THR A 454 -21.66 28.86 9.33
N ALA A 455 -22.94 29.24 9.41
CA ALA A 455 -23.76 28.82 10.55
C ALA A 455 -23.88 27.30 10.62
N LEU A 456 -24.13 26.67 9.47
CA LEU A 456 -24.21 25.21 9.43
C LEU A 456 -22.90 24.56 9.83
N PHE A 457 -21.79 25.01 9.24
CA PHE A 457 -20.51 24.37 9.49
C PHE A 457 -20.06 24.57 10.93
N HIS A 458 -20.31 25.75 11.50
CA HIS A 458 -19.98 25.98 12.90
C HIS A 458 -20.82 25.11 13.82
N ALA A 459 -22.12 24.98 13.51
CA ALA A 459 -22.99 24.18 14.37
C ALA A 459 -22.78 22.69 14.22
N SER A 460 -22.12 22.24 13.14
CA SER A 460 -21.96 20.82 12.87
C SER A 460 -20.64 20.27 13.40
N GLY A 461 -19.83 21.07 14.08
CA GLY A 461 -18.57 20.64 14.62
C GLY A 461 -17.35 21.06 13.83
N PHE A 462 -17.53 21.50 12.59
CA PHE A 462 -16.43 21.99 11.79
C PHE A 462 -16.05 23.40 12.26
N HIS A 463 -15.00 23.96 11.66
CA HIS A 463 -14.49 25.28 12.01
C HIS A 463 -14.48 26.16 10.77
N PRO A 464 -15.57 26.88 10.50
CA PRO A 464 -15.64 27.69 9.27
C PRO A 464 -14.57 28.76 9.21
N VAL A 465 -14.18 29.34 10.35
CA VAL A 465 -13.19 30.40 10.35
C VAL A 465 -11.87 29.91 9.77
N LEU A 466 -11.51 28.67 10.07
CA LEU A 466 -10.32 28.07 9.48
C LEU A 466 -10.61 27.40 8.14
N GLY A 467 -11.64 26.57 8.07
CA GLY A 467 -11.87 25.76 6.90
C GLY A 467 -12.18 26.58 5.66
N VAL A 468 -13.10 27.55 5.78
CA VAL A 468 -13.46 28.34 4.62
C VAL A 468 -12.28 29.20 4.16
N LYS A 469 -11.54 29.77 5.11
CA LYS A 469 -10.42 30.62 4.75
C LYS A 469 -9.34 29.82 4.01
N THR A 470 -9.02 28.62 4.48
CA THR A 470 -7.97 27.85 3.84
C THR A 470 -8.43 27.22 2.53
N LEU A 471 -9.70 26.85 2.42
CA LEU A 471 -10.21 26.34 1.16
C LEU A 471 -10.16 27.41 0.07
N VAL A 472 -10.56 28.64 0.41
CA VAL A 472 -10.37 29.76 -0.51
C VAL A 472 -8.88 29.98 -0.75
N GLU A 473 -8.07 29.76 0.28
CA GLU A 473 -6.63 29.98 0.16
C GLU A 473 -6.00 29.04 -0.86
N LYS A 474 -6.42 27.78 -0.87
CA LYS A 474 -5.87 26.78 -1.77
C LYS A 474 -6.54 26.77 -3.14
N SER A 475 -7.32 27.80 -3.46
CA SER A 475 -7.98 27.94 -4.75
C SER A 475 -8.84 26.73 -5.09
N LEU A 476 -9.53 26.19 -4.09
CA LEU A 476 -10.55 25.18 -4.36
C LEU A 476 -11.91 25.81 -4.57
N ILE A 477 -12.22 26.86 -3.82
CA ILE A 477 -13.47 27.60 -3.95
C ILE A 477 -13.14 29.10 -3.98
N PHE A 478 -14.06 29.88 -4.54
CA PHE A 478 -13.94 31.32 -4.56
C PHE A 478 -15.27 31.94 -4.19
N ILE A 479 -15.22 33.16 -3.69
CA ILE A 479 -16.41 33.88 -3.22
C ILE A 479 -16.80 34.91 -4.27
N LEU A 480 -18.05 34.84 -4.71
CA LEU A 480 -18.56 35.77 -5.73
C LEU A 480 -19.96 36.20 -5.32
N GLU A 481 -20.11 37.48 -4.98
CA GLU A 481 -21.40 38.05 -4.58
C GLU A 481 -22.00 37.29 -3.40
N ASP A 482 -21.18 37.08 -2.37
CA ASP A 482 -21.58 36.42 -1.12
C ASP A 482 -22.04 34.99 -1.40
N LYS A 483 -21.47 34.35 -2.42
CA LYS A 483 -21.73 32.96 -2.74
C LYS A 483 -20.44 32.16 -2.68
N ILE A 484 -20.57 30.84 -2.77
CA ILE A 484 -19.43 29.93 -2.63
C ILE A 484 -19.31 29.11 -3.91
N GLN A 485 -19.61 29.73 -5.05
CA GLN A 485 -19.50 29.05 -6.33
C GLN A 485 -18.07 28.54 -6.55
N MET A 486 -17.96 27.33 -7.08
CA MET A 486 -16.69 26.72 -7.44
C MET A 486 -16.63 26.49 -8.94
N HIS A 487 -15.53 25.90 -9.39
CA HIS A 487 -15.41 25.50 -10.78
C HIS A 487 -16.27 24.28 -11.06
N ASP A 488 -16.68 24.12 -12.33
CA ASP A 488 -17.54 23.01 -12.70
C ASP A 488 -16.84 21.67 -12.51
N LEU A 489 -15.57 21.58 -12.89
CA LEU A 489 -14.87 20.30 -12.81
C LEU A 489 -14.54 19.91 -11.36
N MET A 490 -14.32 20.90 -10.50
CA MET A 490 -14.08 20.59 -9.09
C MET A 490 -15.32 19.98 -8.44
N GLN A 491 -16.51 20.40 -8.87
CA GLN A 491 -17.74 19.78 -8.38
C GLN A 491 -17.81 18.31 -8.76
N GLU A 492 -17.43 17.98 -10.01
CA GLU A 492 -17.40 16.59 -10.43
C GLU A 492 -16.36 15.81 -9.64
N MET A 493 -15.23 16.45 -9.32
CA MET A 493 -14.23 15.83 -8.46
C MET A 493 -14.82 15.44 -7.11
N GLY A 494 -15.47 16.39 -6.45
CA GLY A 494 -16.06 16.10 -5.14
C GLY A 494 -17.14 15.04 -5.22
N ARG A 495 -17.98 15.10 -6.26
CA ARG A 495 -19.04 14.11 -6.41
C ARG A 495 -18.47 12.72 -6.60
N GLN A 496 -17.44 12.58 -7.43
CA GLN A 496 -16.83 11.27 -7.66
C GLN A 496 -16.19 10.74 -6.38
N ILE A 497 -15.50 11.59 -5.63
CA ILE A 497 -14.88 11.16 -4.38
C ILE A 497 -15.94 10.69 -3.40
N ALA A 498 -17.06 11.42 -3.31
CA ALA A 498 -18.15 11.00 -2.43
C ALA A 498 -18.73 9.66 -2.87
N VAL A 499 -18.79 9.42 -4.18
CA VAL A 499 -19.35 8.16 -4.67
C VAL A 499 -18.46 6.98 -4.28
N GLN A 500 -17.15 7.10 -4.49
CA GLN A 500 -16.22 6.02 -4.15
C GLN A 500 -16.00 5.99 -2.64
N GLU A 501 -16.93 5.33 -1.95
CA GLU A 501 -16.85 5.21 -0.49
C GLU A 501 -17.74 4.05 -0.08
N SER A 502 -17.17 3.05 0.61
CA SER A 502 -17.96 1.88 0.99
C SER A 502 -19.14 2.22 1.91
N PRO A 503 -19.02 3.11 2.92
CA PRO A 503 -20.24 3.57 3.60
C PRO A 503 -20.82 4.78 2.88
N MET A 504 -22.07 4.69 2.46
CA MET A 504 -22.68 5.76 1.67
C MET A 504 -23.01 6.92 2.60
N ARG A 505 -22.06 7.85 2.71
CA ARG A 505 -22.23 9.02 3.58
C ARG A 505 -22.88 10.19 2.88
N ARG A 506 -23.10 10.12 1.56
CA ARG A 506 -23.66 11.24 0.82
C ARG A 506 -24.54 10.67 -0.29
N ILE A 507 -25.85 10.67 -0.08
CA ILE A 507 -26.80 10.16 -1.06
C ILE A 507 -27.48 11.33 -1.72
N TYR A 508 -27.20 11.52 -3.01
CA TYR A 508 -27.86 12.56 -3.80
C TYR A 508 -28.38 11.97 -5.10
N ARG A 509 -27.71 10.93 -5.61
CA ARG A 509 -28.11 10.28 -6.85
C ARG A 509 -29.30 9.35 -6.61
N PRO A 510 -30.15 9.14 -7.62
CA PRO A 510 -31.35 8.34 -7.39
C PRO A 510 -31.08 6.86 -7.14
N GLU A 511 -30.10 6.28 -7.84
CA GLU A 511 -29.84 4.85 -7.66
C GLU A 511 -29.20 4.56 -6.31
N ASP A 512 -28.45 5.53 -5.76
CA ASP A 512 -27.89 5.35 -4.43
C ASP A 512 -28.99 5.26 -3.38
N VAL A 513 -30.12 5.94 -3.61
CA VAL A 513 -31.26 5.81 -2.73
C VAL A 513 -31.75 4.37 -2.71
N LYS A 514 -31.81 3.73 -3.89
CA LYS A 514 -32.18 2.32 -3.93
C LYS A 514 -31.19 1.46 -3.15
N ASP A 515 -29.90 1.72 -3.33
CA ASP A 515 -28.89 0.94 -2.61
C ASP A 515 -28.94 1.16 -1.11
N ALA A 516 -29.52 2.28 -0.66
CA ALA A 516 -29.59 2.59 0.76
C ALA A 516 -30.77 1.93 1.46
N CYS A 517 -31.60 1.18 0.74
CA CYS A 517 -32.77 0.53 1.32
C CYS A 517 -32.46 -0.89 1.79
N ILE A 518 -31.20 -1.30 1.77
CA ILE A 518 -30.84 -2.64 2.24
C ILE A 518 -31.17 -2.79 3.72
N GLY A 519 -30.76 -1.80 4.51
CA GLY A 519 -31.09 -1.78 5.93
C GLY A 519 -29.99 -2.33 6.80
N ASP A 520 -29.95 -1.82 8.03
CA ASP A 520 -28.99 -2.21 9.08
C ASP A 520 -27.51 -1.96 8.76
N MET A 521 -27.21 -1.53 7.54
CA MET A 521 -25.84 -1.24 7.15
C MET A 521 -25.64 0.23 6.78
N ARG A 522 -26.45 0.75 5.86
CA ARG A 522 -26.23 2.09 5.33
C ARG A 522 -26.88 3.16 6.18
N LYS A 523 -27.79 2.80 7.09
CA LYS A 523 -28.50 3.80 7.88
C LYS A 523 -27.58 4.47 8.90
N GLU A 524 -26.66 3.69 9.49
CA GLU A 524 -25.82 4.21 10.57
C GLU A 524 -24.80 5.24 10.09
N ALA A 525 -24.61 5.39 8.79
CA ALA A 525 -23.64 6.35 8.26
C ALA A 525 -24.24 7.12 7.08
N ILE A 526 -25.51 7.48 7.20
CA ILE A 526 -26.17 8.20 6.10
C ILE A 526 -25.62 9.62 5.98
N GLU A 527 -25.44 10.31 7.11
CA GLU A 527 -24.85 11.65 7.18
C GLU A 527 -25.31 12.56 6.03
N GLY A 528 -26.63 12.63 5.87
CA GLY A 528 -27.17 13.51 4.84
C GLY A 528 -28.09 12.80 3.86
N LEU A 529 -28.89 13.58 3.13
CA LEU A 529 -29.82 13.01 2.16
C LEU A 529 -30.24 14.10 1.19
N LEU A 530 -30.71 13.66 0.02
CA LEU A 530 -31.24 14.59 -0.99
C LEU A 530 -32.25 13.80 -1.83
N LEU A 531 -33.53 13.96 -1.52
CA LEU A 531 -34.58 13.30 -2.28
C LEU A 531 -34.78 14.00 -3.61
N THR A 532 -35.05 13.22 -4.65
CA THR A 532 -35.13 13.74 -6.01
C THR A 532 -36.47 13.39 -6.66
N GLU A 533 -36.57 13.60 -7.97
CA GLU A 533 -37.84 13.38 -8.66
C GLU A 533 -38.25 11.91 -8.55
N PRO A 534 -39.54 11.64 -8.35
CA PRO A 534 -40.00 10.26 -8.15
C PRO A 534 -40.28 9.47 -9.42
N GLU A 535 -40.19 10.06 -10.61
CA GLU A 535 -40.39 9.28 -11.83
C GLU A 535 -39.11 8.58 -12.25
N GLN A 536 -38.46 7.92 -11.29
CA GLN A 536 -37.33 7.04 -11.55
C GLN A 536 -37.37 5.75 -10.74
N PHE A 537 -38.23 5.66 -9.73
CA PHE A 537 -38.32 4.50 -8.85
C PHE A 537 -39.42 3.53 -9.27
N GLU A 538 -40.64 4.05 -9.48
CA GLU A 538 -41.80 3.31 -9.98
C GLU A 538 -42.20 2.14 -9.07
N GLU A 539 -41.69 2.09 -7.85
CA GLU A 539 -42.08 1.03 -6.92
C GLU A 539 -42.28 1.52 -5.49
N GLY A 540 -42.12 2.80 -5.21
CA GLY A 540 -42.34 3.32 -3.88
C GLY A 540 -41.14 3.32 -2.96
N GLU A 541 -39.92 3.25 -3.49
CA GLU A 541 -38.74 3.34 -2.64
C GLU A 541 -38.64 4.70 -1.97
N LEU A 542 -39.05 5.76 -2.67
CA LEU A 542 -38.95 7.11 -2.12
C LEU A 542 -39.79 7.27 -0.87
N GLU A 543 -41.01 6.71 -0.88
CA GLU A 543 -41.89 6.84 0.28
C GLU A 543 -41.35 6.05 1.47
N TYR A 544 -40.70 4.92 1.22
CA TYR A 544 -40.13 4.14 2.32
C TYR A 544 -38.94 4.85 2.96
N MET A 545 -38.16 5.57 2.16
CA MET A 545 -36.93 6.18 2.67
C MET A 545 -37.23 7.20 3.77
N TYR A 546 -38.27 8.00 3.59
CA TYR A 546 -38.64 9.01 4.58
C TYR A 546 -39.76 8.52 5.50
N SER A 547 -40.09 7.23 5.46
CA SER A 547 -41.09 6.67 6.36
C SER A 547 -40.62 6.73 7.81
N ALA A 548 -41.56 6.47 8.72
CA ALA A 548 -41.27 6.61 10.14
C ALA A 548 -40.24 5.59 10.61
N GLU A 549 -40.44 4.30 10.29
CA GLU A 549 -39.57 3.26 10.83
C GLU A 549 -38.19 3.28 10.18
N ALA A 550 -38.08 3.80 8.95
CA ALA A 550 -36.77 3.86 8.30
C ALA A 550 -35.86 4.87 8.99
N LEU A 551 -36.42 5.98 9.45
CA LEU A 551 -35.63 7.06 10.04
C LEU A 551 -35.17 6.73 11.46
N LYS A 552 -35.74 5.71 12.11
CA LYS A 552 -35.28 5.35 13.44
C LYS A 552 -33.98 4.56 13.41
N LYS A 553 -33.62 4.00 12.27
CA LYS A 553 -32.38 3.24 12.16
C LYS A 553 -31.15 4.13 11.97
N THR A 554 -31.34 5.40 11.65
CA THR A 554 -30.24 6.35 11.50
C THR A 554 -30.16 7.24 12.73
N ARG A 555 -28.95 7.48 13.20
CA ARG A 555 -28.72 8.29 14.38
C ARG A 555 -27.89 9.54 14.13
N ARG A 556 -27.10 9.58 13.07
CA ARG A 556 -26.34 10.76 12.69
C ARG A 556 -26.92 11.29 11.38
N LEU A 557 -27.53 12.48 11.44
CA LEU A 557 -28.18 13.07 10.29
C LEU A 557 -28.17 14.59 10.45
N ARG A 558 -27.57 15.29 9.49
CA ARG A 558 -27.45 16.74 9.54
C ARG A 558 -28.22 17.45 8.44
N ILE A 559 -28.16 16.96 7.22
CA ILE A 559 -28.76 17.61 6.07
C ILE A 559 -29.82 16.69 5.47
N LEU A 560 -31.02 17.22 5.27
CA LEU A 560 -32.10 16.47 4.64
C LEU A 560 -32.88 17.43 3.75
N VAL A 561 -32.91 17.14 2.45
CA VAL A 561 -33.56 18.00 1.46
C VAL A 561 -34.55 17.17 0.67
N LYS A 562 -35.77 17.68 0.52
CA LYS A 562 -36.82 17.02 -0.26
C LYS A 562 -37.40 18.06 -1.20
N GLU A 563 -37.02 18.00 -2.48
CA GLU A 563 -37.38 19.01 -3.47
C GLU A 563 -38.05 18.35 -4.68
N TYR A 564 -39.36 18.16 -4.58
CA TYR A 564 -40.18 17.74 -5.72
C TYR A 564 -41.64 17.97 -5.34
N TYR A 565 -42.42 18.51 -6.27
CA TYR A 565 -43.79 18.85 -5.96
C TYR A 565 -44.63 17.61 -5.71
N ASN A 566 -45.56 17.73 -4.77
CA ASN A 566 -46.36 16.59 -4.34
C ASN A 566 -47.37 16.24 -5.42
N ARG A 567 -47.30 15.01 -5.94
CA ARG A 567 -48.23 14.57 -6.96
C ARG A 567 -49.62 14.28 -6.39
N GLY A 568 -49.68 13.87 -5.13
CA GLY A 568 -50.93 13.43 -4.53
C GLY A 568 -50.84 11.99 -4.08
N PHE A 569 -49.61 11.52 -3.92
CA PHE A 569 -49.31 10.14 -3.55
C PHE A 569 -48.25 10.10 -2.45
N ASP A 570 -48.39 10.98 -1.46
CA ASP A 570 -47.44 11.09 -0.36
C ASP A 570 -48.08 10.61 0.93
N GLU A 571 -47.26 10.48 1.97
CA GLU A 571 -47.71 9.99 3.26
C GLU A 571 -47.22 10.91 4.37
N PRO A 572 -47.96 10.98 5.48
CA PRO A 572 -47.52 11.81 6.60
C PRO A 572 -46.25 11.27 7.25
N VAL A 573 -45.48 12.19 7.82
CA VAL A 573 -44.21 11.87 8.47
C VAL A 573 -44.42 11.85 9.98
N ALA A 574 -43.67 10.97 10.65
CA ALA A 574 -43.86 10.76 12.08
C ALA A 574 -42.61 11.07 12.90
N TYR A 575 -41.45 10.51 12.55
CA TYR A 575 -40.30 10.58 13.45
C TYR A 575 -39.65 11.97 13.42
N LEU A 576 -39.07 12.34 12.26
CA LEU A 576 -38.25 13.55 12.18
C LEU A 576 -37.18 13.54 13.27
N PRO A 577 -36.10 12.76 13.09
CA PRO A 577 -35.19 12.47 14.21
C PRO A 577 -34.61 13.73 14.84
N ASN A 578 -34.11 13.56 16.06
CA ASN A 578 -33.66 14.68 16.87
C ASN A 578 -32.18 14.98 16.67
N SER A 579 -31.75 15.11 15.41
CA SER A 579 -30.37 15.46 15.12
C SER A 579 -30.18 16.39 13.94
N LEU A 580 -31.26 16.83 13.28
CA LEU A 580 -31.10 17.59 12.05
C LEU A 580 -30.56 18.98 12.31
N LEU A 581 -29.84 19.50 11.31
CA LEU A 581 -29.35 20.87 11.31
C LEU A 581 -29.87 21.69 10.14
N TRP A 582 -30.29 21.06 9.06
CA TRP A 582 -30.80 21.72 7.87
C TRP A 582 -32.04 20.99 7.38
N LEU A 583 -33.13 21.72 7.21
CA LEU A 583 -34.41 21.14 6.81
C LEU A 583 -34.94 21.86 5.58
N GLU A 584 -35.36 21.09 4.59
CA GLU A 584 -36.00 21.62 3.40
C GLU A 584 -37.04 20.63 2.93
N TRP A 585 -38.30 21.03 2.95
CA TRP A 585 -39.40 20.15 2.58
C TRP A 585 -40.35 20.88 1.63
N ARG A 586 -40.83 20.15 0.64
CA ARG A 586 -41.87 20.64 -0.26
C ARG A 586 -43.23 20.51 0.42
N ASN A 587 -44.30 20.58 -0.37
CA ASN A 587 -45.67 20.48 0.12
C ASN A 587 -45.80 19.43 1.23
N TYR A 588 -46.36 19.86 2.35
CA TYR A 588 -46.43 19.06 3.56
C TYR A 588 -47.79 18.40 3.68
N SER A 589 -47.80 17.07 3.76
CA SER A 589 -49.05 16.33 3.89
C SER A 589 -49.59 16.41 5.32
N SER A 590 -48.72 16.38 6.30
CA SER A 590 -49.14 16.37 7.70
C SER A 590 -49.70 17.73 8.10
N ASN A 591 -50.51 17.72 9.15
CA ASN A 591 -51.12 18.96 9.64
C ASN A 591 -50.09 19.88 10.30
N SER A 592 -49.23 19.32 11.13
CA SER A 592 -48.24 20.10 11.87
C SER A 592 -47.09 19.19 12.26
N PHE A 593 -46.08 19.78 12.88
CA PHE A 593 -44.92 19.03 13.31
C PHE A 593 -45.29 18.04 14.41
N PRO A 594 -44.60 16.89 14.47
CA PRO A 594 -44.87 15.93 15.54
C PRO A 594 -44.48 16.50 16.90
N SER A 595 -45.22 16.06 17.93
CA SER A 595 -44.97 16.55 19.28
C SER A 595 -43.69 15.99 19.89
N ASN A 596 -43.07 14.99 19.26
CA ASN A 596 -41.84 14.41 19.76
C ASN A 596 -40.60 15.08 19.16
N PHE A 597 -40.77 16.21 18.48
CA PHE A 597 -39.66 16.88 17.83
C PHE A 597 -39.09 17.96 18.74
N GLU A 598 -37.77 17.94 18.89
CA GLU A 598 -36.98 19.00 19.48
C GLU A 598 -36.12 19.64 18.40
N PRO A 599 -35.95 20.97 18.41
CA PRO A 599 -35.13 21.59 17.36
C PRO A 599 -33.73 21.00 17.25
N SER A 600 -33.12 20.66 18.37
CA SER A 600 -31.80 20.03 18.40
C SER A 600 -30.78 20.85 17.61
N LYS A 601 -30.52 22.04 18.14
CA LYS A 601 -29.59 23.02 17.57
C LYS A 601 -29.77 23.16 16.05
N LEU A 602 -31.02 23.35 15.64
CA LEU A 602 -31.34 23.58 14.24
C LEU A 602 -30.72 24.89 13.77
N VAL A 603 -30.54 25.00 12.45
CA VAL A 603 -29.92 26.16 11.83
C VAL A 603 -30.81 26.77 10.76
N TYR A 604 -31.27 25.96 9.81
CA TYR A 604 -32.00 26.43 8.64
C TYR A 604 -33.27 25.60 8.51
N LEU A 605 -34.40 26.28 8.30
CA LEU A 605 -35.68 25.61 8.13
C LEU A 605 -36.60 26.51 7.32
N THR A 606 -36.84 26.13 6.07
CA THR A 606 -37.85 26.78 5.23
C THR A 606 -38.79 25.73 4.68
N MET A 607 -40.08 26.04 4.68
CA MET A 607 -41.13 25.09 4.31
C MET A 607 -41.97 25.73 3.22
N LYS A 608 -41.89 25.17 2.00
CA LYS A 608 -42.68 25.67 0.89
C LYS A 608 -44.08 25.08 0.85
N GLY A 609 -44.40 24.19 1.79
CA GLY A 609 -45.72 23.59 1.81
C GLY A 609 -46.80 24.59 2.14
N SER A 610 -47.98 24.37 1.57
CA SER A 610 -49.13 25.25 1.74
C SER A 610 -50.13 24.72 2.76
N SER A 611 -49.84 23.61 3.42
CA SER A 611 -50.76 23.00 4.39
C SER A 611 -50.04 22.88 5.73
N ILE A 612 -50.09 23.96 6.52
CA ILE A 612 -49.55 23.99 7.86
C ILE A 612 -50.45 24.87 8.74
N ILE A 613 -51.02 24.29 9.79
CA ILE A 613 -51.88 25.06 10.67
C ILE A 613 -51.05 25.90 11.63
N GLU A 614 -50.22 25.23 12.44
CA GLU A 614 -49.31 25.90 13.35
C GLU A 614 -47.98 25.16 13.38
N LEU A 615 -46.90 25.90 13.58
CA LEU A 615 -45.58 25.29 13.64
C LEU A 615 -45.41 24.41 14.87
N TRP A 616 -45.80 24.93 16.04
CA TRP A 616 -45.70 24.16 17.28
C TRP A 616 -46.81 24.62 18.23
N ASN A 617 -47.11 23.75 19.20
CA ASN A 617 -48.15 24.08 20.17
C ASN A 617 -47.68 25.14 21.17
N GLY A 618 -46.41 25.12 21.54
CA GLY A 618 -45.88 26.06 22.50
C GLY A 618 -44.75 26.90 21.95
N ALA A 619 -43.78 27.23 22.80
CA ALA A 619 -42.62 28.04 22.41
C ALA A 619 -41.37 27.32 22.89
N LYS A 620 -40.68 26.65 21.97
CA LYS A 620 -39.50 25.88 22.32
C LYS A 620 -38.26 26.78 22.29
N ARG A 621 -37.09 26.18 22.39
CA ARG A 621 -35.86 26.94 22.62
C ARG A 621 -35.45 27.71 21.36
N LEU A 622 -35.16 26.99 20.28
CA LEU A 622 -34.67 27.60 19.04
C LEU A 622 -33.41 28.43 19.32
N ALA A 623 -32.39 27.74 19.83
CA ALA A 623 -31.15 28.39 20.22
C ALA A 623 -30.44 29.01 19.03
N PHE A 624 -30.41 28.31 17.90
CA PHE A 624 -29.75 28.79 16.70
C PHE A 624 -30.72 28.81 15.52
N LEU A 625 -30.54 29.81 14.65
CA LEU A 625 -31.36 29.96 13.45
C LEU A 625 -30.56 30.62 12.34
N ASP B 189 16.93 32.09 16.41
CA ASP B 189 18.32 32.50 16.54
C ASP B 189 19.01 31.74 17.66
N LEU B 190 18.68 30.45 17.77
CA LEU B 190 19.25 29.55 18.78
C LEU B 190 19.12 30.14 20.18
N VAL B 191 17.88 30.17 20.65
CA VAL B 191 17.57 30.68 21.98
C VAL B 191 17.82 29.58 23.01
N GLY B 192 18.48 29.93 24.10
CA GLY B 192 18.73 28.99 25.17
C GLY B 192 19.77 27.94 24.87
N ILE B 193 20.50 28.07 23.77
CA ILE B 193 21.46 27.06 23.37
C ILE B 193 22.81 27.24 24.05
N GLU B 194 23.22 28.48 24.31
CA GLU B 194 24.55 28.75 24.86
C GLU B 194 24.80 27.99 26.16
N SER B 195 23.75 27.75 26.94
CA SER B 195 23.88 26.96 28.16
C SER B 195 24.19 25.49 27.88
N GLN B 196 24.08 25.03 26.64
CA GLN B 196 24.31 23.63 26.31
C GLN B 196 25.71 23.34 25.81
N ILE B 197 26.38 24.29 25.14
CA ILE B 197 27.73 24.04 24.66
C ILE B 197 28.65 23.74 25.82
N LYS B 198 28.47 24.43 26.95
CA LYS B 198 29.28 24.15 28.13
C LYS B 198 29.06 22.72 28.61
N LYS B 199 27.81 22.26 28.64
CA LYS B 199 27.52 20.91 29.12
C LYS B 199 28.13 19.86 28.20
N LEU B 200 27.97 20.02 26.88
CA LEU B 200 28.57 19.07 25.94
C LEU B 200 30.09 19.11 26.01
N SER B 201 30.67 20.31 26.10
CA SER B 201 32.13 20.43 26.12
C SER B 201 32.72 19.76 27.35
N SER B 202 32.03 19.90 28.48
CA SER B 202 32.47 19.31 29.72
C SER B 202 32.52 17.79 29.68
N LEU B 203 31.58 17.16 28.97
CA LEU B 203 31.59 15.70 28.91
C LEU B 203 32.82 15.11 28.21
N LEU B 204 33.18 15.65 27.05
CA LEU B 204 34.36 15.16 26.33
C LEU B 204 35.64 15.50 27.07
N ARG B 205 35.66 16.75 27.55
CA ARG B 205 36.67 17.51 28.33
C ARG B 205 37.72 18.20 27.45
N MET B 206 37.87 17.70 26.22
CA MET B 206 38.76 18.21 25.17
C MET B 206 40.29 18.14 25.42
N ASP B 207 40.70 17.41 26.46
CA ASP B 207 42.12 17.30 26.77
C ASP B 207 42.59 15.85 26.90
N LEU B 208 41.66 14.92 26.80
CA LEU B 208 41.99 13.51 26.92
C LEU B 208 42.56 12.94 25.63
N LYS B 209 43.24 11.80 25.74
CA LYS B 209 43.83 11.14 24.58
C LYS B 209 43.03 9.91 24.17
N GLY B 210 43.07 9.60 22.89
CA GLY B 210 42.37 8.45 22.36
C GLY B 210 41.08 8.84 21.66
N VAL B 211 40.07 7.99 21.74
CA VAL B 211 38.76 8.27 21.16
C VAL B 211 37.69 8.09 22.24
N ARG B 212 36.72 9.00 22.26
CA ARG B 212 35.61 8.95 23.19
C ARG B 212 34.31 9.07 22.42
N LEU B 213 33.33 8.24 22.80
CA LEU B 213 32.02 8.25 22.16
C LEU B 213 31.00 8.85 23.11
N VAL B 214 30.27 9.86 22.63
CA VAL B 214 29.23 10.54 23.40
C VAL B 214 27.90 10.40 22.67
N GLY B 215 26.87 10.02 23.41
CA GLY B 215 25.55 9.82 22.84
C GLY B 215 24.54 10.83 23.34
N ILE B 216 23.93 11.58 22.43
CA ILE B 216 22.91 12.56 22.76
C ILE B 216 21.55 11.89 22.57
N TRP B 217 20.80 11.77 23.66
CA TRP B 217 19.51 11.08 23.66
C TRP B 217 18.42 12.09 23.98
N GLY B 218 17.40 12.15 23.13
CA GLY B 218 16.35 13.13 23.29
C GLY B 218 14.96 12.54 23.40
N MET B 219 13.96 13.26 22.89
CA MET B 219 12.56 12.86 23.00
C MET B 219 11.86 12.70 21.66
N GLY B 220 12.47 13.10 20.55
CA GLY B 220 11.79 13.04 19.28
C GLY B 220 11.12 14.35 18.91
N GLY B 221 11.89 15.42 18.88
CA GLY B 221 11.37 16.74 18.57
C GLY B 221 12.05 17.84 19.37
N VAL B 222 12.59 17.48 20.54
CA VAL B 222 13.40 18.43 21.29
C VAL B 222 14.71 18.68 20.54
N GLY B 223 15.33 19.81 20.84
CA GLY B 223 16.54 20.19 20.12
C GLY B 223 17.67 19.21 20.30
N LYS B 224 17.96 18.44 19.26
CA LYS B 224 19.05 17.47 19.25
C LYS B 224 20.04 17.77 18.14
N THR B 225 19.56 17.85 16.90
CA THR B 225 20.42 18.16 15.77
C THR B 225 21.00 19.57 15.89
N THR B 226 20.20 20.52 16.37
CA THR B 226 20.69 21.88 16.52
C THR B 226 21.81 21.95 17.55
N ALA B 227 21.70 21.20 18.65
CA ALA B 227 22.77 21.15 19.63
C ALA B 227 24.03 20.52 19.04
N ALA B 228 23.87 19.43 18.28
CA ALA B 228 25.03 18.82 17.64
C ALA B 228 25.66 19.76 16.64
N ARG B 229 24.84 20.51 15.90
CA ARG B 229 25.37 21.48 14.95
C ARG B 229 26.12 22.61 15.64
N ALA B 230 25.61 23.07 16.80
CA ALA B 230 26.31 24.11 17.53
C ALA B 230 27.68 23.65 18.00
N LEU B 231 27.77 22.44 18.56
CA LEU B 231 29.06 21.89 18.95
C LEU B 231 29.99 21.75 17.75
N PHE B 232 29.45 21.26 16.63
CA PHE B 232 30.26 21.11 15.43
C PHE B 232 30.80 22.47 14.98
N ASN B 233 29.92 23.46 14.87
CA ASN B 233 30.35 24.77 14.38
C ASN B 233 31.33 25.45 15.33
N ARG B 234 31.37 25.04 16.60
CA ARG B 234 32.29 25.68 17.52
C ARG B 234 33.66 24.99 17.54
N TYR B 235 33.70 23.66 17.44
CA TYR B 235 34.95 22.92 17.58
C TYR B 235 35.44 22.26 16.29
N TYR B 236 34.90 22.65 15.13
CA TYR B 236 35.31 21.95 13.91
C TYR B 236 36.70 22.36 13.43
N GLN B 237 37.27 23.45 13.94
CA GLN B 237 38.59 23.91 13.50
C GLN B 237 39.74 23.21 14.23
N ASN B 238 39.47 22.52 15.33
CA ASN B 238 40.53 21.90 16.10
C ASN B 238 41.09 20.64 15.44
N PHE B 239 40.33 20.00 14.56
CA PHE B 239 40.70 18.72 13.99
C PHE B 239 41.10 18.87 12.53
N GLU B 240 41.82 17.86 12.03
CA GLU B 240 42.27 17.90 10.64
C GLU B 240 41.08 17.88 9.67
N SER B 241 40.10 17.03 9.94
CA SER B 241 38.92 16.90 9.08
C SER B 241 37.71 16.61 9.95
N ALA B 242 36.53 16.94 9.43
CA ALA B 242 35.30 16.73 10.16
C ALA B 242 34.16 16.51 9.17
N CYS B 243 33.10 15.85 9.64
CA CYS B 243 31.96 15.54 8.80
C CYS B 243 30.70 15.55 9.65
N PHE B 244 29.56 15.77 8.98
CA PHE B 244 28.28 15.89 9.65
C PHE B 244 27.19 15.36 8.71
N LEU B 245 26.30 14.54 9.25
CA LEU B 245 25.20 13.97 8.49
C LEU B 245 23.87 14.32 9.14
N GLU B 246 22.80 14.32 8.34
CA GLU B 246 21.44 14.48 8.84
C GLU B 246 20.60 13.30 8.40
N ASP B 247 19.82 12.76 9.34
CA ASP B 247 18.74 11.81 9.05
C ASP B 247 19.24 10.64 8.20
N VAL B 248 20.11 9.84 8.82
CA VAL B 248 20.61 8.65 8.15
C VAL B 248 19.47 7.72 7.76
N LYS B 249 18.37 7.75 8.52
CA LYS B 249 17.20 6.96 8.18
C LYS B 249 16.69 7.29 6.78
N GLU B 250 16.47 8.58 6.51
CA GLU B 250 16.03 8.98 5.17
C GLU B 250 17.09 8.67 4.12
N TYR B 251 18.36 8.80 4.48
CA TYR B 251 19.42 8.56 3.51
C TYR B 251 19.39 7.11 3.01
N LEU B 252 19.14 6.16 3.91
CA LEU B 252 18.98 4.78 3.47
C LEU B 252 17.62 4.52 2.83
N GLN B 253 16.62 5.36 3.12
CA GLN B 253 15.37 5.26 2.37
C GLN B 253 15.52 5.70 0.92
N HIS B 254 16.56 6.46 0.60
CA HIS B 254 16.83 6.86 -0.77
C HIS B 254 18.07 6.22 -1.37
N HIS B 255 19.05 5.85 -0.54
CA HIS B 255 20.29 5.26 -1.04
C HIS B 255 20.58 3.94 -0.34
N THR B 256 21.78 3.40 -0.56
CA THR B 256 22.21 2.15 0.04
C THR B 256 23.26 2.44 1.10
N LEU B 257 23.34 1.55 2.09
CA LEU B 257 24.28 1.76 3.20
C LEU B 257 25.72 1.83 2.69
N LEU B 258 26.05 1.03 1.68
CA LEU B 258 27.39 1.07 1.11
C LEU B 258 27.70 2.45 0.55
N TYR B 259 26.74 3.06 -0.15
CA TYR B 259 26.95 4.40 -0.69
C TYR B 259 27.16 5.43 0.43
N LEU B 260 26.39 5.30 1.52
CA LEU B 260 26.50 6.25 2.62
C LEU B 260 27.92 6.27 3.18
N GLN B 261 28.47 5.10 3.51
CA GLN B 261 29.83 5.06 4.03
C GLN B 261 30.86 5.39 2.95
N LYS B 262 30.49 5.25 1.68
CA LYS B 262 31.39 5.72 0.62
C LYS B 262 31.55 7.23 0.66
N THR B 263 30.45 7.96 0.90
CA THR B 263 30.56 9.42 0.97
C THR B 263 31.32 9.87 2.21
N LEU B 264 31.20 9.13 3.33
CA LEU B 264 31.85 9.54 4.57
C LEU B 264 33.37 9.57 4.40
N LEU B 265 33.94 8.55 3.75
CA LEU B 265 35.38 8.56 3.51
C LEU B 265 35.77 9.69 2.57
N SER B 266 34.97 9.93 1.53
CA SER B 266 35.26 11.00 0.58
C SER B 266 35.03 12.39 1.15
N LYS B 267 34.40 12.48 2.33
CA LYS B 267 34.22 13.78 2.99
C LYS B 267 35.40 14.12 3.90
N LEU B 268 35.89 13.13 4.65
CA LEU B 268 37.05 13.37 5.50
C LEU B 268 38.29 13.73 4.68
N LEU B 269 38.45 13.03 3.56
CA LEU B 269 39.56 13.29 2.65
C LEU B 269 38.99 13.92 1.39
N LYS B 270 39.86 14.52 0.59
CA LYS B 270 39.43 15.19 -0.65
C LYS B 270 39.43 14.27 -1.87
N VAL B 271 39.80 13.01 -1.67
CA VAL B 271 39.85 12.03 -2.75
C VAL B 271 38.46 11.68 -3.29
N GLU B 272 38.40 11.18 -4.52
CA GLU B 272 37.14 10.80 -5.16
C GLU B 272 36.70 9.43 -4.64
N PHE B 273 35.45 9.07 -4.97
CA PHE B 273 34.90 7.79 -4.55
C PHE B 273 35.77 6.63 -5.02
N VAL B 274 36.03 5.69 -4.12
CA VAL B 274 36.81 4.50 -4.42
C VAL B 274 35.86 3.33 -4.62
N ASP B 275 36.08 2.57 -5.68
CA ASP B 275 35.15 1.48 -5.99
C ASP B 275 35.31 0.31 -5.03
N CYS B 276 34.18 -0.16 -4.50
CA CYS B 276 34.13 -1.31 -3.62
C CYS B 276 32.70 -1.83 -3.64
N THR B 277 32.51 -3.02 -4.20
CA THR B 277 31.19 -3.62 -4.27
C THR B 277 30.87 -4.46 -3.04
N ASP B 278 31.79 -4.57 -2.08
CA ASP B 278 31.58 -5.30 -0.84
C ASP B 278 31.77 -4.35 0.33
N THR B 279 30.84 -4.38 1.28
CA THR B 279 30.92 -3.47 2.41
C THR B 279 32.15 -3.73 3.27
N GLU B 280 32.51 -5.00 3.45
CA GLU B 280 33.60 -5.35 4.36
C GLU B 280 34.94 -4.80 3.88
N GLU B 281 35.19 -4.85 2.56
CA GLU B 281 36.40 -4.20 2.05
C GLU B 281 36.41 -2.73 2.39
N MET B 282 35.25 -2.08 2.37
CA MET B 282 35.20 -0.66 2.70
C MET B 282 35.50 -0.42 4.18
N CYS B 283 34.98 -1.28 5.06
CA CYS B 283 35.31 -1.14 6.48
C CYS B 283 36.80 -1.31 6.72
N VAL B 284 37.42 -2.30 6.08
CA VAL B 284 38.87 -2.48 6.20
C VAL B 284 39.60 -1.28 5.61
N ILE B 285 39.06 -0.70 4.54
CA ILE B 285 39.70 0.47 3.93
C ILE B 285 39.68 1.65 4.88
N LEU B 286 38.55 1.90 5.55
CA LEU B 286 38.51 2.97 6.53
C LEU B 286 39.54 2.76 7.63
N LYS B 287 39.61 1.52 8.15
CA LYS B 287 40.59 1.20 9.17
C LYS B 287 42.02 1.41 8.68
N ARG B 288 42.30 1.00 7.44
CA ARG B 288 43.66 1.06 6.92
C ARG B 288 44.08 2.47 6.54
N ARG B 289 43.13 3.31 6.10
CA ARG B 289 43.48 4.62 5.55
C ARG B 289 43.44 5.73 6.60
N LEU B 290 42.35 5.85 7.35
CA LEU B 290 42.16 7.00 8.22
C LEU B 290 42.48 6.71 9.68
N CYS B 291 43.16 5.60 9.97
CA CYS B 291 43.51 5.29 11.35
C CYS B 291 44.46 6.34 11.94
N SER B 292 45.44 6.77 11.16
CA SER B 292 46.45 7.70 11.65
C SER B 292 46.06 9.16 11.42
N LYS B 293 44.85 9.52 11.84
CA LYS B 293 44.36 10.89 11.74
C LYS B 293 43.34 11.12 12.84
N LYS B 294 43.15 12.38 13.20
CA LYS B 294 42.18 12.78 14.20
C LYS B 294 41.04 13.51 13.51
N VAL B 295 39.81 13.01 13.71
CA VAL B 295 38.64 13.52 13.01
C VAL B 295 37.49 13.65 13.99
N LEU B 296 36.49 14.43 13.60
CA LEU B 296 35.24 14.55 14.34
C LEU B 296 34.12 14.12 13.41
N VAL B 297 33.30 13.17 13.87
CA VAL B 297 32.23 12.61 13.06
C VAL B 297 30.95 12.63 13.88
N VAL B 298 29.86 13.12 13.27
CA VAL B 298 28.57 13.24 13.92
C VAL B 298 27.55 12.39 13.15
N LEU B 299 26.83 11.55 13.89
CA LEU B 299 25.70 10.81 13.35
C LEU B 299 24.41 11.42 13.89
N ASP B 300 23.44 11.62 13.01
CA ASP B 300 22.24 12.37 13.36
C ASP B 300 21.09 11.50 13.86
N ASP B 301 20.78 10.42 13.15
CA ASP B 301 19.65 9.58 13.53
C ASP B 301 19.93 8.15 13.12
N VAL B 302 19.99 7.26 14.10
CA VAL B 302 20.20 5.84 13.86
C VAL B 302 19.12 5.05 14.59
N ASN B 303 18.81 3.86 14.07
CA ASN B 303 17.78 3.02 14.66
C ASN B 303 18.19 1.57 14.83
N HIS B 304 19.24 1.10 14.14
CA HIS B 304 19.66 -0.29 14.24
C HIS B 304 21.18 -0.32 14.36
N ASN B 305 21.68 -1.38 14.99
CA ASN B 305 23.08 -1.40 15.40
C ASN B 305 24.04 -1.62 14.23
N ASP B 306 23.59 -2.29 13.16
CA ASP B 306 24.49 -2.51 12.03
C ASP B 306 24.91 -1.20 11.39
N GLN B 307 24.09 -0.15 11.53
CA GLN B 307 24.50 1.17 11.06
C GLN B 307 25.78 1.62 11.75
N LEU B 308 25.79 1.55 13.09
CA LEU B 308 26.98 1.94 13.85
C LEU B 308 28.14 1.01 13.56
N ASP B 309 27.87 -0.31 13.47
CA ASP B 309 28.94 -1.25 13.22
C ASP B 309 29.62 -1.00 11.88
N LYS B 310 28.83 -0.69 10.85
CA LYS B 310 29.40 -0.47 9.53
C LYS B 310 30.07 0.89 9.39
N LEU B 311 29.62 1.89 10.16
CA LEU B 311 30.11 3.25 10.00
C LEU B 311 31.19 3.61 11.02
N VAL B 312 30.87 3.51 12.31
CA VAL B 312 31.73 4.09 13.34
C VAL B 312 31.99 3.08 14.45
N GLY B 313 31.56 1.84 14.26
CA GLY B 313 31.65 0.89 15.36
C GLY B 313 33.00 0.22 15.46
N ALA B 314 33.86 0.81 16.29
CA ALA B 314 35.21 0.33 16.57
C ALA B 314 35.85 1.23 17.61
N GLU B 315 37.10 0.93 17.98
CA GLU B 315 37.85 1.79 18.88
C GLU B 315 39.13 2.33 18.28
N ASP B 316 39.82 1.55 17.45
CA ASP B 316 41.09 1.97 16.86
C ASP B 316 40.97 2.38 15.40
N TRP B 317 39.75 2.55 14.89
CA TRP B 317 39.59 3.06 13.54
C TRP B 317 40.04 4.51 13.41
N PHE B 318 40.05 5.26 14.50
CA PHE B 318 40.39 6.66 14.51
C PHE B 318 41.60 6.91 15.38
N GLY B 319 42.37 7.94 15.05
CA GLY B 319 43.58 8.26 15.77
C GLY B 319 43.29 8.98 17.08
N SER B 320 44.37 9.32 17.77
CA SER B 320 44.27 10.01 19.05
C SER B 320 43.67 11.40 18.86
N GLY B 321 42.78 11.78 19.78
CA GLY B 321 42.11 13.06 19.73
C GLY B 321 40.79 13.07 18.98
N SER B 322 40.41 11.95 18.36
CA SER B 322 39.17 11.90 17.63
C SER B 322 37.97 11.91 18.58
N ARG B 323 36.88 12.52 18.13
CA ARG B 323 35.64 12.60 18.89
C ARG B 323 34.50 12.06 18.05
N ILE B 324 33.64 11.24 18.67
CA ILE B 324 32.48 10.67 18.00
C ILE B 324 31.23 11.12 18.73
N VAL B 325 30.30 11.71 17.99
CA VAL B 325 29.03 12.18 18.53
C VAL B 325 27.92 11.42 17.80
N ILE B 326 27.07 10.75 18.55
CA ILE B 326 25.98 9.98 17.97
C ILE B 326 24.66 10.43 18.57
N THR B 327 23.78 10.96 17.74
CA THR B 327 22.47 11.44 18.16
C THR B 327 21.45 10.34 17.87
N THR B 328 20.63 10.01 18.88
CA THR B 328 19.63 8.97 18.70
C THR B 328 18.48 9.18 19.67
N ARG B 329 17.31 8.64 19.29
CA ARG B 329 16.11 8.76 20.11
C ARG B 329 16.08 7.81 21.30
N ASP B 330 16.92 6.78 21.34
CA ASP B 330 16.94 5.87 22.48
C ASP B 330 18.37 5.46 22.83
N MET B 331 18.65 5.41 24.14
CA MET B 331 20.00 5.11 24.60
C MET B 331 20.36 3.63 24.45
N LYS B 332 19.39 2.77 24.10
CA LYS B 332 19.66 1.34 24.02
C LYS B 332 20.76 1.04 23.00
N LEU B 333 20.69 1.68 21.83
CA LEU B 333 21.74 1.50 20.84
C LEU B 333 23.09 1.96 21.36
N LEU B 334 23.09 3.04 22.15
CA LEU B 334 24.33 3.50 22.79
C LEU B 334 24.84 2.47 23.80
N LYS B 335 23.94 1.83 24.54
CA LYS B 335 24.35 0.89 25.57
C LYS B 335 25.12 -0.28 24.98
N ASN B 336 24.67 -0.80 23.82
CA ASN B 336 25.37 -1.89 23.18
C ASN B 336 26.78 -1.48 22.76
N HIS B 337 26.99 -0.20 22.51
CA HIS B 337 28.32 0.33 22.24
C HIS B 337 28.98 0.78 23.54
N ASP B 338 30.27 1.11 23.44
CA ASP B 338 31.04 1.54 24.61
C ASP B 338 31.03 3.06 24.78
N VAL B 339 29.83 3.64 24.76
CA VAL B 339 29.69 5.08 24.93
C VAL B 339 30.10 5.47 26.34
N HIS B 340 31.02 6.41 26.44
CA HIS B 340 31.48 6.80 27.75
C HIS B 340 30.46 7.64 28.50
N GLU B 341 29.89 8.63 27.82
CA GLU B 341 28.97 9.56 28.46
C GLU B 341 27.73 9.73 27.61
N THR B 342 26.64 10.10 28.25
CA THR B 342 25.37 10.37 27.57
C THR B 342 24.74 11.62 28.16
N TYR B 343 23.96 12.31 27.34
CA TYR B 343 23.27 13.53 27.75
C TYR B 343 21.83 13.45 27.28
N GLU B 344 20.89 13.67 28.20
CA GLU B 344 19.48 13.69 27.89
C GLU B 344 19.02 15.14 27.88
N ILE B 345 18.36 15.54 26.79
CA ILE B 345 17.96 16.92 26.57
C ILE B 345 16.46 17.04 26.87
N LYS B 346 16.11 17.94 27.77
CA LYS B 346 14.73 18.12 28.21
C LYS B 346 14.07 19.25 27.42
N VAL B 347 12.77 19.43 27.66
CA VAL B 347 11.97 20.43 26.96
C VAL B 347 12.36 21.82 27.44
N LEU B 348 11.94 22.84 26.71
CA LEU B 348 12.25 24.22 27.06
C LEU B 348 11.40 24.68 28.24
N GLU B 349 11.83 25.77 28.87
CA GLU B 349 11.12 26.32 30.01
C GLU B 349 10.12 27.38 29.55
N LYS B 350 9.42 27.98 30.52
CA LYS B 350 8.36 28.94 30.20
C LYS B 350 8.92 30.15 29.47
N ASP B 351 9.98 30.76 30.03
CA ASP B 351 10.56 31.95 29.41
C ASP B 351 11.12 31.63 28.03
N GLU B 352 11.83 30.50 27.90
CA GLU B 352 12.44 30.15 26.62
C GLU B 352 11.39 29.82 25.57
N ALA B 353 10.32 29.12 25.98
CA ALA B 353 9.24 28.82 25.04
C ALA B 353 8.57 30.10 24.54
N ILE B 354 8.32 31.04 25.46
CA ILE B 354 7.70 32.30 25.06
C ILE B 354 8.61 33.06 24.10
N GLU B 355 9.91 33.10 24.40
CA GLU B 355 10.84 33.83 23.55
C GLU B 355 10.90 33.21 22.14
N LEU B 356 10.96 31.88 22.06
CA LEU B 356 11.04 31.24 20.75
C LEU B 356 9.76 31.44 19.95
N PHE B 357 8.60 31.29 20.59
CA PHE B 357 7.34 31.49 19.88
C PHE B 357 7.22 32.94 19.41
N ASN B 358 7.61 33.90 20.26
CA ASN B 358 7.56 35.29 19.85
C ASN B 358 8.48 35.56 18.68
N LEU B 359 9.65 34.90 18.66
CA LEU B 359 10.57 35.05 17.54
C LEU B 359 9.95 34.53 16.25
N HIS B 360 9.28 33.38 16.32
CA HIS B 360 8.72 32.79 15.10
C HIS B 360 7.50 33.56 14.62
N ALA B 361 6.59 33.92 15.53
CA ALA B 361 5.36 34.60 15.12
C ALA B 361 5.64 36.04 14.73
N PHE B 362 6.50 36.74 15.48
CA PHE B 362 6.85 38.13 15.22
C PHE B 362 8.37 38.23 15.20
N LYS B 363 8.98 37.98 14.05
CA LYS B 363 10.44 37.97 13.97
C LYS B 363 11.04 39.35 14.21
N ARG B 364 10.41 40.40 13.67
CA ARG B 364 10.85 41.77 13.91
C ARG B 364 9.95 42.52 14.88
N SER B 365 8.64 42.46 14.69
CA SER B 365 7.72 43.29 15.46
C SER B 365 7.45 42.67 16.83
N SER B 366 6.51 43.26 17.57
CA SER B 366 6.11 42.83 18.89
C SER B 366 4.59 42.74 18.96
N PRO B 367 4.05 41.89 19.82
CA PRO B 367 2.59 41.80 19.96
C PRO B 367 1.96 43.14 20.33
N GLU B 368 0.78 43.40 19.78
CA GLU B 368 0.13 44.69 19.95
C GLU B 368 -0.63 44.78 21.26
N LYS B 369 0.05 44.48 22.38
CA LYS B 369 -0.51 44.58 23.74
C LYS B 369 -1.91 43.97 23.86
N GLU B 370 -2.21 42.93 23.07
CA GLU B 370 -3.47 42.21 23.24
C GLU B 370 -3.34 40.70 23.04
N PHE B 371 -2.12 40.17 22.87
CA PHE B 371 -1.94 38.75 22.62
C PHE B 371 -1.36 37.99 23.81
N LYS B 372 -1.18 38.65 24.96
CA LYS B 372 -0.51 38.01 26.10
C LYS B 372 -1.31 36.84 26.64
N GLU B 373 -2.62 36.99 26.79
CA GLU B 373 -3.45 35.88 27.25
C GLU B 373 -3.41 34.72 26.25
N LEU B 374 -3.53 35.05 24.96
CA LEU B 374 -3.43 34.02 23.93
C LEU B 374 -2.03 33.39 23.90
N LEU B 375 -1.01 34.21 24.13
CA LEU B 375 0.36 33.69 24.19
C LEU B 375 0.50 32.66 25.30
N ASN B 376 -0.02 32.96 26.48
CA ASN B 376 0.06 32.03 27.60
C ASN B 376 -0.69 30.74 27.30
N LEU B 377 -1.89 30.85 26.74
CA LEU B 377 -2.68 29.64 26.45
C LEU B 377 -1.98 28.76 25.42
N VAL B 378 -1.44 29.36 24.35
CA VAL B 378 -0.80 28.57 23.31
C VAL B 378 0.44 27.88 23.85
N VAL B 379 1.29 28.62 24.56
CA VAL B 379 2.53 28.04 25.07
C VAL B 379 2.23 26.97 26.10
N ASP B 380 1.21 27.17 26.93
CA ASP B 380 0.82 26.15 27.91
C ASP B 380 0.32 24.90 27.21
N TYR B 381 -0.32 25.05 26.05
CA TYR B 381 -0.82 23.88 25.33
C TYR B 381 0.33 22.96 24.92
N THR B 382 1.44 23.54 24.43
CA THR B 382 2.58 22.73 23.99
C THR B 382 3.38 22.21 25.18
N GLY B 383 3.86 23.13 26.02
CA GLY B 383 4.68 22.75 27.15
C GLY B 383 6.06 22.26 26.71
N GLY B 384 6.87 23.18 26.19
CA GLY B 384 8.16 22.79 25.66
C GLY B 384 8.03 22.27 24.23
N LEU B 385 8.92 21.34 23.88
CA LEU B 385 8.94 20.72 22.56
C LEU B 385 9.01 21.80 21.48
N PRO B 386 10.18 22.41 21.26
CA PRO B 386 10.27 23.55 20.34
C PRO B 386 9.74 23.26 18.94
N LEU B 387 9.61 22.00 18.54
CA LEU B 387 9.03 21.70 17.23
C LEU B 387 7.58 22.18 17.16
N ALA B 388 6.81 21.98 18.23
CA ALA B 388 5.44 22.46 18.26
C ALA B 388 5.39 23.98 18.19
N LEU B 389 6.32 24.64 18.87
CA LEU B 389 6.39 26.11 18.80
C LEU B 389 6.70 26.58 17.40
N LYS B 390 7.60 25.88 16.70
CA LYS B 390 7.90 26.24 15.31
C LYS B 390 6.69 26.05 14.41
N VAL B 391 5.95 24.95 14.60
CA VAL B 391 4.79 24.69 13.75
C VAL B 391 3.70 25.73 13.98
N LEU B 392 3.39 26.02 15.24
CA LEU B 392 2.34 26.99 15.53
C LEU B 392 2.78 28.42 15.24
N GLY B 393 4.09 28.70 15.32
CA GLY B 393 4.56 30.05 15.04
C GLY B 393 4.34 30.46 13.60
N SER B 394 4.59 29.54 12.67
CA SER B 394 4.37 29.81 11.25
C SER B 394 2.91 29.81 10.85
N LEU B 395 2.03 29.27 11.69
CA LEU B 395 0.61 29.20 11.34
C LEU B 395 -0.11 30.51 11.66
N LEU B 396 0.14 31.07 12.84
CA LEU B 396 -0.50 32.32 13.25
C LEU B 396 0.41 33.51 12.95
N TYR B 397 0.63 33.76 11.67
CA TYR B 397 1.55 34.80 11.22
C TYR B 397 0.78 35.76 10.31
N LYS B 398 0.79 37.05 10.66
CA LYS B 398 -0.09 38.07 10.08
C LYS B 398 -1.53 37.57 9.98
N GLU B 399 -2.03 37.04 11.09
CA GLU B 399 -3.40 36.58 11.19
C GLU B 399 -4.12 37.40 12.25
N ASP B 400 -5.35 37.80 11.94
CA ASP B 400 -6.10 38.67 12.84
C ASP B 400 -6.48 37.93 14.11
N LEU B 401 -6.89 38.71 15.12
CA LEU B 401 -7.28 38.15 16.40
C LEU B 401 -8.51 37.25 16.28
N ASP B 402 -9.34 37.47 15.27
CA ASP B 402 -10.56 36.68 15.13
C ASP B 402 -10.27 35.20 14.91
N VAL B 403 -9.15 34.88 14.27
CA VAL B 403 -8.82 33.49 13.98
C VAL B 403 -8.07 32.82 15.12
N TRP B 404 -7.50 33.59 16.04
CA TRP B 404 -6.70 33.01 17.11
C TRP B 404 -7.53 32.14 18.04
N ILE B 405 -8.70 32.64 18.46
CA ILE B 405 -9.56 31.88 19.36
C ILE B 405 -10.03 30.60 18.69
N SER B 406 -10.39 30.68 17.40
CA SER B 406 -10.76 29.47 16.67
C SER B 406 -9.61 28.49 16.63
N THR B 407 -8.37 28.98 16.53
CA THR B 407 -7.22 28.10 16.57
C THR B 407 -7.10 27.40 17.92
N ILE B 408 -7.37 28.13 19.00
CA ILE B 408 -7.31 27.51 20.34
C ILE B 408 -8.34 26.39 20.46
N ASP B 409 -9.56 26.64 19.99
CA ASP B 409 -10.61 25.63 20.07
C ASP B 409 -10.26 24.42 19.20
N ARG B 410 -9.75 24.66 17.99
CA ARG B 410 -9.36 23.55 17.12
C ARG B 410 -8.24 22.74 17.75
N LEU B 411 -7.24 23.41 18.32
CA LEU B 411 -6.15 22.69 18.97
C LEU B 411 -6.65 21.89 20.16
N LYS B 412 -7.67 22.40 20.86
CA LYS B 412 -8.27 21.65 21.97
C LYS B 412 -8.91 20.36 21.45
N ASP B 413 -9.58 20.43 20.30
CA ASP B 413 -10.27 19.26 19.78
C ASP B 413 -9.42 18.45 18.81
N ASN B 414 -8.59 19.10 17.99
CA ASN B 414 -7.80 18.37 17.02
C ASN B 414 -6.32 18.33 17.43
N PRO B 415 -5.63 17.22 17.16
CA PRO B 415 -4.25 17.08 17.63
C PRO B 415 -3.20 17.77 16.76
N GLU B 416 -3.59 18.47 15.70
CA GLU B 416 -2.64 19.15 14.81
C GLU B 416 -1.66 18.14 14.22
N GLY B 417 -2.21 17.30 13.35
CA GLY B 417 -1.54 16.14 12.78
C GLY B 417 -0.12 16.29 12.29
N GLU B 418 0.29 17.51 11.92
CA GLU B 418 1.63 17.70 11.37
C GLU B 418 2.70 17.27 12.38
N ILE B 419 2.61 17.77 13.61
CA ILE B 419 3.52 17.32 14.66
C ILE B 419 3.28 15.85 14.98
N MET B 420 2.02 15.42 14.90
CA MET B 420 1.68 14.05 15.29
C MET B 420 2.34 13.04 14.39
N ALA B 421 2.64 13.40 13.14
CA ALA B 421 3.35 12.48 12.24
C ALA B 421 4.79 12.27 12.69
N THR B 422 5.48 13.35 13.07
CA THR B 422 6.84 13.21 13.56
C THR B 422 6.89 12.37 14.82
N LEU B 423 5.94 12.57 15.73
CA LEU B 423 5.85 11.69 16.89
C LEU B 423 5.46 10.27 16.49
N LYS B 424 4.62 10.11 15.47
CA LYS B 424 4.19 8.79 15.03
C LYS B 424 5.36 7.96 14.52
N ILE B 425 6.41 8.61 14.03
CA ILE B 425 7.58 7.88 13.56
C ILE B 425 8.15 7.00 14.67
N SER B 426 8.19 7.51 15.89
CA SER B 426 8.71 6.74 17.01
C SER B 426 7.80 5.57 17.38
N PHE B 427 6.49 5.68 17.10
CA PHE B 427 5.57 4.62 17.46
C PHE B 427 5.88 3.34 16.68
N ASP B 428 6.18 3.46 15.39
CA ASP B 428 6.54 2.29 14.59
C ASP B 428 7.85 1.70 15.10
N GLY B 429 7.82 0.42 15.47
CA GLY B 429 8.96 -0.24 16.05
C GLY B 429 8.59 -1.12 17.22
N LEU B 430 7.56 -0.71 17.97
CA LEU B 430 7.05 -1.55 19.04
C LEU B 430 6.47 -2.84 18.46
N ARG B 431 6.82 -3.97 19.06
CA ARG B 431 6.62 -5.24 18.37
C ARG B 431 5.18 -5.77 18.49
N ASP B 432 4.77 -6.16 19.68
CA ASP B 432 3.44 -6.71 19.82
C ASP B 432 2.69 -6.12 21.01
N TYR B 433 3.36 -5.95 22.15
CA TYR B 433 2.71 -5.60 23.40
C TYR B 433 3.03 -4.19 23.87
N GLU B 434 4.10 -3.60 23.36
CA GLU B 434 4.44 -2.23 23.76
C GLU B 434 3.39 -1.25 23.30
N LYS B 435 2.79 -1.48 22.13
CA LYS B 435 1.69 -0.64 21.68
C LYS B 435 0.50 -0.75 22.62
N SER B 436 0.18 -1.97 23.06
CA SER B 436 -0.94 -2.14 23.98
C SER B 436 -0.66 -1.47 25.32
N ILE B 437 0.57 -1.59 25.81
CA ILE B 437 0.93 -0.95 27.07
C ILE B 437 0.82 0.57 26.95
N PHE B 438 1.37 1.12 25.85
CA PHE B 438 1.33 2.56 25.65
C PHE B 438 -0.10 3.06 25.50
N LEU B 439 -0.92 2.34 24.76
CA LEU B 439 -2.32 2.74 24.58
C LEU B 439 -3.08 2.68 25.91
N ASP B 440 -2.82 1.65 26.71
CA ASP B 440 -3.46 1.56 28.02
C ASP B 440 -3.07 2.73 28.91
N ILE B 441 -1.79 3.08 28.92
CA ILE B 441 -1.33 4.17 29.78
C ILE B 441 -1.91 5.50 29.29
N ALA B 442 -1.85 5.75 27.99
CA ALA B 442 -2.34 7.02 27.45
C ALA B 442 -3.84 7.18 27.65
N CYS B 443 -4.61 6.11 27.42
CA CYS B 443 -6.07 6.23 27.45
C CYS B 443 -6.60 6.45 28.86
N PHE B 444 -6.14 5.63 29.82
CA PHE B 444 -6.73 5.66 31.16
C PHE B 444 -5.74 6.10 32.22
N PHE B 445 -4.60 5.43 32.36
CA PHE B 445 -3.74 5.58 33.53
C PHE B 445 -2.50 6.37 33.13
N ARG B 446 -2.51 7.67 33.36
CA ARG B 446 -1.36 8.51 33.06
C ARG B 446 -0.50 8.80 34.28
N GLY B 447 -1.11 9.17 35.40
CA GLY B 447 -0.37 9.48 36.60
C GLY B 447 -0.69 8.58 37.77
N TYR B 448 -0.83 7.28 37.51
CA TYR B 448 -1.16 6.32 38.55
C TYR B 448 0.10 5.73 39.16
N ASN B 449 -0.10 4.85 40.15
CA ASN B 449 1.02 4.23 40.84
C ASN B 449 1.68 3.20 39.95
N GLN B 450 3.01 3.08 40.07
CA GLN B 450 3.76 2.14 39.23
C GLN B 450 3.40 0.69 39.55
N ARG B 451 3.38 0.34 40.83
CA ARG B 451 3.27 -1.07 41.21
C ARG B 451 1.95 -1.67 40.72
N ASP B 452 0.85 -0.94 40.86
CA ASP B 452 -0.42 -1.44 40.35
C ASP B 452 -0.40 -1.54 38.82
N MET B 453 0.31 -0.63 38.15
CA MET B 453 0.41 -0.71 36.69
C MET B 453 1.12 -1.99 36.26
N THR B 454 2.25 -2.30 36.91
CA THR B 454 2.97 -3.52 36.57
C THR B 454 2.15 -4.77 36.91
N ALA B 455 1.41 -4.72 38.01
CA ALA B 455 0.55 -5.85 38.36
C ALA B 455 -0.52 -6.07 37.29
N LEU B 456 -1.15 -4.99 36.82
CA LEU B 456 -2.15 -5.10 35.78
C LEU B 456 -1.54 -5.66 34.49
N PHE B 457 -0.43 -5.08 34.05
CA PHE B 457 0.15 -5.48 32.77
C PHE B 457 0.66 -6.92 32.82
N HIS B 458 1.25 -7.34 33.95
CA HIS B 458 1.68 -8.72 34.07
C HIS B 458 0.49 -9.67 34.07
N ALA B 459 -0.59 -9.31 34.75
CA ALA B 459 -1.75 -10.19 34.83
C ALA B 459 -2.56 -10.21 33.53
N SER B 460 -2.36 -9.24 32.65
CA SER B 460 -3.15 -9.14 31.43
C SER B 460 -2.49 -9.80 30.23
N GLY B 461 -1.33 -10.43 30.40
CA GLY B 461 -0.63 -11.10 29.33
C GLY B 461 0.55 -10.34 28.78
N PHE B 462 0.66 -9.05 29.08
CA PHE B 462 1.81 -8.27 28.64
C PHE B 462 3.01 -8.61 29.53
N HIS B 463 4.16 -8.01 29.20
CA HIS B 463 5.41 -8.25 29.93
C HIS B 463 5.95 -6.92 30.43
N PRO B 464 5.56 -6.51 31.65
CA PRO B 464 6.01 -5.20 32.15
C PRO B 464 7.52 -5.07 32.27
N VAL B 465 8.21 -6.16 32.60
CA VAL B 465 9.66 -6.11 32.78
C VAL B 465 10.33 -5.68 31.48
N LEU B 466 9.82 -6.12 30.35
CA LEU B 466 10.33 -5.69 29.05
C LEU B 466 9.65 -4.40 28.58
N GLY B 467 8.33 -4.38 28.60
CA GLY B 467 7.61 -3.27 27.98
C GLY B 467 7.86 -1.94 28.64
N VAL B 468 7.78 -1.90 29.97
CA VAL B 468 7.99 -0.64 30.68
C VAL B 468 9.42 -0.17 30.51
N LYS B 469 10.39 -1.08 30.60
CA LYS B 469 11.79 -0.69 30.47
C LYS B 469 12.08 -0.12 29.10
N THR B 470 11.56 -0.75 28.04
CA THR B 470 11.86 -0.25 26.69
C THR B 470 11.06 1.01 26.35
N LEU B 471 9.85 1.15 26.88
CA LEU B 471 9.10 2.38 26.65
C LEU B 471 9.80 3.57 27.30
N VAL B 472 10.29 3.39 28.53
CA VAL B 472 11.13 4.41 29.14
C VAL B 472 12.41 4.59 28.33
N GLU B 473 12.92 3.50 27.77
CA GLU B 473 14.16 3.55 27.00
C GLU B 473 14.01 4.42 25.77
N LYS B 474 12.89 4.33 25.07
CA LYS B 474 12.64 5.07 23.84
C LYS B 474 12.09 6.46 24.10
N SER B 475 12.15 6.94 25.34
CA SER B 475 11.69 8.29 25.71
C SER B 475 10.25 8.55 25.30
N LEU B 476 9.40 7.53 25.45
CA LEU B 476 7.96 7.75 25.31
C LEU B 476 7.32 8.11 26.64
N ILE B 477 7.78 7.49 27.73
CA ILE B 477 7.30 7.78 29.07
C ILE B 477 8.51 7.96 29.98
N PHE B 478 8.28 8.65 31.09
CA PHE B 478 9.31 8.82 32.11
C PHE B 478 8.69 8.61 33.48
N ILE B 479 9.53 8.25 34.44
CA ILE B 479 9.08 7.93 35.79
C ILE B 479 9.43 9.09 36.70
N LEU B 480 8.42 9.62 37.40
CA LEU B 480 8.59 10.75 38.30
C LEU B 480 7.81 10.47 39.58
N GLU B 481 8.52 10.29 40.68
CA GLU B 481 7.91 10.03 41.99
C GLU B 481 6.99 8.81 41.94
N ASP B 482 7.51 7.72 41.38
CA ASP B 482 6.81 6.44 41.29
C ASP B 482 5.53 6.58 40.47
N LYS B 483 5.54 7.49 39.49
CA LYS B 483 4.42 7.67 38.57
C LYS B 483 4.92 7.45 37.15
N ILE B 484 3.96 7.40 36.21
CA ILE B 484 4.25 7.10 34.81
C ILE B 484 3.79 8.26 33.95
N GLN B 485 3.93 9.49 34.47
CA GLN B 485 3.55 10.67 33.72
C GLN B 485 4.30 10.75 32.41
N MET B 486 3.59 11.13 31.35
CA MET B 486 4.17 11.35 30.02
C MET B 486 4.03 12.80 29.63
N HIS B 487 4.49 13.12 28.42
CA HIS B 487 4.29 14.44 27.87
C HIS B 487 2.83 14.64 27.47
N ASP B 488 2.40 15.90 27.44
CA ASP B 488 1.01 16.20 27.11
C ASP B 488 0.68 15.82 25.67
N LEU B 489 1.59 16.11 24.74
CA LEU B 489 1.31 15.85 23.33
C LEU B 489 1.35 14.35 23.01
N MET B 490 2.18 13.59 23.71
CA MET B 490 2.19 12.14 23.51
C MET B 490 0.87 11.51 23.92
N GLN B 491 0.21 12.06 24.94
CA GLN B 491 -1.10 11.57 25.32
C GLN B 491 -2.12 11.80 24.20
N GLU B 492 -2.07 12.97 23.57
CA GLU B 492 -2.94 13.23 22.43
C GLU B 492 -2.63 12.29 21.26
N MET B 493 -1.35 11.99 21.07
CA MET B 493 -0.96 11.00 20.06
C MET B 493 -1.64 9.66 20.32
N GLY B 494 -1.51 9.15 21.54
CA GLY B 494 -2.11 7.86 21.85
C GLY B 494 -3.62 7.88 21.73
N ARG B 495 -4.25 8.97 22.19
CA ARG B 495 -5.70 9.07 22.10
C ARG B 495 -6.17 9.08 20.65
N GLN B 496 -5.48 9.83 19.79
CA GLN B 496 -5.86 9.86 18.38
C GLN B 496 -5.69 8.50 17.72
N ILE B 497 -4.58 7.81 18.01
CA ILE B 497 -4.36 6.49 17.44
C ILE B 497 -5.44 5.52 17.89
N ALA B 498 -5.84 5.59 19.16
CA ALA B 498 -6.92 4.73 19.65
C ALA B 498 -8.23 5.05 18.96
N VAL B 499 -8.47 6.33 18.64
CA VAL B 499 -9.72 6.71 17.99
C VAL B 499 -9.78 6.14 16.58
N GLN B 500 -8.70 6.27 15.81
CA GLN B 500 -8.68 5.77 14.43
C GLN B 500 -8.49 4.26 14.46
N GLU B 501 -9.61 3.55 14.62
CA GLU B 501 -9.60 2.09 14.67
C GLU B 501 -11.01 1.61 14.42
N SER B 502 -11.20 0.79 13.37
CA SER B 502 -12.54 0.32 13.04
C SER B 502 -13.20 -0.47 14.17
N PRO B 503 -12.52 -1.39 14.88
CA PRO B 503 -13.14 -1.94 16.09
C PRO B 503 -12.83 -1.07 17.30
N MET B 504 -13.85 -0.58 17.98
CA MET B 504 -13.65 0.36 19.08
C MET B 504 -13.14 -0.42 20.29
N ARG B 505 -11.81 -0.49 20.40
CA ARG B 505 -11.17 -1.20 21.50
C ARG B 505 -10.93 -0.34 22.73
N ARG B 506 -11.18 0.98 22.64
CA ARG B 506 -10.90 1.87 23.76
C ARG B 506 -11.98 2.96 23.75
N ILE B 507 -12.97 2.83 24.61
CA ILE B 507 -14.05 3.79 24.72
C ILE B 507 -13.83 4.63 25.96
N TYR B 508 -13.53 5.92 25.77
CA TYR B 508 -13.38 6.86 26.88
C TYR B 508 -14.20 8.11 26.60
N ARG B 509 -14.36 8.46 25.33
CA ARG B 509 -15.12 9.63 24.94
C ARG B 509 -16.62 9.37 25.02
N PRO B 510 -17.43 10.41 25.28
CA PRO B 510 -18.87 10.16 25.47
C PRO B 510 -19.60 9.74 24.21
N GLU B 511 -19.24 10.31 23.05
CA GLU B 511 -19.95 9.95 21.83
C GLU B 511 -19.61 8.54 21.36
N ASP B 512 -18.41 8.06 21.68
CA ASP B 512 -18.06 6.68 21.36
C ASP B 512 -18.92 5.70 22.12
N VAL B 513 -19.36 6.07 23.32
CA VAL B 513 -20.30 5.24 24.06
C VAL B 513 -21.61 5.11 23.30
N LYS B 514 -22.09 6.19 22.70
CA LYS B 514 -23.29 6.12 21.86
C LYS B 514 -23.06 5.19 20.68
N ASP B 515 -21.90 5.30 20.02
CA ASP B 515 -21.62 4.45 18.86
C ASP B 515 -21.47 2.99 19.26
N ALA B 516 -21.18 2.70 20.53
CA ALA B 516 -21.01 1.33 20.98
C ALA B 516 -22.31 0.64 21.34
N CYS B 517 -23.45 1.32 21.21
CA CYS B 517 -24.75 0.75 21.52
C CYS B 517 -25.42 0.10 20.31
N ILE B 518 -24.72 0.00 19.18
CA ILE B 518 -25.29 -0.63 18.00
C ILE B 518 -25.59 -2.10 18.28
N GLY B 519 -24.63 -2.81 18.86
CA GLY B 519 -24.85 -4.18 19.27
C GLY B 519 -24.32 -5.17 18.25
N ASP B 520 -23.94 -6.34 18.76
CA ASP B 520 -23.43 -7.49 17.99
C ASP B 520 -22.14 -7.23 17.19
N MET B 521 -21.66 -5.99 17.18
CA MET B 521 -20.43 -5.67 16.48
C MET B 521 -19.35 -5.15 17.40
N ARG B 522 -19.66 -4.12 18.20
CA ARG B 522 -18.64 -3.46 19.02
C ARG B 522 -18.42 -4.15 20.36
N LYS B 523 -19.34 -5.03 20.77
CA LYS B 523 -19.21 -5.67 22.08
C LYS B 523 -18.07 -6.66 22.13
N GLU B 524 -17.83 -7.38 21.03
CA GLU B 524 -16.83 -8.44 21.01
C GLU B 524 -15.42 -7.92 21.08
N ALA B 525 -15.19 -6.63 20.91
CA ALA B 525 -13.85 -6.05 20.96
C ALA B 525 -13.85 -4.77 21.77
N ILE B 526 -14.59 -4.76 22.89
CA ILE B 526 -14.65 -3.56 23.71
C ILE B 526 -13.33 -3.31 24.42
N GLU B 527 -12.71 -4.36 24.97
CA GLU B 527 -11.39 -4.32 25.62
C GLU B 527 -11.20 -3.07 26.46
N GLY B 528 -12.16 -2.81 27.34
CA GLY B 528 -12.05 -1.66 28.23
C GLY B 528 -13.23 -0.71 28.15
N LEU B 529 -13.36 0.15 29.17
CA LEU B 529 -14.46 1.10 29.21
C LEU B 529 -14.10 2.22 30.19
N LEU B 530 -14.78 3.36 30.01
CA LEU B 530 -14.61 4.49 30.92
C LEU B 530 -15.90 5.29 30.88
N LEU B 531 -16.77 5.08 31.86
CA LEU B 531 -18.02 5.83 31.93
C LEU B 531 -17.76 7.25 32.43
N THR B 532 -18.49 8.20 31.86
CA THR B 532 -18.26 9.61 32.16
C THR B 532 -19.52 10.29 32.66
N GLU B 533 -19.50 11.62 32.73
CA GLU B 533 -20.62 12.36 33.28
C GLU B 533 -21.88 12.11 32.46
N PRO B 534 -23.04 11.97 33.10
CA PRO B 534 -24.28 11.66 32.37
C PRO B 534 -25.03 12.84 31.79
N GLU B 535 -24.60 14.08 32.04
CA GLU B 535 -25.30 15.21 31.42
C GLU B 535 -24.77 15.47 30.01
N GLN B 536 -24.67 14.41 29.21
CA GLN B 536 -24.38 14.51 27.80
C GLN B 536 -25.22 13.56 26.94
N PHE B 537 -25.91 12.59 27.55
CA PHE B 537 -26.70 11.61 26.83
C PHE B 537 -28.18 11.99 26.77
N GLU B 538 -28.78 12.31 27.90
CA GLU B 538 -30.15 12.80 28.02
C GLU B 538 -31.19 11.81 27.50
N GLU B 539 -30.81 10.54 27.28
CA GLU B 539 -31.77 9.54 26.85
C GLU B 539 -31.58 8.19 27.53
N GLY B 540 -30.62 8.04 28.43
CA GLY B 540 -30.42 6.79 29.13
C GLY B 540 -29.48 5.80 28.47
N GLU B 541 -28.60 6.25 27.57
CA GLU B 541 -27.62 5.34 26.99
C GLU B 541 -26.65 4.82 28.04
N LEU B 542 -26.30 5.66 29.02
CA LEU B 542 -25.34 5.26 30.04
C LEU B 542 -25.86 4.08 30.86
N GLU B 543 -27.15 4.10 31.22
CA GLU B 543 -27.71 3.01 32.01
C GLU B 543 -27.78 1.72 31.22
N TYR B 544 -28.01 1.80 29.92
CA TYR B 544 -28.04 0.60 29.10
C TYR B 544 -26.67 -0.03 28.95
N MET B 545 -25.62 0.80 28.90
CA MET B 545 -24.28 0.27 28.64
C MET B 545 -23.83 -0.68 29.74
N TYR B 546 -24.11 -0.35 31.00
CA TYR B 546 -23.73 -1.21 32.12
C TYR B 546 -24.87 -2.10 32.58
N SER B 547 -25.95 -2.19 31.80
CA SER B 547 -27.06 -3.07 32.13
C SER B 547 -26.62 -4.53 32.04
N ALA B 548 -27.48 -5.41 32.57
CA ALA B 548 -27.15 -6.83 32.66
C ALA B 548 -26.99 -7.46 31.29
N GLU B 549 -27.99 -7.28 30.41
CA GLU B 549 -27.97 -7.97 29.12
C GLU B 549 -26.91 -7.41 28.17
N ALA B 550 -26.53 -6.14 28.34
CA ALA B 550 -25.50 -5.57 27.47
C ALA B 550 -24.15 -6.20 27.75
N LEU B 551 -23.85 -6.51 29.01
CA LEU B 551 -22.54 -7.02 29.38
C LEU B 551 -22.36 -8.48 29.01
N LYS B 552 -23.43 -9.21 28.69
CA LYS B 552 -23.30 -10.60 28.28
C LYS B 552 -22.79 -10.74 26.86
N LYS B 553 -22.90 -9.68 26.04
CA LYS B 553 -22.44 -9.74 24.67
C LYS B 553 -20.94 -9.51 24.53
N THR B 554 -20.28 -9.05 25.58
CA THR B 554 -18.83 -8.87 25.57
C THR B 554 -18.18 -10.00 26.35
N ARG B 555 -17.07 -10.51 25.82
CA ARG B 555 -16.35 -11.61 26.43
C ARG B 555 -14.92 -11.27 26.82
N ARG B 556 -14.31 -10.26 26.21
CA ARG B 556 -12.98 -9.79 26.58
C ARG B 556 -13.11 -8.41 27.19
N LEU B 557 -12.81 -8.30 28.49
CA LEU B 557 -12.96 -7.04 29.21
C LEU B 557 -11.98 -7.05 30.37
N ARG B 558 -11.09 -6.06 30.40
CA ARG B 558 -10.07 -5.95 31.43
C ARG B 558 -10.22 -4.74 32.32
N ILE B 559 -10.52 -3.57 31.76
CA ILE B 559 -10.59 -2.32 32.51
C ILE B 559 -12.01 -1.79 32.41
N LEU B 560 -12.60 -1.44 33.55
CA LEU B 560 -13.92 -0.83 33.59
C LEU B 560 -13.93 0.20 34.71
N VAL B 561 -14.17 1.46 34.36
CA VAL B 561 -14.12 2.57 35.30
C VAL B 561 -15.45 3.34 35.21
N LYS B 562 -16.05 3.61 36.35
CA LYS B 562 -17.30 4.37 36.43
C LYS B 562 -17.10 5.46 37.49
N GLU B 563 -16.88 6.69 37.02
CA GLU B 563 -16.53 7.80 37.90
C GLU B 563 -17.50 8.97 37.68
N TYR B 564 -18.63 8.94 38.39
CA TYR B 564 -19.55 10.07 38.46
C TYR B 564 -20.51 9.81 39.61
N TYR B 565 -20.79 10.84 40.40
CA TYR B 565 -21.60 10.65 41.59
C TYR B 565 -23.04 10.32 41.21
N ASN B 566 -23.67 9.46 42.01
CA ASN B 566 -24.99 8.94 41.71
C ASN B 566 -26.02 10.04 41.96
N ARG B 567 -26.76 10.41 40.91
CA ARG B 567 -27.78 11.44 41.06
C ARG B 567 -29.01 10.92 41.79
N GLY B 568 -29.30 9.62 41.68
CA GLY B 568 -30.52 9.07 42.21
C GLY B 568 -31.36 8.46 41.11
N PHE B 569 -30.72 8.16 39.99
CA PHE B 569 -31.37 7.63 38.80
C PHE B 569 -30.57 6.48 38.23
N ASP B 570 -30.07 5.61 39.11
CA ASP B 570 -29.25 4.46 38.71
C ASP B 570 -30.02 3.17 38.93
N GLU B 571 -29.45 2.07 38.43
CA GLU B 571 -30.08 0.77 38.50
C GLU B 571 -29.09 -0.27 39.02
N PRO B 572 -29.58 -1.31 39.69
CA PRO B 572 -28.68 -2.36 40.17
C PRO B 572 -28.04 -3.14 39.03
N VAL B 573 -26.84 -3.65 39.31
CA VAL B 573 -26.06 -4.41 38.33
C VAL B 573 -26.19 -5.89 38.62
N ALA B 574 -26.17 -6.70 37.57
CA ALA B 574 -26.41 -8.13 37.70
C ALA B 574 -25.23 -8.98 37.24
N TYR B 575 -24.72 -8.76 36.03
CA TYR B 575 -23.77 -9.73 35.46
C TYR B 575 -22.39 -9.58 36.09
N LEU B 576 -21.72 -8.44 35.86
CA LEU B 576 -20.32 -8.26 36.24
C LEU B 576 -19.49 -9.41 35.68
N PRO B 577 -19.16 -9.38 34.39
CA PRO B 577 -18.63 -10.58 33.73
C PRO B 577 -17.35 -11.10 34.37
N ASN B 578 -17.05 -12.36 34.08
CA ASN B 578 -15.96 -13.08 34.75
C ASN B 578 -14.64 -12.92 34.00
N SER B 579 -14.25 -11.69 33.68
CA SER B 579 -12.99 -11.45 33.02
C SER B 579 -12.27 -10.19 33.46
N LEU B 580 -12.83 -9.42 34.40
CA LEU B 580 -12.26 -8.13 34.73
C LEU B 580 -10.94 -8.26 35.46
N LEU B 581 -10.08 -7.26 35.28
CA LEU B 581 -8.83 -7.14 36.00
C LEU B 581 -8.72 -5.86 36.81
N TRP B 582 -9.48 -4.83 36.46
CA TRP B 582 -9.48 -3.55 37.15
C TRP B 582 -10.91 -3.06 37.32
N LEU B 583 -11.28 -2.75 38.56
CA LEU B 583 -12.64 -2.34 38.89
C LEU B 583 -12.62 -1.01 39.62
N GLU B 584 -13.47 -0.09 39.18
CA GLU B 584 -13.62 1.20 39.85
C GLU B 584 -15.08 1.61 39.70
N TRP B 585 -15.79 1.72 40.82
CA TRP B 585 -17.20 2.05 40.81
C TRP B 585 -17.48 3.13 41.85
N ARG B 586 -18.35 4.06 41.49
CA ARG B 586 -18.85 5.08 42.41
C ARG B 586 -19.95 4.48 43.26
N ASN B 587 -20.75 5.33 43.90
CA ASN B 587 -21.86 4.91 44.76
C ASN B 587 -22.59 3.71 44.18
N TYR B 588 -22.73 2.67 45.02
CA TYR B 588 -23.27 1.38 44.60
C TYR B 588 -24.73 1.29 44.99
N SER B 589 -25.59 1.05 43.99
CA SER B 589 -27.01 0.91 44.25
C SER B 589 -27.35 -0.45 44.83
N SER B 590 -26.67 -1.49 44.37
CA SER B 590 -26.96 -2.85 44.81
C SER B 590 -26.51 -3.07 46.25
N ASN B 591 -27.11 -4.07 46.88
CA ASN B 591 -26.77 -4.36 48.27
C ASN B 591 -25.38 -4.98 48.39
N SER B 592 -25.06 -5.93 47.53
CA SER B 592 -23.78 -6.63 47.57
C SER B 592 -23.47 -7.19 46.19
N PHE B 593 -22.30 -7.81 46.08
CA PHE B 593 -21.88 -8.38 44.80
C PHE B 593 -22.78 -9.56 44.43
N PRO B 594 -22.99 -9.78 43.13
CA PRO B 594 -23.79 -10.94 42.70
C PRO B 594 -23.09 -12.24 43.06
N SER B 595 -23.90 -13.27 43.32
CA SER B 595 -23.38 -14.57 43.70
C SER B 595 -22.73 -15.31 42.54
N ASN B 596 -22.91 -14.84 41.30
CA ASN B 596 -22.34 -15.47 40.13
C ASN B 596 -20.98 -14.88 39.77
N PHE B 597 -20.39 -14.08 40.65
CA PHE B 597 -19.12 -13.42 40.37
C PHE B 597 -17.97 -14.24 40.94
N GLU B 598 -16.97 -14.47 40.10
CA GLU B 598 -15.67 -14.99 40.47
C GLU B 598 -14.63 -13.90 40.26
N PRO B 599 -13.65 -13.77 41.16
CA PRO B 599 -12.65 -12.70 40.98
C PRO B 599 -11.96 -12.75 39.64
N SER B 600 -11.67 -13.94 39.12
CA SER B 600 -11.07 -14.11 37.80
C SER B 600 -9.78 -13.30 37.67
N LYS B 601 -8.80 -13.72 38.48
CA LYS B 601 -7.48 -13.10 38.56
C LYS B 601 -7.55 -11.57 38.59
N LEU B 602 -8.40 -11.06 39.48
CA LEU B 602 -8.54 -9.62 39.68
C LEU B 602 -7.23 -9.05 40.23
N VAL B 603 -7.05 -7.74 40.03
CA VAL B 603 -5.85 -7.04 40.45
C VAL B 603 -6.17 -5.85 41.35
N TYR B 604 -7.06 -4.97 40.90
CA TYR B 604 -7.35 -3.72 41.60
C TYR B 604 -8.86 -3.59 41.76
N LEU B 605 -9.29 -3.25 42.97
CA LEU B 605 -10.71 -3.07 43.25
C LEU B 605 -10.86 -2.11 44.42
N THR B 606 -11.31 -0.90 44.14
CA THR B 606 -11.69 0.06 45.18
C THR B 606 -13.10 0.55 44.91
N MET B 607 -13.89 0.65 45.97
CA MET B 607 -15.31 0.99 45.88
C MET B 607 -15.57 2.19 46.77
N LYS B 608 -15.89 3.32 46.14
CA LYS B 608 -16.21 4.53 46.88
C LYS B 608 -17.67 4.59 47.32
N GLY B 609 -18.46 3.58 46.98
CA GLY B 609 -19.86 3.58 47.37
C GLY B 609 -20.03 3.42 48.87
N SER B 610 -21.09 4.05 49.38
CA SER B 610 -21.41 4.04 50.80
C SER B 610 -22.48 3.03 51.16
N SER B 611 -22.96 2.23 50.21
CA SER B 611 -24.03 1.27 50.45
C SER B 611 -23.52 -0.13 50.08
N ILE B 612 -22.85 -0.78 51.02
CA ILE B 612 -22.38 -2.15 50.87
C ILE B 612 -22.48 -2.86 52.22
N ILE B 613 -23.27 -3.94 52.28
CA ILE B 613 -23.41 -4.68 53.52
C ILE B 613 -22.21 -5.59 53.74
N GLU B 614 -21.98 -6.51 52.80
CA GLU B 614 -20.83 -7.40 52.84
C GLU B 614 -20.30 -7.59 51.42
N LEU B 615 -18.98 -7.78 51.33
CA LEU B 615 -18.36 -7.98 50.02
C LEU B 615 -18.78 -9.31 49.40
N TRP B 616 -18.71 -10.38 50.18
CA TRP B 616 -19.09 -11.70 49.70
C TRP B 616 -19.62 -12.53 50.86
N ASN B 617 -20.39 -13.57 50.52
CA ASN B 617 -20.95 -14.44 51.56
C ASN B 617 -19.89 -15.34 52.18
N GLY B 618 -18.91 -15.78 51.39
CA GLY B 618 -17.88 -16.67 51.89
C GLY B 618 -16.49 -16.10 51.74
N ALA B 619 -15.52 -16.96 51.47
CA ALA B 619 -14.12 -16.55 51.30
C ALA B 619 -13.61 -17.19 50.00
N LYS B 620 -13.54 -16.39 48.94
CA LYS B 620 -13.11 -16.89 47.64
C LYS B 620 -11.59 -16.84 47.54
N ARG B 621 -11.07 -17.08 46.33
CA ARG B 621 -9.63 -17.29 46.16
C ARG B 621 -8.86 -15.99 46.33
N LEU B 622 -9.12 -15.00 45.47
CA LEU B 622 -8.39 -13.74 45.46
C LEU B 622 -6.89 -14.00 45.32
N ALA B 623 -6.54 -14.65 44.20
CA ALA B 623 -5.15 -15.04 43.96
C ALA B 623 -4.24 -13.83 43.82
N PHE B 624 -4.70 -12.79 43.14
CA PHE B 624 -3.91 -11.58 42.93
C PHE B 624 -4.67 -10.35 43.42
N LEU B 625 -3.91 -9.40 43.95
CA LEU B 625 -4.48 -8.14 44.44
C LEU B 625 -3.47 -7.01 44.30
N ASP C 189 33.96 -13.80 15.56
CA ASP C 189 35.30 -13.97 15.01
C ASP C 189 35.36 -15.20 14.12
N LEU C 190 34.29 -15.44 13.37
CA LEU C 190 34.18 -16.57 12.44
C LEU C 190 34.48 -17.89 13.15
N VAL C 191 33.56 -18.27 14.03
CA VAL C 191 33.69 -19.52 14.78
C VAL C 191 33.19 -20.68 13.91
N GLY C 192 33.95 -21.77 13.89
CA GLY C 192 33.56 -22.95 13.14
C GLY C 192 33.67 -22.83 11.64
N ILE C 193 34.30 -21.77 11.15
CA ILE C 193 34.38 -21.54 9.70
C ILE C 193 35.54 -22.28 9.07
N GLU C 194 36.66 -22.42 9.79
CA GLU C 194 37.87 -23.02 9.21
C GLU C 194 37.60 -24.42 8.63
N SER C 195 36.64 -25.15 9.21
CA SER C 195 36.27 -26.45 8.68
C SER C 195 35.56 -26.36 7.34
N GLN C 196 35.16 -25.16 6.91
CA GLN C 196 34.43 -25.01 5.65
C GLN C 196 35.31 -24.64 4.47
N ILE C 197 36.40 -23.90 4.69
CA ILE C 197 37.28 -23.54 3.58
C ILE C 197 37.82 -24.79 2.89
N LYS C 198 38.14 -25.81 3.68
CA LYS C 198 38.60 -27.07 3.10
C LYS C 198 37.54 -27.69 2.21
N LYS C 199 36.28 -27.68 2.66
CA LYS C 199 35.21 -28.29 1.89
C LYS C 199 34.97 -27.54 0.59
N LEU C 200 34.93 -26.20 0.64
CA LEU C 200 34.76 -25.42 -0.58
C LEU C 200 35.95 -25.57 -1.51
N SER C 201 37.17 -25.56 -0.96
CA SER C 201 38.37 -25.66 -1.80
C SER C 201 38.42 -26.99 -2.53
N SER C 202 38.00 -28.05 -1.85
CA SER C 202 38.00 -29.38 -2.41
C SER C 202 37.05 -29.49 -3.61
N LEU C 203 35.92 -28.81 -3.58
CA LEU C 203 34.98 -28.91 -4.70
C LEU C 203 35.53 -28.36 -6.02
N LEU C 204 36.13 -27.17 -5.98
CA LEU C 204 36.70 -26.59 -7.19
C LEU C 204 37.92 -27.36 -7.66
N ARG C 205 38.75 -27.70 -6.67
CA ARG C 205 40.02 -28.45 -6.65
C ARG C 205 41.25 -27.57 -6.90
N MET C 206 41.02 -26.41 -7.53
CA MET C 206 42.01 -25.37 -7.84
C MET C 206 43.14 -25.72 -8.83
N ASP C 207 43.01 -26.86 -9.52
CA ASP C 207 44.03 -27.26 -10.49
C ASP C 207 43.47 -27.58 -11.87
N LEU C 208 42.14 -27.53 -11.99
CA LEU C 208 41.50 -27.83 -13.27
C LEU C 208 41.54 -26.64 -14.21
N LYS C 209 41.34 -26.92 -15.49
CA LYS C 209 41.35 -25.89 -16.52
C LYS C 209 39.93 -25.57 -16.99
N GLY C 210 39.73 -24.33 -17.42
CA GLY C 210 38.44 -23.87 -17.90
C GLY C 210 37.70 -23.05 -16.87
N VAL C 211 36.37 -23.17 -16.85
CA VAL C 211 35.53 -22.49 -15.87
C VAL C 211 34.64 -23.51 -15.19
N ARG C 212 34.47 -23.36 -13.89
CA ARG C 212 33.60 -24.23 -13.10
C ARG C 212 32.65 -23.38 -12.27
N LEU C 213 31.38 -23.78 -12.23
CA LEU C 213 30.37 -23.06 -11.47
C LEU C 213 30.00 -23.87 -10.23
N VAL C 214 30.08 -23.24 -9.06
CA VAL C 214 29.73 -23.87 -7.79
C VAL C 214 28.61 -23.08 -7.14
N GLY C 215 27.59 -23.79 -6.67
CA GLY C 215 26.44 -23.17 -6.05
C GLY C 215 26.32 -23.49 -4.58
N ILE C 216 26.32 -22.46 -3.73
CA ILE C 216 26.16 -22.62 -2.29
C ILE C 216 24.70 -22.42 -1.97
N TRP C 217 24.06 -23.46 -1.44
CA TRP C 217 22.64 -23.46 -1.13
C TRP C 217 22.46 -23.60 0.36
N GLY C 218 21.68 -22.69 0.96
CA GLY C 218 21.51 -22.67 2.39
C GLY C 218 20.07 -22.75 2.85
N MET C 219 19.75 -22.11 3.98
CA MET C 219 18.43 -22.18 4.57
C MET C 219 17.76 -20.83 4.74
N GLY C 220 18.46 -19.72 4.50
CA GLY C 220 17.87 -18.43 4.75
C GLY C 220 18.19 -17.87 6.13
N GLY C 221 19.47 -17.77 6.43
CA GLY C 221 19.90 -17.29 7.74
C GLY C 221 21.14 -17.99 8.22
N VAL C 222 21.36 -19.23 7.76
CA VAL C 222 22.61 -19.91 8.06
C VAL C 222 23.75 -19.24 7.31
N GLY C 223 24.97 -19.45 7.82
CA GLY C 223 26.11 -18.76 7.24
C GLY C 223 26.37 -19.12 5.79
N LYS C 224 26.07 -18.18 4.89
CA LYS C 224 26.27 -18.36 3.46
C LYS C 224 27.20 -17.29 2.92
N THR C 225 26.86 -16.01 3.13
CA THR C 225 27.70 -14.92 2.68
C THR C 225 29.04 -14.92 3.39
N THR C 226 29.05 -15.23 4.68
CA THR C 226 30.30 -15.26 5.42
C THR C 226 31.23 -16.35 4.89
N ALA C 227 30.68 -17.51 4.52
CA ALA C 227 31.50 -18.56 3.92
C ALA C 227 32.05 -18.12 2.58
N ALA C 228 31.21 -17.48 1.75
CA ALA C 228 31.68 -16.98 0.47
C ALA C 228 32.76 -15.92 0.66
N ARG C 229 32.60 -15.05 1.66
CA ARG C 229 33.60 -14.04 1.93
C ARG C 229 34.91 -14.66 2.39
N ALA C 230 34.85 -15.71 3.21
CA ALA C 230 36.07 -16.38 3.65
C ALA C 230 36.84 -16.97 2.48
N LEU C 231 36.13 -17.66 1.57
CA LEU C 231 36.79 -18.19 0.38
C LEU C 231 37.38 -17.08 -0.46
N PHE C 232 36.62 -15.99 -0.63
CA PHE C 232 37.12 -14.86 -1.41
C PHE C 232 38.39 -14.30 -0.78
N ASN C 233 38.36 -14.03 0.52
CA ASN C 233 39.51 -13.43 1.18
C ASN C 233 40.72 -14.36 1.18
N ARG C 234 40.52 -15.66 1.01
CA ARG C 234 41.67 -16.56 1.01
C ARG C 234 42.26 -16.75 -0.38
N TYR C 235 41.45 -16.79 -1.43
CA TYR C 235 41.93 -17.08 -2.77
C TYR C 235 41.84 -15.91 -3.74
N TYR C 236 41.67 -14.68 -3.25
CA TYR C 236 41.51 -13.58 -4.19
C TYR C 236 42.82 -13.13 -4.84
N GLN C 237 43.96 -13.56 -4.29
CA GLN C 237 45.25 -13.16 -4.85
C GLN C 237 45.71 -14.02 -6.02
N ASN C 238 45.08 -15.18 -6.23
CA ASN C 238 45.52 -16.09 -7.29
C ASN C 238 45.13 -15.59 -8.68
N PHE C 239 44.10 -14.75 -8.79
CA PHE C 239 43.56 -14.34 -10.07
C PHE C 239 43.94 -12.91 -10.40
N GLU C 240 43.82 -12.56 -11.68
CA GLU C 240 44.14 -11.21 -12.12
C GLU C 240 43.22 -10.18 -11.49
N SER C 241 41.92 -10.47 -11.47
CA SER C 241 40.92 -9.57 -10.93
C SER C 241 39.82 -10.38 -10.27
N ALA C 242 39.11 -9.75 -9.33
CA ALA C 242 38.04 -10.43 -8.61
C ALA C 242 37.01 -9.39 -8.18
N CYS C 243 35.79 -9.87 -7.94
CA CYS C 243 34.69 -9.01 -7.55
C CYS C 243 33.75 -9.77 -6.63
N PHE C 244 33.02 -9.00 -5.82
CA PHE C 244 32.12 -9.58 -4.84
C PHE C 244 30.92 -8.64 -4.65
N LEU C 245 29.72 -9.20 -4.64
CA LEU C 245 28.50 -8.45 -4.46
C LEU C 245 27.72 -8.97 -3.26
N GLU C 246 26.88 -8.12 -2.68
CA GLU C 246 25.95 -8.50 -1.63
C GLU C 246 24.53 -8.15 -2.04
N ASP C 247 23.61 -9.10 -1.84
CA ASP C 247 22.17 -8.84 -1.91
C ASP C 247 21.79 -8.15 -3.22
N VAL C 248 21.96 -8.91 -4.30
CA VAL C 248 21.55 -8.42 -5.61
C VAL C 248 20.08 -8.05 -5.63
N LYS C 249 19.28 -8.74 -4.82
CA LYS C 249 17.85 -8.42 -4.71
C LYS C 249 17.65 -6.96 -4.31
N GLU C 250 18.30 -6.53 -3.22
CA GLU C 250 18.19 -5.14 -2.80
C GLU C 250 18.77 -4.19 -3.84
N TYR C 251 19.85 -4.61 -4.52
CA TYR C 251 20.48 -3.74 -5.49
C TYR C 251 19.52 -3.40 -6.63
N LEU C 252 18.74 -4.39 -7.09
CA LEU C 252 17.72 -4.09 -8.08
C LEU C 252 16.50 -3.40 -7.49
N GLN C 253 16.27 -3.53 -6.18
CA GLN C 253 15.23 -2.72 -5.55
C GLN C 253 15.60 -1.25 -5.49
N HIS C 254 16.87 -0.92 -5.62
CA HIS C 254 17.30 0.47 -5.66
C HIS C 254 17.83 0.92 -7.01
N HIS C 255 18.36 0.00 -7.82
CA HIS C 255 18.93 0.35 -9.12
C HIS C 255 18.33 -0.50 -10.23
N THR C 256 18.89 -0.41 -11.42
CA THR C 256 18.43 -1.18 -12.57
C THR C 256 19.44 -2.26 -12.89
N LEU C 257 18.96 -3.35 -13.49
CA LEU C 257 19.84 -4.48 -13.80
C LEU C 257 20.97 -4.07 -14.73
N LEU C 258 20.69 -3.17 -15.67
CA LEU C 258 21.73 -2.68 -16.56
C LEU C 258 22.85 -1.99 -15.78
N TYR C 259 22.48 -1.17 -14.80
CA TYR C 259 23.49 -0.50 -13.98
C TYR C 259 24.32 -1.51 -13.20
N LEU C 260 23.69 -2.56 -12.66
CA LEU C 260 24.41 -3.55 -11.88
C LEU C 260 25.53 -4.19 -12.70
N GLN C 261 25.20 -4.69 -13.89
CA GLN C 261 26.23 -5.29 -14.73
C GLN C 261 27.20 -4.25 -15.28
N LYS C 262 26.81 -2.97 -15.30
CA LYS C 262 27.76 -1.93 -15.66
C LYS C 262 28.86 -1.82 -14.61
N THR C 263 28.50 -1.90 -13.33
CA THR C 263 29.51 -1.83 -12.27
C THR C 263 30.41 -3.06 -12.26
N LEU C 264 29.88 -4.23 -12.61
CA LEU C 264 30.68 -5.45 -12.56
C LEU C 264 31.85 -5.38 -13.52
N LEU C 265 31.61 -4.88 -14.74
CA LEU C 265 32.71 -4.74 -15.69
C LEU C 265 33.72 -3.70 -15.19
N SER C 266 33.24 -2.60 -14.64
CA SER C 266 34.13 -1.56 -14.13
C SER C 266 34.84 -1.96 -12.85
N LYS C 267 34.46 -3.08 -12.24
CA LYS C 267 35.16 -3.57 -11.06
C LYS C 267 36.31 -4.51 -11.43
N LEU C 268 36.07 -5.40 -12.41
CA LEU C 268 37.13 -6.29 -12.86
C LEU C 268 38.29 -5.50 -13.47
N LEU C 269 37.94 -4.49 -14.25
CA LEU C 269 38.93 -3.63 -14.88
C LEU C 269 38.88 -2.27 -14.20
N LYS C 270 39.91 -1.45 -14.39
CA LYS C 270 39.98 -0.13 -13.77
C LYS C 270 39.36 0.98 -14.61
N VAL C 271 38.85 0.62 -15.78
CA VAL C 271 38.23 1.58 -16.69
C VAL C 271 36.93 2.16 -16.13
N GLU C 272 36.53 3.33 -16.63
CA GLU C 272 35.31 4.00 -16.19
C GLU C 272 34.10 3.37 -16.88
N PHE C 273 32.91 3.73 -16.40
CA PHE C 273 31.67 3.21 -16.97
C PHE C 273 31.59 3.49 -18.47
N VAL C 274 31.19 2.48 -19.23
CA VAL C 274 31.03 2.60 -20.67
C VAL C 274 29.54 2.72 -20.98
N ASP C 275 29.20 3.68 -21.82
CA ASP C 275 27.79 3.93 -22.10
C ASP C 275 27.17 2.83 -22.96
N CYS C 276 26.02 2.33 -22.53
CA CYS C 276 25.26 1.33 -23.27
C CYS C 276 23.83 1.38 -22.76
N THR C 277 22.91 1.82 -23.61
CA THR C 277 21.51 1.90 -23.22
C THR C 277 20.75 0.61 -23.51
N ASP C 278 21.42 -0.41 -24.06
CA ASP C 278 20.80 -1.70 -24.33
C ASP C 278 21.59 -2.76 -23.58
N THR C 279 20.88 -3.67 -22.90
CA THR C 279 21.56 -4.69 -22.10
C THR C 279 22.35 -5.65 -22.99
N GLU C 280 21.81 -5.98 -24.17
CA GLU C 280 22.45 -6.99 -25.00
C GLU C 280 23.82 -6.54 -25.50
N GLU C 281 23.95 -5.26 -25.87
CA GLU C 281 25.28 -4.76 -26.22
C GLU C 281 26.25 -4.93 -25.06
N MET C 282 25.76 -4.76 -23.82
CA MET C 282 26.64 -4.93 -22.67
C MET C 282 27.07 -6.39 -22.51
N CYS C 283 26.14 -7.34 -22.72
CA CYS C 283 26.51 -8.74 -22.64
C CYS C 283 27.56 -9.09 -23.69
N VAL C 284 27.38 -8.60 -24.92
CA VAL C 284 28.38 -8.84 -25.96
C VAL C 284 29.69 -8.16 -25.60
N ILE C 285 29.63 -7.00 -24.95
CA ILE C 285 30.86 -6.31 -24.55
C ILE C 285 31.62 -7.12 -23.51
N LEU C 286 30.92 -7.69 -22.52
CA LEU C 286 31.60 -8.54 -21.55
C LEU C 286 32.27 -9.72 -22.24
N LYS C 287 31.55 -10.37 -23.17
CA LYS C 287 32.13 -11.49 -23.90
C LYS C 287 33.34 -11.05 -24.71
N ARG C 288 33.27 -9.89 -25.37
CA ARG C 288 34.34 -9.46 -26.24
C ARG C 288 35.56 -8.96 -25.49
N ARG C 289 35.36 -8.36 -24.31
CA ARG C 289 36.45 -7.70 -23.61
C ARG C 289 37.16 -8.61 -22.61
N LEU C 290 36.41 -9.28 -21.73
CA LEU C 290 37.01 -9.99 -20.62
C LEU C 290 37.12 -11.50 -20.87
N CYS C 291 36.93 -11.96 -22.10
CA CYS C 291 37.04 -13.38 -22.39
C CYS C 291 38.45 -13.89 -22.12
N SER C 292 39.46 -13.14 -22.52
CA SER C 292 40.85 -13.59 -22.40
C SER C 292 41.47 -13.17 -21.07
N LYS C 293 40.79 -13.48 -19.98
CA LYS C 293 41.28 -13.20 -18.64
C LYS C 293 40.67 -14.21 -17.67
N LYS C 294 41.36 -14.41 -16.55
CA LYS C 294 40.89 -15.30 -15.50
C LYS C 294 40.47 -14.46 -14.30
N VAL C 295 39.21 -14.63 -13.88
CA VAL C 295 38.62 -13.81 -12.83
C VAL C 295 37.84 -14.71 -11.88
N LEU C 296 37.57 -14.17 -10.70
CA LEU C 296 36.71 -14.81 -9.70
C LEU C 296 35.54 -13.88 -9.43
N VAL C 297 34.32 -14.37 -9.58
CA VAL C 297 33.12 -13.57 -9.42
C VAL C 297 32.17 -14.31 -8.48
N VAL C 298 31.64 -13.58 -7.49
CA VAL C 298 30.74 -14.12 -6.50
C VAL C 298 29.40 -13.40 -6.58
N LEU C 299 28.32 -14.17 -6.68
CA LEU C 299 26.96 -13.65 -6.58
C LEU C 299 26.38 -14.04 -5.23
N ASP C 300 25.74 -13.07 -4.56
CA ASP C 300 25.31 -13.26 -3.18
C ASP C 300 23.89 -13.79 -3.05
N ASP C 301 22.94 -13.19 -3.75
CA ASP C 301 21.54 -13.58 -3.62
C ASP C 301 20.83 -13.36 -4.93
N VAL C 302 20.32 -14.43 -5.53
CA VAL C 302 19.57 -14.37 -6.77
C VAL C 302 18.26 -15.10 -6.59
N ASN C 303 17.25 -14.70 -7.36
CA ASN C 303 15.93 -15.30 -7.27
C ASN C 303 15.31 -15.66 -8.61
N HIS C 304 15.80 -15.11 -9.72
CA HIS C 304 15.24 -15.38 -11.04
C HIS C 304 16.38 -15.60 -12.01
N ASN C 305 16.10 -16.37 -13.06
CA ASN C 305 17.17 -16.86 -13.93
C ASN C 305 17.73 -15.78 -14.85
N ASP C 306 16.94 -14.77 -15.19
CA ASP C 306 17.46 -13.73 -16.07
C ASP C 306 18.60 -12.97 -15.43
N GLN C 307 18.66 -12.95 -14.09
CA GLN C 307 19.81 -12.37 -13.40
C GLN C 307 21.09 -13.08 -13.81
N LEU C 308 21.09 -14.41 -13.70
CA LEU C 308 22.27 -15.19 -14.06
C LEU C 308 22.55 -15.08 -15.56
N ASP C 309 21.51 -15.11 -16.38
CA ASP C 309 21.71 -15.04 -17.83
C ASP C 309 22.36 -13.73 -18.23
N LYS C 310 21.93 -12.62 -17.62
CA LYS C 310 22.47 -11.32 -17.98
C LYS C 310 23.86 -11.09 -17.39
N LEU C 311 24.17 -11.71 -16.25
CA LEU C 311 25.42 -11.43 -15.54
C LEU C 311 26.51 -12.47 -15.84
N VAL C 312 26.23 -13.74 -15.55
CA VAL C 312 27.28 -14.75 -15.53
C VAL C 312 26.85 -15.98 -16.33
N GLY C 313 25.72 -15.90 -17.02
CA GLY C 313 25.21 -17.10 -17.66
C GLY C 313 25.82 -17.36 -19.01
N ALA C 314 26.88 -18.18 -19.02
CA ALA C 314 27.60 -18.58 -20.21
C ALA C 314 28.71 -19.56 -19.81
N GLU C 315 29.47 -20.03 -20.79
CA GLU C 315 30.62 -20.88 -20.50
C GLU C 315 31.94 -20.31 -20.99
N ASP C 316 31.95 -19.60 -22.12
CA ASP C 316 33.17 -19.06 -22.69
C ASP C 316 33.32 -17.56 -22.48
N TRP C 317 32.47 -16.95 -21.63
CA TRP C 317 32.65 -15.54 -21.31
C TRP C 317 33.92 -15.29 -20.52
N PHE C 318 34.43 -16.30 -19.82
CA PHE C 318 35.59 -16.16 -18.97
C PHE C 318 36.71 -17.08 -19.46
N GLY C 319 37.95 -16.68 -19.19
CA GLY C 319 39.09 -17.44 -19.62
C GLY C 319 39.36 -18.65 -18.75
N SER C 320 40.43 -19.36 -19.09
CA SER C 320 40.82 -20.54 -18.33
C SER C 320 41.24 -20.16 -16.92
N GLY C 321 40.84 -20.98 -15.95
CA GLY C 321 41.15 -20.74 -14.57
C GLY C 321 40.12 -19.92 -13.81
N SER C 322 39.10 -19.41 -14.49
CA SER C 322 38.08 -18.61 -13.83
C SER C 322 37.20 -19.48 -12.94
N ARG C 323 36.74 -18.90 -11.83
CA ARG C 323 35.87 -19.57 -10.89
C ARG C 323 34.63 -18.73 -10.67
N ILE C 324 33.46 -19.37 -10.67
CA ILE C 324 32.18 -18.70 -10.45
C ILE C 324 31.53 -19.30 -9.21
N VAL C 325 31.18 -18.44 -8.26
CA VAL C 325 30.52 -18.84 -7.02
C VAL C 325 29.17 -18.14 -6.98
N ILE C 326 28.10 -18.90 -6.85
CA ILE C 326 26.75 -18.34 -6.82
C ILE C 326 26.05 -18.81 -5.55
N THR C 327 25.69 -17.86 -4.69
CA THR C 327 25.01 -18.16 -3.44
C THR C 327 23.51 -17.93 -3.65
N THR C 328 22.70 -18.90 -3.26
CA THR C 328 21.26 -18.78 -3.43
C THR C 328 20.53 -19.64 -2.41
N ARG C 329 19.28 -19.27 -2.13
CA ARG C 329 18.46 -19.99 -1.17
C ARG C 329 17.84 -21.27 -1.72
N ASP C 330 17.84 -21.48 -3.04
CA ASP C 330 17.29 -22.70 -3.60
C ASP C 330 18.14 -23.19 -4.78
N MET C 331 18.35 -24.50 -4.84
CA MET C 331 19.19 -25.08 -5.87
C MET C 331 18.52 -25.12 -7.23
N LYS C 332 17.23 -24.80 -7.32
CA LYS C 332 16.52 -24.91 -8.59
C LYS C 332 17.14 -23.98 -9.64
N LEU C 333 17.47 -22.75 -9.25
CA LEU C 333 18.13 -21.85 -10.19
C LEU C 333 19.48 -22.41 -10.63
N LEU C 334 20.19 -23.07 -9.72
CA LEU C 334 21.44 -23.74 -10.08
C LEU C 334 21.20 -24.87 -11.05
N LYS C 335 20.10 -25.62 -10.88
CA LYS C 335 19.85 -26.78 -11.73
C LYS C 335 19.68 -26.36 -13.19
N ASN C 336 18.96 -25.25 -13.43
CA ASN C 336 18.79 -24.78 -14.80
C ASN C 336 20.13 -24.40 -15.43
N HIS C 337 21.12 -24.02 -14.62
CA HIS C 337 22.46 -23.78 -15.11
C HIS C 337 23.29 -25.06 -15.03
N ASP C 338 24.47 -25.01 -15.61
CA ASP C 338 25.38 -26.17 -15.63
C ASP C 338 26.35 -26.17 -14.45
N VAL C 339 25.79 -26.01 -13.24
CA VAL C 339 26.62 -26.02 -12.04
C VAL C 339 27.21 -27.40 -11.83
N HIS C 340 28.52 -27.46 -11.69
CA HIS C 340 29.17 -28.74 -11.53
C HIS C 340 28.93 -29.32 -10.15
N GLU C 341 29.11 -28.51 -9.11
CA GLU C 341 29.02 -28.98 -7.74
C GLU C 341 28.16 -28.03 -6.92
N THR C 342 27.58 -28.56 -5.86
CA THR C 342 26.77 -27.78 -4.94
C THR C 342 27.10 -28.19 -3.51
N TYR C 343 26.92 -27.25 -2.58
CA TYR C 343 27.19 -27.48 -1.17
C TYR C 343 26.01 -26.94 -0.36
N GLU C 344 25.46 -27.78 0.50
CA GLU C 344 24.38 -27.37 1.39
C GLU C 344 24.95 -27.17 2.78
N ILE C 345 24.68 -26.00 3.37
CA ILE C 345 25.25 -25.61 4.65
C ILE C 345 24.19 -25.80 5.73
N LYS C 346 24.52 -26.57 6.76
CA LYS C 346 23.59 -26.90 7.83
C LYS C 346 23.79 -25.95 9.02
N VAL C 347 22.91 -26.09 10.00
CA VAL C 347 22.93 -25.24 11.19
C VAL C 347 24.13 -25.59 12.05
N LEU C 348 24.45 -24.72 13.01
CA LEU C 348 25.58 -24.95 13.90
C LEU C 348 25.24 -26.01 14.94
N GLU C 349 26.28 -26.54 15.57
CA GLU C 349 26.13 -27.57 16.58
C GLU C 349 26.03 -26.93 17.96
N LYS C 350 25.90 -27.78 18.99
CA LYS C 350 25.70 -27.29 20.36
C LYS C 350 26.89 -26.48 20.83
N ASP C 351 28.10 -27.03 20.69
CA ASP C 351 29.30 -26.32 21.13
C ASP C 351 29.48 -25.02 20.37
N GLU C 352 29.30 -25.06 19.04
CA GLU C 352 29.52 -23.87 18.23
C GLU C 352 28.47 -22.80 18.52
N ALA C 353 27.22 -23.20 18.72
CA ALA C 353 26.18 -22.24 19.05
C ALA C 353 26.46 -21.58 20.40
N ILE C 354 26.89 -22.36 21.39
CA ILE C 354 27.22 -21.78 22.69
C ILE C 354 28.38 -20.81 22.57
N GLU C 355 29.42 -21.19 21.81
CA GLU C 355 30.57 -20.30 21.65
C GLU C 355 30.20 -19.00 20.98
N LEU C 356 29.39 -19.05 19.93
CA LEU C 356 29.01 -17.84 19.21
C LEU C 356 28.14 -16.94 20.09
N PHE C 357 27.16 -17.52 20.79
CA PHE C 357 26.31 -16.71 21.67
C PHE C 357 27.13 -16.08 22.78
N ASN C 358 28.07 -16.84 23.36
CA ASN C 358 28.92 -16.28 24.41
C ASN C 358 29.77 -15.14 23.87
N LEU C 359 30.24 -15.28 22.63
CA LEU C 359 31.02 -14.21 22.02
C LEU C 359 30.18 -12.95 21.85
N HIS C 360 28.93 -13.10 21.41
CA HIS C 360 28.09 -11.93 21.17
C HIS C 360 27.64 -11.28 22.49
N ALA C 361 27.19 -12.09 23.45
CA ALA C 361 26.68 -11.53 24.69
C ALA C 361 27.81 -11.01 25.57
N PHE C 362 28.93 -11.72 25.64
CA PHE C 362 30.08 -11.32 26.44
C PHE C 362 31.32 -11.40 25.55
N LYS C 363 31.60 -10.32 24.82
CA LYS C 363 32.71 -10.34 23.87
C LYS C 363 34.06 -10.46 24.57
N ARG C 364 34.24 -9.77 25.69
CA ARG C 364 35.46 -9.89 26.48
C ARG C 364 35.27 -10.71 27.75
N SER C 365 34.23 -10.44 28.52
CA SER C 365 34.07 -11.05 29.83
C SER C 365 33.49 -12.46 29.70
N SER C 366 33.17 -13.07 30.84
CA SER C 366 32.62 -14.41 30.94
C SER C 366 31.40 -14.39 31.85
N PRO C 367 30.47 -15.32 31.65
CA PRO C 367 29.28 -15.36 32.53
C PRO C 367 29.67 -15.55 34.00
N GLU C 368 28.92 -14.90 34.88
CA GLU C 368 29.26 -14.89 36.30
C GLU C 368 28.76 -16.13 37.02
N LYS C 369 29.10 -17.32 36.49
CA LYS C 369 28.77 -18.62 37.09
C LYS C 369 27.31 -18.72 37.54
N GLU C 370 26.40 -18.03 36.84
CA GLU C 370 24.98 -18.19 37.12
C GLU C 370 24.11 -18.18 35.87
N PHE C 371 24.69 -18.14 34.68
CA PHE C 371 23.92 -18.06 33.44
C PHE C 371 23.90 -19.36 32.64
N LYS C 372 24.49 -20.44 33.17
CA LYS C 372 24.62 -21.68 32.40
C LYS C 372 23.27 -22.30 32.09
N GLU C 373 22.35 -22.34 33.07
CA GLU C 373 21.03 -22.87 32.80
C GLU C 373 20.29 -22.00 31.79
N LEU C 374 20.38 -20.69 31.93
CA LEU C 374 19.77 -19.78 30.97
C LEU C 374 20.44 -19.91 29.61
N LEU C 375 21.76 -20.12 29.59
CA LEU C 375 22.47 -20.31 28.33
C LEU C 375 21.94 -21.54 27.59
N ASN C 376 21.76 -22.65 28.32
CA ASN C 376 21.26 -23.86 27.68
C ASN C 376 19.84 -23.66 27.15
N LEU C 377 18.97 -23.01 27.93
CA LEU C 377 17.60 -22.81 27.48
C LEU C 377 17.54 -21.93 26.23
N VAL C 378 18.31 -20.84 26.22
CA VAL C 378 18.27 -19.93 25.07
C VAL C 378 18.80 -20.61 23.82
N VAL C 379 19.94 -21.29 23.94
CA VAL C 379 20.53 -21.94 22.77
C VAL C 379 19.63 -23.06 22.26
N ASP C 380 19.00 -23.80 23.19
CA ASP C 380 18.08 -24.86 22.78
C ASP C 380 16.87 -24.28 22.06
N TYR C 381 16.44 -23.06 22.43
CA TYR C 381 15.31 -22.45 21.77
C TYR C 381 15.58 -22.21 20.29
N THR C 382 16.79 -21.73 19.97
CA THR C 382 17.13 -21.46 18.57
C THR C 382 17.44 -22.75 17.82
N GLY C 383 18.42 -23.51 18.31
CA GLY C 383 18.83 -24.72 17.62
C GLY C 383 19.57 -24.43 16.33
N GLY C 384 20.76 -23.86 16.44
CA GLY C 384 21.49 -23.45 15.25
C GLY C 384 21.03 -22.08 14.77
N LEU C 385 21.10 -21.90 13.44
CA LEU C 385 20.70 -20.65 12.80
C LEU C 385 21.41 -19.47 13.44
N PRO C 386 22.69 -19.26 13.13
CA PRO C 386 23.48 -18.22 13.82
C PRO C 386 22.86 -16.83 13.76
N LEU C 387 21.93 -16.56 12.85
CA LEU C 387 21.26 -15.27 12.83
C LEU C 387 20.46 -15.05 14.11
N ALA C 388 19.76 -16.09 14.57
CA ALA C 388 19.02 -15.98 15.82
C ALA C 388 19.95 -15.74 17.00
N LEU C 389 21.12 -16.40 17.00
CA LEU C 389 22.10 -16.18 18.06
C LEU C 389 22.61 -14.74 18.03
N LYS C 390 22.83 -14.19 16.85
CA LYS C 390 23.26 -12.79 16.76
C LYS C 390 22.19 -11.85 17.28
N VAL C 391 20.93 -12.10 16.94
CA VAL C 391 19.85 -11.22 17.37
C VAL C 391 19.69 -11.27 18.88
N LEU C 392 19.67 -12.47 19.46
CA LEU C 392 19.50 -12.59 20.91
C LEU C 392 20.74 -12.17 21.67
N GLY C 393 21.92 -12.30 21.07
CA GLY C 393 23.14 -11.90 21.75
C GLY C 393 23.21 -10.41 22.01
N SER C 394 22.78 -9.60 21.05
CA SER C 394 22.76 -8.15 21.21
C SER C 394 21.63 -7.66 22.09
N LEU C 395 20.62 -8.50 22.36
CA LEU C 395 19.49 -8.09 23.17
C LEU C 395 19.78 -8.20 24.66
N LEU C 396 20.36 -9.33 25.08
CA LEU C 396 20.67 -9.57 26.49
C LEU C 396 22.13 -9.20 26.77
N TYR C 397 22.43 -7.90 26.65
CA TYR C 397 23.79 -7.40 26.81
C TYR C 397 23.79 -6.34 27.91
N LYS C 398 24.64 -6.55 28.93
CA LYS C 398 24.61 -5.81 30.19
C LYS C 398 23.19 -5.68 30.73
N GLU C 399 22.48 -6.80 30.77
CA GLU C 399 21.13 -6.87 31.31
C GLU C 399 21.14 -7.78 32.53
N ASP C 400 20.45 -7.36 33.58
CA ASP C 400 20.45 -8.10 34.83
C ASP C 400 19.72 -9.43 34.67
N LEU C 401 19.92 -10.32 35.65
CA LEU C 401 19.30 -11.63 35.63
C LEU C 401 17.78 -11.53 35.72
N ASP C 402 17.24 -10.44 36.29
CA ASP C 402 15.80 -10.32 36.46
C ASP C 402 15.07 -10.29 35.12
N VAL C 403 15.72 -9.74 34.08
CA VAL C 403 15.06 -9.64 32.78
C VAL C 403 15.23 -10.89 31.94
N TRP C 404 16.19 -11.76 32.27
CA TRP C 404 16.47 -12.93 31.44
C TRP C 404 15.29 -13.89 31.44
N ILE C 405 14.72 -14.19 32.61
CA ILE C 405 13.59 -15.11 32.68
C ILE C 405 12.39 -14.55 31.93
N SER C 406 12.14 -13.25 32.07
CA SER C 406 11.06 -12.62 31.31
C SER C 406 11.31 -12.77 29.81
N THR C 407 12.58 -12.69 29.38
CA THR C 407 12.89 -12.90 27.97
C THR C 407 12.57 -14.32 27.54
N ILE C 408 12.85 -15.31 28.41
CA ILE C 408 12.54 -16.69 28.06
C ILE C 408 11.03 -16.86 27.88
N ASP C 409 10.24 -16.30 28.80
CA ASP C 409 8.80 -16.43 28.70
C ASP C 409 8.26 -15.73 27.46
N ARG C 410 8.78 -14.54 27.17
CA ARG C 410 8.35 -13.81 25.97
C ARG C 410 8.70 -14.59 24.70
N LEU C 411 9.91 -15.15 24.65
CA LEU C 411 10.30 -15.94 23.49
C LEU C 411 9.43 -17.19 23.36
N LYS C 412 9.00 -17.76 24.48
CA LYS C 412 8.08 -18.89 24.43
C LYS C 412 6.75 -18.49 23.80
N ASP C 413 6.25 -17.30 24.13
CA ASP C 413 4.96 -16.87 23.62
C ASP C 413 5.07 -16.05 22.33
N ASN C 414 6.10 -15.21 22.20
CA ASN C 414 6.22 -14.38 21.02
C ASN C 414 7.33 -14.88 20.11
N PRO C 415 7.15 -14.78 18.79
CA PRO C 415 8.13 -15.34 17.85
C PRO C 415 9.35 -14.48 17.59
N GLU C 416 9.49 -13.32 18.25
CA GLU C 416 10.63 -12.42 18.04
C GLU C 416 10.71 -12.00 16.57
N GLY C 417 9.73 -11.20 16.18
CA GLY C 417 9.49 -10.82 14.80
C GLY C 417 10.66 -10.40 13.95
N GLU C 418 11.75 -9.92 14.57
CA GLU C 418 12.89 -9.43 13.78
C GLU C 418 13.45 -10.55 12.91
N ILE C 419 13.73 -11.71 13.50
CA ILE C 419 14.17 -12.85 12.71
C ILE C 419 13.05 -13.33 11.79
N MET C 420 11.80 -13.22 12.24
CA MET C 420 10.68 -13.72 11.48
C MET C 420 10.52 -12.98 10.16
N ALA C 421 10.94 -11.72 10.10
CA ALA C 421 10.88 -10.98 8.84
C ALA C 421 11.85 -11.54 7.82
N THR C 422 13.08 -11.84 8.24
CA THR C 422 14.05 -12.42 7.32
C THR C 422 13.58 -13.77 6.80
N LEU C 423 13.00 -14.59 7.68
CA LEU C 423 12.39 -15.83 7.22
C LEU C 423 11.17 -15.57 6.33
N LYS C 424 10.41 -14.52 6.64
CA LYS C 424 9.22 -14.20 5.85
C LYS C 424 9.57 -13.85 4.41
N ILE C 425 10.78 -13.37 4.17
CA ILE C 425 11.20 -13.05 2.81
C ILE C 425 11.09 -14.28 1.92
N SER C 426 11.49 -15.44 2.43
CA SER C 426 11.41 -16.68 1.65
C SER C 426 9.98 -17.11 1.39
N PHE C 427 9.05 -16.73 2.27
CA PHE C 427 7.66 -17.14 2.09
C PHE C 427 7.05 -16.55 0.83
N ASP C 428 7.33 -15.27 0.57
CA ASP C 428 6.84 -14.63 -0.65
C ASP C 428 7.47 -15.28 -1.87
N GLY C 429 6.64 -15.78 -2.77
CA GLY C 429 7.12 -16.50 -3.93
C GLY C 429 6.29 -17.74 -4.21
N LEU C 430 5.77 -18.37 -3.16
CA LEU C 430 4.87 -19.49 -3.34
C LEU C 430 3.59 -19.02 -4.02
N ARG C 431 3.14 -19.77 -5.03
CA ARG C 431 2.16 -19.21 -5.95
C ARG C 431 0.73 -19.30 -5.41
N ASP C 432 0.18 -20.50 -5.31
CA ASP C 432 -1.20 -20.60 -4.84
C ASP C 432 -1.37 -21.68 -3.78
N TYR C 433 -0.71 -22.83 -3.94
CA TYR C 433 -0.95 -23.99 -3.09
C TYR C 433 0.21 -24.32 -2.17
N GLU C 434 1.41 -23.82 -2.46
CA GLU C 434 2.54 -24.09 -1.61
C GLU C 434 2.36 -23.46 -0.23
N LYS C 435 1.72 -22.28 -0.18
CA LYS C 435 1.40 -21.67 1.11
C LYS C 435 0.44 -22.54 1.90
N SER C 436 -0.58 -23.10 1.23
CA SER C 436 -1.52 -23.97 1.93
C SER C 436 -0.84 -25.23 2.43
N ILE C 437 0.03 -25.82 1.61
CA ILE C 437 0.76 -27.02 2.03
C ILE C 437 1.64 -26.71 3.23
N PHE C 438 2.38 -25.61 3.16
CA PHE C 438 3.28 -25.24 4.26
C PHE C 438 2.50 -24.94 5.53
N LEU C 439 1.38 -24.24 5.42
CA LEU C 439 0.57 -23.94 6.60
C LEU C 439 -0.02 -25.21 7.19
N ASP C 440 -0.47 -26.14 6.35
CA ASP C 440 -0.98 -27.40 6.86
C ASP C 440 0.08 -28.18 7.61
N ILE C 441 1.30 -28.24 7.05
CA ILE C 441 2.36 -28.99 7.69
C ILE C 441 2.76 -28.34 9.01
N ALA C 442 2.93 -27.01 9.01
CA ALA C 442 3.37 -26.31 10.21
C ALA C 442 2.32 -26.41 11.32
N CYS C 443 1.04 -26.24 10.97
CA CYS C 443 0.01 -26.16 12.00
C CYS C 443 -0.23 -27.51 12.67
N PHE C 444 -0.39 -28.57 11.89
CA PHE C 444 -0.79 -29.87 12.44
C PHE C 444 0.28 -30.94 12.28
N PHE C 445 0.72 -31.22 11.06
CA PHE C 445 1.51 -32.42 10.77
C PHE C 445 2.96 -32.01 10.52
N ARG C 446 3.79 -32.09 11.55
CA ARG C 446 5.20 -31.77 11.42
C ARG C 446 6.07 -33.01 11.23
N GLY C 447 5.86 -34.03 12.05
CA GLY C 447 6.66 -35.24 11.95
C GLY C 447 5.86 -36.48 11.62
N TYR C 448 4.92 -36.35 10.69
CA TYR C 448 4.07 -37.47 10.30
C TYR C 448 4.67 -38.22 9.12
N ASN C 449 3.98 -39.28 8.71
CA ASN C 449 4.46 -40.11 7.61
C ASN C 449 4.28 -39.38 6.29
N GLN C 450 5.23 -39.60 5.36
CA GLN C 450 5.18 -38.91 4.07
C GLN C 450 3.98 -39.36 3.25
N ARG C 451 3.77 -40.67 3.14
CA ARG C 451 2.79 -41.20 2.19
C ARG C 451 1.38 -40.69 2.52
N ASP C 452 1.01 -40.68 3.80
CA ASP C 452 -0.30 -40.14 4.17
C ASP C 452 -0.38 -38.65 3.89
N MET C 453 0.73 -37.93 4.04
CA MET C 453 0.72 -36.50 3.73
C MET C 453 0.44 -36.26 2.25
N THR C 454 1.12 -37.00 1.38
CA THR C 454 0.88 -36.85 -0.05
C THR C 454 -0.53 -37.26 -0.43
N ALA C 455 -1.05 -38.31 0.21
CA ALA C 455 -2.43 -38.72 -0.05
C ALA C 455 -3.41 -37.62 0.33
N LEU C 456 -3.21 -37.00 1.50
CA LEU C 456 -4.07 -35.91 1.92
C LEU C 456 -4.01 -34.74 0.95
N PHE C 457 -2.78 -34.30 0.63
CA PHE C 457 -2.62 -33.12 -0.22
C PHE C 457 -3.15 -33.35 -1.62
N HIS C 458 -2.95 -34.55 -2.17
CA HIS C 458 -3.50 -34.86 -3.48
C HIS C 458 -5.02 -34.89 -3.45
N ALA C 459 -5.61 -35.46 -2.40
CA ALA C 459 -7.06 -35.56 -2.32
C ALA C 459 -7.72 -34.22 -1.98
N SER C 460 -6.97 -33.26 -1.47
CA SER C 460 -7.53 -31.98 -1.05
C SER C 460 -7.48 -30.90 -2.11
N GLY C 461 -6.99 -31.22 -3.31
CA GLY C 461 -6.92 -30.27 -4.40
C GLY C 461 -5.53 -29.71 -4.65
N PHE C 462 -4.61 -29.87 -3.70
CA PHE C 462 -3.24 -29.43 -3.90
C PHE C 462 -2.51 -30.41 -4.81
N HIS C 463 -1.25 -30.11 -5.13
CA HIS C 463 -0.44 -30.93 -6.03
C HIS C 463 0.84 -31.32 -5.30
N PRO C 464 0.84 -32.45 -4.58
CA PRO C 464 2.04 -32.83 -3.82
C PRO C 464 3.27 -33.03 -4.67
N VAL C 465 3.11 -33.52 -5.90
CA VAL C 465 4.26 -33.78 -6.77
C VAL C 465 5.03 -32.50 -7.03
N LEU C 466 4.33 -31.38 -7.17
CA LEU C 466 4.97 -30.08 -7.33
C LEU C 466 5.26 -29.43 -5.99
N GLY C 467 4.25 -29.37 -5.11
CA GLY C 467 4.39 -28.58 -3.89
C GLY C 467 5.46 -29.12 -2.96
N VAL C 468 5.45 -30.43 -2.72
CA VAL C 468 6.44 -31.01 -1.80
C VAL C 468 7.85 -30.87 -2.38
N LYS C 469 8.00 -31.12 -3.69
CA LYS C 469 9.31 -31.04 -4.30
C LYS C 469 9.87 -29.62 -4.21
N THR C 470 9.06 -28.60 -4.49
CA THR C 470 9.57 -27.24 -4.47
C THR C 470 9.76 -26.72 -3.05
N LEU C 471 8.94 -27.15 -2.10
CA LEU C 471 9.14 -26.74 -0.72
C LEU C 471 10.45 -27.30 -0.18
N VAL C 472 10.75 -28.56 -0.49
CA VAL C 472 12.07 -29.11 -0.17
C VAL C 472 13.14 -28.36 -0.95
N GLU C 473 12.81 -27.96 -2.17
CA GLU C 473 13.78 -27.27 -3.02
C GLU C 473 14.20 -25.94 -2.42
N LYS C 474 13.25 -25.19 -1.86
CA LYS C 474 13.52 -23.87 -1.29
C LYS C 474 13.99 -23.94 0.16
N SER C 475 14.37 -25.13 0.64
CA SER C 475 14.89 -25.32 1.99
C SER C 475 13.94 -24.79 3.06
N LEU C 476 12.65 -25.00 2.85
CA LEU C 476 11.68 -24.75 3.91
C LEU C 476 11.45 -25.98 4.76
N ILE C 477 11.43 -27.17 4.13
CA ILE C 477 11.27 -28.44 4.83
C ILE C 477 12.34 -29.39 4.31
N PHE C 478 12.63 -30.41 5.11
CA PHE C 478 13.56 -31.45 4.72
C PHE C 478 12.98 -32.80 5.13
N ILE C 479 13.41 -33.85 4.43
CA ILE C 479 12.90 -35.20 4.63
C ILE C 479 13.94 -36.00 5.41
N LEU C 480 13.51 -36.57 6.54
CA LEU C 480 14.39 -37.35 7.41
C LEU C 480 13.64 -38.59 7.86
N GLU C 481 14.09 -39.75 7.40
CA GLU C 481 13.49 -41.04 7.76
C GLU C 481 12.00 -41.07 7.41
N ASP C 482 11.69 -40.66 6.18
CA ASP C 482 10.33 -40.67 5.65
C ASP C 482 9.41 -39.76 6.47
N LYS C 483 9.97 -38.69 7.03
CA LYS C 483 9.23 -37.69 7.77
C LYS C 483 9.43 -36.33 7.10
N ILE C 484 8.64 -35.35 7.56
CA ILE C 484 8.64 -34.02 6.97
C ILE C 484 9.01 -33.00 8.04
N GLN C 485 9.91 -33.39 8.95
CA GLN C 485 10.36 -32.50 10.00
C GLN C 485 10.96 -31.23 9.41
N MET C 486 10.64 -30.09 10.03
CA MET C 486 11.19 -28.79 9.65
C MET C 486 12.02 -28.23 10.81
N HIS C 487 12.53 -27.03 10.60
CA HIS C 487 13.23 -26.32 11.67
C HIS C 487 12.23 -25.81 12.70
N ASP C 488 12.70 -25.62 13.93
CA ASP C 488 11.82 -25.18 15.00
C ASP C 488 11.29 -23.77 14.74
N LEU C 489 12.15 -22.87 14.27
CA LEU C 489 11.73 -21.48 14.07
C LEU C 489 10.80 -21.33 12.88
N MET C 490 10.95 -22.17 11.85
CA MET C 490 10.03 -22.12 10.72
C MET C 490 8.63 -22.51 11.14
N GLN C 491 8.50 -23.43 12.09
CA GLN C 491 7.18 -23.78 12.61
C GLN C 491 6.53 -22.58 13.30
N GLU C 492 7.30 -21.82 14.07
CA GLU C 492 6.77 -20.61 14.69
C GLU C 492 6.38 -19.58 13.63
N MET C 493 7.16 -19.49 12.56
CA MET C 493 6.81 -18.63 11.44
C MET C 493 5.43 -18.99 10.88
N GLY C 494 5.23 -20.27 10.56
CA GLY C 494 3.95 -20.68 10.01
C GLY C 494 2.80 -20.46 10.97
N ARG C 495 3.03 -20.76 12.26
CA ARG C 495 1.98 -20.57 13.26
C ARG C 495 1.59 -19.10 13.38
N GLN C 496 2.58 -18.20 13.40
CA GLN C 496 2.27 -16.78 13.49
C GLN C 496 1.53 -16.29 12.27
N ILE C 497 1.94 -16.73 11.08
CA ILE C 497 1.24 -16.32 9.86
C ILE C 497 -0.20 -16.80 9.87
N ALA C 498 -0.43 -18.03 10.34
CA ALA C 498 -1.78 -18.54 10.44
C ALA C 498 -2.61 -17.74 11.43
N VAL C 499 -1.98 -17.27 12.51
CA VAL C 499 -2.71 -16.50 13.52
C VAL C 499 -3.16 -15.16 12.95
N GLN C 500 -2.26 -14.45 12.27
CA GLN C 500 -2.60 -13.14 11.71
C GLN C 500 -3.42 -13.35 10.43
N GLU C 501 -4.72 -13.52 10.63
CA GLU C 501 -5.65 -13.72 9.53
C GLU C 501 -7.06 -13.44 10.03
N SER C 502 -7.75 -12.49 9.39
CA SER C 502 -9.08 -12.12 9.86
C SER C 502 -10.08 -13.28 9.82
N PRO C 503 -10.13 -14.14 8.77
CA PRO C 503 -10.93 -15.35 8.90
C PRO C 503 -10.10 -16.48 9.51
N MET C 504 -10.55 -17.04 10.63
CA MET C 504 -9.77 -18.04 11.35
C MET C 504 -9.85 -19.35 10.58
N ARG C 505 -8.88 -19.56 9.69
CA ARG C 505 -8.81 -20.76 8.87
C ARG C 505 -8.05 -21.90 9.54
N ARG C 506 -7.41 -21.66 10.67
CA ARG C 506 -6.58 -22.69 11.32
C ARG C 506 -6.71 -22.49 12.82
N ILE C 507 -7.55 -23.30 13.47
CA ILE C 507 -7.75 -23.22 14.92
C ILE C 507 -7.01 -24.39 15.56
N TYR C 508 -5.96 -24.07 16.32
CA TYR C 508 -5.23 -25.07 17.08
C TYR C 508 -5.05 -24.61 18.51
N ARG C 509 -4.99 -23.30 18.73
CA ARG C 509 -4.81 -22.74 20.06
C ARG C 509 -6.14 -22.75 20.82
N PRO C 510 -6.09 -22.86 22.16
CA PRO C 510 -7.35 -22.98 22.92
C PRO C 510 -8.20 -21.73 22.90
N GLU C 511 -7.59 -20.53 22.96
CA GLU C 511 -8.39 -19.31 22.99
C GLU C 511 -9.04 -19.04 21.65
N ASP C 512 -8.42 -19.48 20.55
CA ASP C 512 -9.04 -19.32 19.24
C ASP C 512 -10.32 -20.13 19.15
N VAL C 513 -10.39 -21.26 19.85
CA VAL C 513 -11.63 -22.03 19.92
C VAL C 513 -12.74 -21.20 20.55
N LYS C 514 -12.42 -20.46 21.62
CA LYS C 514 -13.41 -19.57 22.21
C LYS C 514 -13.84 -18.50 21.22
N ASP C 515 -12.90 -17.91 20.48
CA ASP C 515 -13.27 -16.89 19.52
C ASP C 515 -14.08 -17.45 18.36
N ALA C 516 -14.01 -18.75 18.12
CA ALA C 516 -14.75 -19.36 17.02
C ALA C 516 -16.19 -19.70 17.37
N CYS C 517 -16.62 -19.43 18.60
CA CYS C 517 -17.98 -19.72 19.04
C CYS C 517 -18.93 -18.55 18.82
N ILE C 518 -18.49 -17.49 18.16
CA ILE C 518 -19.36 -16.35 17.89
C ILE C 518 -20.52 -16.77 17.00
N GLY C 519 -20.23 -17.48 15.94
CA GLY C 519 -21.27 -18.03 15.07
C GLY C 519 -21.53 -17.15 13.86
N ASP C 520 -21.97 -17.82 12.80
CA ASP C 520 -22.33 -17.21 11.50
C ASP C 520 -21.20 -16.47 10.77
N MET C 521 -20.04 -16.35 11.41
CA MET C 521 -18.90 -15.69 10.78
C MET C 521 -17.71 -16.62 10.60
N ARG C 522 -17.27 -17.29 11.67
CA ARG C 522 -16.05 -18.08 11.63
C ARG C 522 -16.30 -19.51 11.14
N LYS C 523 -17.55 -19.96 11.10
CA LYS C 523 -17.84 -21.33 10.70
C LYS C 523 -17.59 -21.56 9.22
N GLU C 524 -17.90 -20.56 8.39
CA GLU C 524 -17.82 -20.73 6.94
C GLU C 524 -16.39 -20.83 6.43
N ALA C 525 -15.40 -20.52 7.26
CA ALA C 525 -14.00 -20.60 6.84
C ALA C 525 -13.15 -21.26 7.92
N ILE C 526 -13.69 -22.32 8.53
CA ILE C 526 -12.94 -23.00 9.58
C ILE C 526 -11.76 -23.76 9.01
N GLU C 527 -11.95 -24.46 7.89
CA GLU C 527 -10.90 -25.17 7.16
C GLU C 527 -9.92 -25.89 8.09
N GLY C 528 -10.47 -26.67 9.01
CA GLY C 528 -9.63 -27.43 9.93
C GLY C 528 -9.93 -27.18 11.39
N LEU C 529 -9.46 -28.08 12.25
CA LEU C 529 -9.68 -27.96 13.69
C LEU C 529 -8.67 -28.82 14.42
N LEU C 530 -8.46 -28.49 15.69
CA LEU C 530 -7.59 -29.28 16.57
C LEU C 530 -8.07 -29.06 18.00
N LEU C 531 -8.85 -30.00 18.51
CA LEU C 531 -9.33 -29.92 19.89
C LEU C 531 -8.19 -30.26 20.85
N THR C 532 -8.16 -29.56 21.99
CA THR C 532 -7.07 -29.71 22.94
C THR C 532 -7.59 -30.06 24.32
N GLU C 533 -6.72 -29.98 25.33
CA GLU C 533 -7.09 -30.37 26.67
C GLU C 533 -8.24 -29.51 27.19
N PRO C 534 -9.20 -30.09 27.90
CA PRO C 534 -10.37 -29.32 28.36
C PRO C 534 -10.19 -28.57 29.66
N GLU C 535 -9.06 -28.69 30.37
CA GLU C 535 -8.89 -27.93 31.59
C GLU C 535 -8.35 -26.53 31.28
N GLN C 536 -8.98 -25.86 30.31
CA GLN C 536 -8.73 -24.46 30.03
C GLN C 536 -9.99 -23.67 29.73
N PHE C 537 -11.13 -24.33 29.52
CA PHE C 537 -12.39 -23.68 29.18
C PHE C 537 -13.28 -23.47 30.40
N GLU C 538 -13.50 -24.53 31.19
CA GLU C 538 -14.24 -24.52 32.44
C GLU C 538 -15.68 -24.05 32.29
N GLU C 539 -16.21 -23.99 31.06
CA GLU C 539 -17.60 -23.61 30.85
C GLU C 539 -18.31 -24.44 29.79
N GLY C 540 -17.64 -25.42 29.18
CA GLY C 540 -18.28 -26.25 28.19
C GLY C 540 -18.20 -25.77 26.75
N GLU C 541 -17.26 -24.89 26.43
CA GLU C 541 -17.10 -24.47 25.03
C GLU C 541 -16.67 -25.63 24.15
N LEU C 542 -15.84 -26.53 24.69
CA LEU C 542 -15.35 -27.65 23.89
C LEU C 542 -16.48 -28.55 23.44
N GLU C 543 -17.44 -28.83 24.32
CA GLU C 543 -18.55 -29.70 23.95
C GLU C 543 -19.45 -29.06 22.91
N TYR C 544 -19.61 -27.74 22.96
CA TYR C 544 -20.43 -27.06 21.96
C TYR C 544 -19.77 -27.07 20.60
N MET C 545 -18.44 -26.99 20.54
CA MET C 545 -17.76 -26.87 19.26
C MET C 545 -18.00 -28.10 18.38
N TYR C 546 -17.98 -29.29 18.96
CA TYR C 546 -18.20 -30.52 18.22
C TYR C 546 -19.64 -31.00 18.32
N SER C 547 -20.54 -30.17 18.85
CA SER C 547 -21.95 -30.52 18.93
C SER C 547 -22.57 -30.63 17.53
N ALA C 548 -23.77 -31.19 17.48
CA ALA C 548 -24.42 -31.46 16.20
C ALA C 548 -24.74 -30.18 15.45
N GLU C 549 -25.41 -29.22 16.12
CA GLU C 549 -25.87 -28.02 15.41
C GLU C 549 -24.72 -27.09 15.06
N ALA C 550 -23.61 -27.14 15.78
CA ALA C 550 -22.48 -26.28 15.46
C ALA C 550 -21.83 -26.70 14.14
N LEU C 551 -21.77 -28.01 13.89
CA LEU C 551 -21.09 -28.52 12.69
C LEU C 551 -21.90 -28.32 11.42
N LYS C 552 -23.19 -28.02 11.53
CA LYS C 552 -23.98 -27.78 10.33
C LYS C 552 -23.72 -26.40 9.73
N LYS C 553 -23.14 -25.48 10.50
CA LYS C 553 -22.86 -24.14 10.00
C LYS C 553 -21.58 -24.08 9.18
N THR C 554 -20.74 -25.11 9.24
CA THR C 554 -19.52 -25.17 8.45
C THR C 554 -19.72 -26.11 7.27
N ARG C 555 -19.21 -25.70 6.11
CA ARG C 555 -19.35 -26.48 4.89
C ARG C 555 -18.03 -26.91 4.29
N ARG C 556 -16.93 -26.23 4.58
CA ARG C 556 -15.60 -26.63 4.13
C ARG C 556 -14.80 -27.08 5.36
N LEU C 557 -14.47 -28.37 5.40
CA LEU C 557 -13.76 -28.95 6.54
C LEU C 557 -12.99 -30.16 6.06
N ARG C 558 -11.67 -30.13 6.24
CA ARG C 558 -10.79 -31.20 5.79
C ARG C 558 -10.12 -31.95 6.93
N ILE C 559 -9.61 -31.25 7.93
CA ILE C 559 -8.84 -31.84 9.02
C ILE C 559 -9.59 -31.60 10.32
N LEU C 560 -9.78 -32.66 11.10
CA LEU C 560 -10.41 -32.55 12.41
C LEU C 560 -9.73 -33.54 13.34
N VAL C 561 -9.11 -33.04 14.40
CA VAL C 561 -8.35 -33.85 15.34
C VAL C 561 -8.86 -33.59 16.75
N LYS C 562 -9.13 -34.66 17.49
CA LYS C 562 -9.60 -34.59 18.87
C LYS C 562 -8.73 -35.52 19.71
N GLU C 563 -7.77 -34.94 20.44
CA GLU C 563 -6.77 -35.72 21.18
C GLU C 563 -6.77 -35.31 22.65
N TYR C 564 -7.64 -35.94 23.43
CA TYR C 564 -7.63 -35.83 24.89
C TYR C 564 -8.50 -36.94 25.45
N TYR C 565 -8.03 -37.60 26.50
CA TYR C 565 -8.76 -38.74 27.03
C TYR C 565 -10.08 -38.31 27.65
N ASN C 566 -11.09 -39.16 27.49
CA ASN C 566 -12.44 -38.84 27.92
C ASN C 566 -12.52 -38.90 29.44
N ARG C 567 -12.88 -37.78 30.06
CA ARG C 567 -12.99 -37.74 31.52
C ARG C 567 -14.25 -38.45 32.00
N GLY C 568 -15.31 -38.46 31.19
CA GLY C 568 -16.59 -38.98 31.61
C GLY C 568 -17.65 -37.90 31.55
N PHE C 569 -17.37 -36.86 30.77
CA PHE C 569 -18.24 -35.70 30.64
C PHE C 569 -18.37 -35.31 29.17
N ASP C 570 -18.54 -36.30 28.30
CA ASP C 570 -18.65 -36.10 26.86
C ASP C 570 -20.07 -36.40 26.40
N GLU C 571 -20.34 -36.06 25.15
CA GLU C 571 -21.66 -36.23 24.56
C GLU C 571 -21.55 -36.93 23.21
N PRO C 572 -22.58 -37.67 22.81
CA PRO C 572 -22.56 -38.33 21.49
C PRO C 572 -22.59 -37.32 20.35
N VAL C 573 -22.00 -37.72 19.24
CA VAL C 573 -21.90 -36.89 18.04
C VAL C 573 -22.95 -37.33 17.04
N ALA C 574 -23.49 -36.38 16.28
CA ALA C 574 -24.57 -36.65 15.36
C ALA C 574 -24.24 -36.37 13.91
N TYR C 575 -23.72 -35.17 13.60
CA TYR C 575 -23.63 -34.77 12.19
C TYR C 575 -22.46 -35.46 11.49
N LEU C 576 -21.22 -35.15 11.91
CA LEU C 576 -20.02 -35.60 11.20
C LEU C 576 -20.13 -35.23 9.72
N PRO C 577 -19.89 -33.95 9.37
CA PRO C 577 -20.27 -33.46 8.04
C PRO C 577 -19.62 -34.25 6.91
N ASN C 578 -20.19 -34.11 5.72
CA ASN C 578 -19.81 -34.91 4.57
C ASN C 578 -18.71 -34.24 3.74
N SER C 579 -17.64 -33.80 4.40
CA SER C 579 -16.52 -33.21 3.68
C SER C 579 -15.15 -33.54 4.25
N LEU C 580 -15.07 -34.36 5.30
CA LEU C 580 -13.79 -34.58 5.96
C LEU C 580 -12.85 -35.41 5.09
N LEU C 581 -11.55 -35.17 5.29
CA LEU C 581 -10.50 -35.94 4.67
C LEU C 581 -9.57 -36.61 5.68
N TRP C 582 -9.51 -36.11 6.91
CA TRP C 582 -8.66 -36.66 7.96
C TRP C 582 -9.44 -36.68 9.25
N LEU C 583 -9.51 -37.85 9.88
CA LEU C 583 -10.28 -38.05 11.10
C LEU C 583 -9.39 -38.63 12.19
N GLU C 584 -9.45 -38.04 13.37
CA GLU C 584 -8.74 -38.55 14.54
C GLU C 584 -9.59 -38.27 15.77
N TRP C 585 -10.04 -39.33 16.44
CA TRP C 585 -10.91 -39.19 17.59
C TRP C 585 -10.40 -40.08 18.72
N ARG C 586 -10.49 -39.56 19.94
CA ARG C 586 -10.20 -40.34 21.15
C ARG C 586 -11.41 -41.18 21.50
N ASN C 587 -11.45 -41.68 22.73
CA ASN C 587 -12.55 -42.51 23.23
C ASN C 587 -13.91 -42.02 22.72
N TYR C 588 -14.66 -42.94 22.13
CA TYR C 588 -15.90 -42.65 21.43
C TYR C 588 -17.08 -42.95 22.35
N SER C 589 -17.91 -41.93 22.59
CA SER C 589 -19.08 -42.11 23.43
C SER C 589 -20.20 -42.82 22.67
N SER C 590 -20.36 -42.51 21.39
CA SER C 590 -21.45 -43.08 20.61
C SER C 590 -21.20 -44.56 20.34
N ASN C 591 -22.29 -45.27 20.03
CA ASN C 591 -22.19 -46.70 19.76
C ASN C 591 -21.52 -46.97 18.42
N SER C 592 -21.90 -46.23 17.39
CA SER C 592 -21.37 -46.44 16.05
C SER C 592 -21.52 -45.15 15.26
N PHE C 593 -21.03 -45.17 14.03
CA PHE C 593 -21.10 -44.01 13.16
C PHE C 593 -22.55 -43.70 12.80
N PRO C 594 -22.89 -42.43 12.60
CA PRO C 594 -24.24 -42.08 12.18
C PRO C 594 -24.54 -42.62 10.78
N SER C 595 -25.82 -42.94 10.56
CA SER C 595 -26.24 -43.50 9.28
C SER C 595 -26.26 -42.46 8.17
N ASN C 596 -26.13 -41.17 8.49
CA ASN C 596 -26.10 -40.12 7.49
C ASN C 596 -24.69 -39.78 7.02
N PHE C 597 -23.71 -40.60 7.37
CA PHE C 597 -22.32 -40.33 7.02
C PHE C 597 -21.95 -41.05 5.73
N GLU C 598 -21.35 -40.31 4.82
CA GLU C 598 -20.68 -40.81 3.64
C GLU C 598 -19.18 -40.56 3.78
N PRO C 599 -18.33 -41.49 3.36
CA PRO C 599 -16.89 -41.27 3.50
C PRO C 599 -16.41 -39.98 2.87
N SER C 600 -16.96 -39.61 1.72
CA SER C 600 -16.65 -38.35 1.03
C SER C 600 -15.14 -38.22 0.80
N LYS C 601 -14.64 -39.13 -0.04
CA LYS C 601 -13.22 -39.23 -0.40
C LYS C 601 -12.31 -39.07 0.82
N LEU C 602 -12.61 -39.86 1.85
CA LEU C 602 -11.79 -39.89 3.05
C LEU C 602 -10.41 -40.45 2.72
N VAL C 603 -9.43 -40.12 3.58
CA VAL C 603 -8.05 -40.53 3.40
C VAL C 603 -7.52 -41.28 4.61
N TYR C 604 -7.64 -40.68 5.79
CA TYR C 604 -7.05 -41.21 7.01
C TYR C 604 -8.11 -41.27 8.09
N LEU C 605 -8.20 -42.40 8.78
CA LEU C 605 -9.17 -42.57 9.87
C LEU C 605 -8.64 -43.62 10.82
N THR C 606 -8.21 -43.18 12.01
CA THR C 606 -7.86 -44.08 13.10
C THR C 606 -8.63 -43.67 14.34
N MET C 607 -9.14 -44.66 15.06
CA MET C 607 -10.02 -44.45 16.20
C MET C 607 -9.43 -45.18 17.39
N LYS C 608 -8.97 -44.42 18.39
CA LYS C 608 -8.41 -45.00 19.60
C LYS C 608 -9.48 -45.33 20.63
N GLY C 609 -10.75 -45.05 20.33
CA GLY C 609 -11.81 -45.36 21.27
C GLY C 609 -12.01 -46.85 21.45
N SER C 610 -12.41 -47.23 22.66
CA SER C 610 -12.63 -48.61 23.03
C SER C 610 -14.10 -49.02 23.00
N SER C 611 -14.99 -48.13 22.58
CA SER C 611 -16.42 -48.42 22.55
C SER C 611 -16.94 -48.22 21.13
N ILE C 612 -16.83 -49.28 20.32
CA ILE C 612 -17.35 -49.31 18.97
C ILE C 612 -17.85 -50.72 18.65
N ILE C 613 -19.14 -50.84 18.35
CA ILE C 613 -19.70 -52.15 18.04
C ILE C 613 -19.35 -52.54 16.60
N GLU C 614 -19.80 -51.73 15.64
CA GLU C 614 -19.47 -51.93 14.23
C GLU C 614 -19.23 -50.59 13.57
N LEU C 615 -18.34 -50.59 12.58
CA LEU C 615 -18.01 -49.36 11.87
C LEU C 615 -19.21 -48.86 11.04
N TRP C 616 -19.83 -49.76 10.28
CA TRP C 616 -20.98 -49.40 9.46
C TRP C 616 -21.89 -50.60 9.32
N ASN C 617 -23.15 -50.34 8.98
CA ASN C 617 -24.11 -51.43 8.81
C ASN C 617 -23.87 -52.21 7.52
N GLY C 618 -23.41 -51.54 6.47
CA GLY C 618 -23.19 -52.19 5.19
C GLY C 618 -21.75 -52.07 4.72
N ALA C 619 -21.57 -51.95 3.41
CA ALA C 619 -20.24 -51.83 2.80
C ALA C 619 -20.29 -50.65 1.83
N LYS C 620 -19.75 -49.50 2.27
CA LYS C 620 -19.77 -48.30 1.46
C LYS C 620 -18.57 -48.28 0.51
N ARG C 621 -18.36 -47.16 -0.16
CA ARG C 621 -17.40 -47.08 -1.26
C ARG C 621 -15.96 -47.16 -0.74
N LEU C 622 -15.55 -46.18 0.06
CA LEU C 622 -14.17 -46.09 0.55
C LEU C 622 -13.20 -46.07 -0.62
N ALA C 623 -13.37 -45.06 -1.47
CA ALA C 623 -12.57 -44.93 -2.68
C ALA C 623 -11.09 -44.72 -2.37
N PHE C 624 -10.80 -43.90 -1.37
CA PHE C 624 -9.42 -43.61 -0.98
C PHE C 624 -9.20 -43.92 0.49
N LEU C 625 -7.99 -44.39 0.80
CA LEU C 625 -7.61 -44.70 2.18
C LEU C 625 -6.11 -44.49 2.38
N ASP D 189 17.55 -19.03 -30.24
CA ASP D 189 18.45 -18.58 -31.30
C ASP D 189 17.69 -17.85 -32.39
N LEU D 190 16.70 -17.06 -31.97
CA LEU D 190 15.86 -16.27 -32.87
C LEU D 190 15.26 -17.13 -33.99
N VAL D 191 14.33 -17.98 -33.58
CA VAL D 191 13.65 -18.87 -34.52
C VAL D 191 12.50 -18.11 -35.18
N GLY D 192 12.40 -18.26 -36.50
CA GLY D 192 11.32 -17.62 -37.23
C GLY D 192 11.44 -16.13 -37.40
N ILE D 193 12.60 -15.56 -37.06
CA ILE D 193 12.76 -14.11 -37.11
C ILE D 193 13.17 -13.63 -38.50
N GLU D 194 13.95 -14.42 -39.24
CA GLU D 194 14.48 -13.99 -40.54
C GLU D 194 13.36 -13.55 -41.49
N SER D 195 12.18 -14.15 -41.37
CA SER D 195 11.04 -13.75 -42.18
C SER D 195 10.53 -12.35 -41.83
N GLN D 196 10.97 -11.77 -40.72
CA GLN D 196 10.49 -10.47 -40.28
C GLN D 196 11.37 -9.30 -40.71
N ILE D 197 12.68 -9.51 -40.82
CA ILE D 197 13.56 -8.42 -41.24
C ILE D 197 13.16 -7.92 -42.62
N LYS D 198 12.77 -8.83 -43.51
CA LYS D 198 12.31 -8.41 -44.83
C LYS D 198 11.07 -7.54 -44.74
N LYS D 199 10.12 -7.92 -43.87
CA LYS D 199 8.89 -7.14 -43.74
C LYS D 199 9.16 -5.75 -43.17
N LEU D 200 9.99 -5.65 -42.13
CA LEU D 200 10.32 -4.35 -41.57
C LEU D 200 11.12 -3.51 -42.56
N SER D 201 12.07 -4.14 -43.27
CA SER D 201 12.91 -3.39 -44.21
C SER D 201 12.07 -2.81 -45.35
N SER D 202 11.10 -3.58 -45.80
CA SER D 202 10.22 -3.17 -46.88
C SER D 202 9.40 -1.93 -46.52
N LEU D 203 8.97 -1.82 -45.26
CA LEU D 203 8.16 -0.66 -44.88
C LEU D 203 8.90 0.67 -44.98
N LEU D 204 10.12 0.73 -44.45
CA LEU D 204 10.91 1.96 -44.52
C LEU D 204 11.33 2.27 -45.96
N ARG D 205 11.78 1.19 -46.61
CA ARG D 205 12.27 1.01 -47.99
C ARG D 205 13.78 1.28 -48.13
N MET D 206 14.32 2.05 -47.19
CA MET D 206 15.74 2.42 -47.07
C MET D 206 16.36 3.30 -48.17
N ASP D 207 15.52 3.85 -49.05
CA ASP D 207 16.01 4.70 -50.12
C ASP D 207 15.35 6.07 -50.18
N LEU D 208 14.36 6.28 -49.31
CA LEU D 208 13.65 7.56 -49.28
C LEU D 208 14.42 8.62 -48.52
N LYS D 209 14.06 9.87 -48.76
CA LYS D 209 14.70 11.01 -48.10
C LYS D 209 13.81 11.59 -47.01
N GLY D 210 14.44 12.17 -46.00
CA GLY D 210 13.73 12.78 -44.90
C GLY D 210 13.70 11.89 -43.67
N VAL D 211 12.62 11.95 -42.90
CA VAL D 211 12.44 11.11 -41.73
C VAL D 211 11.10 10.37 -41.84
N ARG D 212 11.10 9.09 -41.47
CA ARG D 212 9.90 8.27 -41.48
C ARG D 212 9.74 7.60 -40.13
N LEU D 213 8.52 7.59 -39.61
CA LEU D 213 8.22 6.98 -38.33
C LEU D 213 7.44 5.69 -38.56
N VAL D 214 7.92 4.59 -37.98
CA VAL D 214 7.29 3.28 -38.08
C VAL D 214 6.96 2.79 -36.68
N GLY D 215 5.73 2.30 -36.51
CA GLY D 215 5.26 1.84 -35.23
C GLY D 215 4.99 0.34 -35.20
N ILE D 216 5.68 -0.38 -34.33
CA ILE D 216 5.49 -1.81 -34.18
C ILE D 216 4.50 -2.04 -33.04
N TRP D 217 3.36 -2.62 -33.37
CA TRP D 217 2.27 -2.85 -32.41
C TRP D 217 2.08 -4.34 -32.22
N GLY D 218 2.09 -4.77 -30.96
CA GLY D 218 2.00 -6.19 -30.66
C GLY D 218 0.84 -6.56 -29.75
N MET D 219 1.05 -7.58 -28.92
CA MET D 219 0.00 -8.11 -28.04
C MET D 219 0.36 -8.09 -26.57
N GLY D 220 1.60 -7.77 -26.21
CA GLY D 220 1.98 -7.83 -24.82
C GLY D 220 2.62 -9.16 -24.42
N GLY D 221 3.67 -9.53 -25.13
CA GLY D 221 4.34 -10.80 -24.88
C GLY D 221 4.85 -11.44 -26.15
N VAL D 222 4.22 -11.12 -27.29
CA VAL D 222 4.74 -11.57 -28.57
C VAL D 222 6.04 -10.82 -28.88
N GLY D 223 6.86 -11.42 -29.74
CA GLY D 223 8.14 -10.85 -30.03
C GLY D 223 8.08 -9.47 -30.65
N LYS D 224 8.43 -8.45 -29.85
CA LYS D 224 8.43 -7.06 -30.29
C LYS D 224 9.83 -6.46 -30.14
N THR D 225 10.38 -6.52 -28.93
CA THR D 225 11.73 -6.00 -28.68
C THR D 225 12.77 -6.79 -29.46
N THR D 226 12.60 -8.10 -29.54
CA THR D 226 13.57 -8.91 -30.28
C THR D 226 13.57 -8.55 -31.76
N ALA D 227 12.39 -8.30 -32.33
CA ALA D 227 12.33 -7.87 -33.72
C ALA D 227 13.01 -6.52 -33.91
N ALA D 228 12.75 -5.58 -32.99
CA ALA D 228 13.40 -4.27 -33.07
C ALA D 228 14.91 -4.41 -32.94
N ARG D 229 15.36 -5.30 -32.05
CA ARG D 229 16.79 -5.52 -31.88
C ARG D 229 17.41 -6.13 -33.13
N ALA D 230 16.71 -7.05 -33.79
CA ALA D 230 17.23 -7.64 -35.02
C ALA D 230 17.41 -6.58 -36.10
N LEU D 231 16.41 -5.72 -36.30
CA LEU D 231 16.54 -4.64 -37.26
C LEU D 231 17.68 -3.71 -36.89
N PHE D 232 17.80 -3.37 -35.60
CA PHE D 232 18.89 -2.51 -35.17
C PHE D 232 20.23 -3.15 -35.48
N ASN D 233 20.42 -4.41 -35.09
CA ASN D 233 21.69 -5.06 -35.29
C ASN D 233 22.03 -5.25 -36.76
N ARG D 234 21.04 -5.21 -37.65
CA ARG D 234 21.34 -5.38 -39.06
C ARG D 234 21.64 -4.06 -39.76
N TYR D 235 20.96 -2.96 -39.40
CA TYR D 235 21.12 -1.70 -40.10
C TYR D 235 21.78 -0.60 -39.27
N TYR D 236 22.44 -0.94 -38.17
CA TYR D 236 23.01 0.12 -37.34
C TYR D 236 24.28 0.72 -37.93
N GLN D 237 24.90 0.08 -38.92
CA GLN D 237 26.13 0.59 -39.50
C GLN D 237 25.90 1.63 -40.58
N ASN D 238 24.67 1.76 -41.10
CA ASN D 238 24.40 2.68 -42.18
C ASN D 238 24.38 4.13 -41.74
N PHE D 239 24.14 4.40 -40.46
CA PHE D 239 23.95 5.75 -39.96
C PHE D 239 25.16 6.20 -39.14
N GLU D 240 25.25 7.52 -38.97
CA GLU D 240 26.36 8.08 -38.21
C GLU D 240 26.33 7.63 -36.75
N SER D 241 25.14 7.65 -36.14
CA SER D 241 24.97 7.28 -34.74
C SER D 241 23.62 6.61 -34.59
N ALA D 242 23.51 5.79 -33.54
CA ALA D 242 22.26 5.07 -33.29
C ALA D 242 22.15 4.81 -31.79
N CYS D 243 20.91 4.60 -31.34
CA CYS D 243 20.64 4.38 -29.93
C CYS D 243 19.45 3.43 -29.80
N PHE D 244 19.39 2.76 -28.64
CA PHE D 244 18.35 1.77 -28.38
C PHE D 244 18.05 1.77 -26.90
N LEU D 245 16.76 1.76 -26.54
CA LEU D 245 16.31 1.75 -25.16
C LEU D 245 15.41 0.55 -24.92
N GLU D 246 15.33 0.12 -23.66
CA GLU D 246 14.39 -0.91 -23.24
C GLU D 246 13.52 -0.38 -22.11
N ASP D 247 12.22 -0.62 -22.22
CA ASP D 247 11.28 -0.44 -21.12
C ASP D 247 11.39 0.96 -20.50
N VAL D 248 11.00 1.94 -21.32
CA VAL D 248 10.99 3.32 -20.86
C VAL D 248 10.09 3.46 -19.64
N LYS D 249 9.04 2.63 -19.55
CA LYS D 249 8.16 2.65 -18.37
C LYS D 249 8.96 2.43 -17.09
N GLU D 250 9.76 1.35 -17.04
CA GLU D 250 10.57 1.09 -15.86
C GLU D 250 11.60 2.19 -15.65
N TYR D 251 12.14 2.75 -16.74
CA TYR D 251 13.16 3.79 -16.60
C TYR D 251 12.60 5.00 -15.87
N LEU D 252 11.37 5.40 -16.18
CA LEU D 252 10.76 6.49 -15.42
C LEU D 252 10.27 6.04 -14.04
N GLN D 253 10.05 4.74 -13.84
CA GLN D 253 9.78 4.28 -12.47
C GLN D 253 11.01 4.35 -11.59
N HIS D 254 12.20 4.44 -12.17
CA HIS D 254 13.42 4.61 -11.39
C HIS D 254 14.08 5.96 -11.55
N HIS D 255 13.88 6.63 -12.69
CA HIS D 255 14.51 7.92 -12.95
C HIS D 255 13.47 8.96 -13.35
N THR D 256 13.93 10.12 -13.79
CA THR D 256 13.06 11.21 -14.22
C THR D 256 13.14 11.34 -15.73
N LEU D 257 12.05 11.85 -16.33
CA LEU D 257 12.00 11.98 -17.78
C LEU D 257 13.11 12.87 -18.30
N LEU D 258 13.45 13.93 -17.56
CA LEU D 258 14.54 14.81 -17.96
C LEU D 258 15.85 14.04 -18.05
N TYR D 259 16.12 13.17 -17.08
CA TYR D 259 17.33 12.37 -17.11
C TYR D 259 17.35 11.43 -18.32
N LEU D 260 16.21 10.83 -18.64
CA LEU D 260 16.14 9.90 -19.76
C LEU D 260 16.57 10.57 -21.06
N GLN D 261 15.97 11.73 -21.37
CA GLN D 261 16.36 12.43 -22.59
C GLN D 261 17.75 13.02 -22.49
N LYS D 262 18.27 13.21 -21.28
CA LYS D 262 19.66 13.61 -21.13
C LYS D 262 20.61 12.52 -21.62
N THR D 263 20.30 11.26 -21.30
CA THR D 263 21.15 10.17 -21.76
C THR D 263 21.05 9.96 -23.26
N LEU D 264 19.88 10.21 -23.86
CA LEU D 264 19.71 9.98 -25.28
C LEU D 264 20.63 10.87 -26.10
N LEU D 265 20.74 12.15 -25.73
CA LEU D 265 21.66 13.04 -26.43
C LEU D 265 23.10 12.60 -26.23
N SER D 266 23.46 12.20 -25.01
CA SER D 266 24.82 11.76 -24.73
C SER D 266 25.14 10.40 -25.33
N LYS D 267 24.14 9.69 -25.86
CA LYS D 267 24.40 8.43 -26.54
C LYS D 267 24.66 8.62 -28.03
N LEU D 268 23.89 9.51 -28.68
CA LEU D 268 24.12 9.79 -30.09
C LEU D 268 25.49 10.41 -30.30
N LEU D 269 25.86 11.32 -29.40
CA LEU D 269 27.16 11.98 -29.46
C LEU D 269 28.01 11.45 -28.31
N LYS D 270 29.32 11.67 -28.38
CA LYS D 270 30.23 11.19 -27.34
C LYS D 270 30.45 12.19 -26.20
N VAL D 271 29.80 13.34 -26.29
CA VAL D 271 29.91 14.38 -25.28
C VAL D 271 29.30 13.98 -23.94
N GLU D 272 29.74 14.63 -22.86
CA GLU D 272 29.24 14.34 -21.52
C GLU D 272 27.89 15.03 -21.30
N PHE D 273 27.22 14.67 -20.21
CA PHE D 273 25.92 15.26 -19.89
C PHE D 273 26.01 16.77 -19.81
N VAL D 274 25.03 17.44 -20.42
CA VAL D 274 24.95 18.89 -20.41
C VAL D 274 23.88 19.30 -19.39
N ASP D 275 24.21 20.27 -18.54
CA ASP D 275 23.29 20.66 -17.49
C ASP D 275 22.09 21.43 -18.05
N CYS D 276 20.90 21.01 -17.63
CA CYS D 276 19.65 21.68 -18.01
C CYS D 276 18.60 21.26 -16.99
N THR D 277 18.16 22.21 -16.16
CA THR D 277 17.15 21.93 -15.17
C THR D 277 15.72 22.11 -15.70
N ASP D 278 15.57 22.51 -16.95
CA ASP D 278 14.26 22.66 -17.59
C ASP D 278 14.21 21.76 -18.81
N THR D 279 13.10 21.03 -18.95
CA THR D 279 12.98 20.09 -20.06
C THR D 279 12.95 20.81 -21.40
N GLU D 280 12.31 21.97 -21.46
CA GLU D 280 12.12 22.66 -22.74
C GLU D 280 13.44 23.12 -23.33
N GLU D 281 14.37 23.62 -22.49
CA GLU D 281 15.70 23.93 -23.00
C GLU D 281 16.35 22.70 -23.61
N MET D 282 16.12 21.53 -23.01
CA MET D 282 16.70 20.32 -23.57
C MET D 282 16.11 19.97 -24.92
N CYS D 283 14.78 20.13 -25.08
CA CYS D 283 14.17 19.87 -26.37
C CYS D 283 14.72 20.81 -27.44
N VAL D 284 14.87 22.10 -27.10
CA VAL D 284 15.46 23.04 -28.04
C VAL D 284 16.91 22.68 -28.33
N ILE D 285 17.63 22.16 -27.32
CA ILE D 285 19.02 21.77 -27.53
C ILE D 285 19.11 20.60 -28.51
N LEU D 286 18.23 19.61 -28.37
CA LEU D 286 18.22 18.50 -29.34
C LEU D 286 17.97 19.02 -30.74
N LYS D 287 16.98 19.91 -30.89
CA LYS D 287 16.69 20.48 -32.20
C LYS D 287 17.88 21.26 -32.75
N ARG D 288 18.55 22.03 -31.89
CA ARG D 288 19.62 22.89 -32.36
C ARG D 288 20.90 22.12 -32.66
N ARG D 289 21.16 21.02 -31.94
CA ARG D 289 22.44 20.35 -32.04
C ARG D 289 22.42 19.21 -33.07
N LEU D 290 21.44 18.31 -32.99
CA LEU D 290 21.47 17.09 -33.78
C LEU D 290 20.58 17.16 -35.02
N CYS D 291 20.12 18.35 -35.40
CA CYS D 291 19.27 18.48 -36.59
C CYS D 291 20.03 18.07 -37.84
N SER D 292 21.29 18.48 -37.97
CA SER D 292 22.06 18.23 -39.18
C SER D 292 22.84 16.91 -39.10
N LYS D 293 22.14 15.84 -38.76
CA LYS D 293 22.73 14.51 -38.69
C LYS D 293 21.64 13.48 -38.95
N LYS D 294 22.06 12.30 -39.41
CA LYS D 294 21.16 11.19 -39.65
C LYS D 294 21.40 10.12 -38.59
N VAL D 295 20.33 9.76 -37.87
CA VAL D 295 20.44 8.85 -36.74
C VAL D 295 19.29 7.85 -36.81
N LEU D 296 19.45 6.74 -36.08
CA LEU D 296 18.41 5.75 -35.90
C LEU D 296 18.12 5.65 -34.41
N VAL D 297 16.86 5.82 -34.02
CA VAL D 297 16.45 5.82 -32.62
C VAL D 297 15.28 4.86 -32.46
N VAL D 298 15.36 4.01 -31.44
CA VAL D 298 14.34 3.00 -31.16
C VAL D 298 13.78 3.26 -29.77
N LEU D 299 12.46 3.32 -29.67
CA LEU D 299 11.76 3.37 -28.39
C LEU D 299 11.10 2.02 -28.15
N ASP D 300 11.22 1.50 -26.93
CA ASP D 300 10.82 0.14 -26.64
C ASP D 300 9.39 0.04 -26.11
N ASP D 301 9.03 0.87 -25.13
CA ASP D 301 7.71 0.77 -24.52
C ASP D 301 7.28 2.15 -24.06
N VAL D 302 6.18 2.64 -24.63
CA VAL D 302 5.62 3.94 -24.25
C VAL D 302 4.14 3.75 -23.94
N ASN D 303 3.61 4.62 -23.09
CA ASN D 303 2.21 4.55 -22.70
C ASN D 303 1.47 5.88 -22.74
N HIS D 304 2.18 7.01 -22.76
CA HIS D 304 1.54 8.31 -22.77
C HIS D 304 2.25 9.19 -23.79
N ASN D 305 1.53 10.17 -24.32
CA ASN D 305 2.01 10.91 -25.49
C ASN D 305 3.11 11.89 -25.15
N ASP D 306 3.14 12.41 -23.92
CA ASP D 306 4.19 13.36 -23.56
C ASP D 306 5.57 12.74 -23.64
N GLN D 307 5.66 11.41 -23.49
CA GLN D 307 6.92 10.72 -23.70
C GLN D 307 7.44 10.96 -25.11
N LEU D 308 6.59 10.71 -26.11
CA LEU D 308 6.99 10.91 -27.50
C LEU D 308 7.24 12.39 -27.78
N ASP D 309 6.39 13.27 -27.24
CA ASP D 309 6.56 14.70 -27.50
C ASP D 309 7.89 15.20 -26.96
N LYS D 310 8.29 14.75 -25.77
CA LYS D 310 9.53 15.21 -25.17
C LYS D 310 10.75 14.57 -25.80
N LEU D 311 10.62 13.34 -26.34
CA LEU D 311 11.78 12.61 -26.84
C LEU D 311 11.93 12.72 -28.35
N VAL D 312 10.92 12.31 -29.11
CA VAL D 312 11.07 12.11 -30.55
C VAL D 312 9.94 12.79 -31.31
N GLY D 313 9.10 13.56 -30.60
CA GLY D 313 7.92 14.09 -31.27
C GLY D 313 8.20 15.37 -32.02
N ALA D 314 8.48 15.21 -33.31
CA ALA D 314 8.76 16.31 -34.24
C ALA D 314 8.98 15.75 -35.63
N GLU D 315 9.25 16.61 -36.61
CA GLU D 315 9.60 16.16 -37.95
C GLU D 315 10.96 16.63 -38.41
N ASP D 316 11.39 17.83 -38.03
CA ASP D 316 12.66 18.38 -38.46
C ASP D 316 13.73 18.32 -37.39
N TRP D 317 13.50 17.61 -36.29
CA TRP D 317 14.55 17.43 -35.30
C TRP D 317 15.70 16.60 -35.81
N PHE D 318 15.47 15.77 -36.82
CA PHE D 318 16.47 14.85 -37.35
C PHE D 318 16.72 15.17 -38.82
N GLY D 319 17.93 14.88 -39.27
CA GLY D 319 18.32 15.16 -40.64
C GLY D 319 17.77 14.13 -41.62
N SER D 320 18.12 14.33 -42.88
CA SER D 320 17.68 13.43 -43.94
C SER D 320 18.28 12.05 -43.75
N GLY D 321 17.47 11.02 -43.99
CA GLY D 321 17.89 9.64 -43.83
C GLY D 321 17.65 9.05 -42.47
N SER D 322 17.17 9.85 -41.50
CA SER D 322 16.92 9.33 -40.17
C SER D 322 15.71 8.41 -40.16
N ARG D 323 15.76 7.40 -39.28
CA ARG D 323 14.68 6.44 -39.11
C ARG D 323 14.28 6.41 -37.65
N ILE D 324 12.97 6.40 -37.40
CA ILE D 324 12.42 6.34 -36.05
C ILE D 324 11.57 5.09 -35.92
N VAL D 325 11.88 4.25 -34.94
CA VAL D 325 11.14 3.02 -34.67
C VAL D 325 10.56 3.14 -33.27
N ILE D 326 9.25 2.99 -33.14
CA ILE D 326 8.57 3.10 -31.85
C ILE D 326 7.77 1.84 -31.61
N THR D 327 8.12 1.11 -30.55
CA THR D 327 7.44 -0.12 -30.18
C THR D 327 6.43 0.21 -29.08
N THR D 328 5.18 -0.24 -29.25
CA THR D 328 4.16 0.03 -28.26
C THR D 328 3.07 -1.04 -28.33
N ARG D 329 2.37 -1.20 -27.21
CA ARG D 329 1.29 -2.18 -27.12
C ARG D 329 -0.02 -1.74 -27.77
N ASP D 330 -0.18 -0.45 -28.08
CA ASP D 330 -1.40 0.01 -28.74
C ASP D 330 -1.09 1.07 -29.78
N MET D 331 -1.77 0.97 -30.92
CA MET D 331 -1.52 1.88 -32.04
C MET D 331 -2.09 3.28 -31.79
N LYS D 332 -2.89 3.47 -30.74
CA LYS D 332 -3.53 4.76 -30.52
C LYS D 332 -2.49 5.87 -30.36
N LEU D 333 -1.44 5.61 -29.58
CA LEU D 333 -0.36 6.59 -29.43
C LEU D 333 0.30 6.89 -30.77
N LEU D 334 0.44 5.86 -31.62
CA LEU D 334 0.96 6.07 -32.96
C LEU D 334 0.02 6.94 -33.80
N LYS D 335 -1.28 6.74 -33.64
CA LYS D 335 -2.24 7.47 -34.46
C LYS D 335 -2.15 8.97 -34.22
N ASN D 336 -1.99 9.38 -32.95
CA ASN D 336 -1.85 10.80 -32.66
C ASN D 336 -0.59 11.39 -33.29
N HIS D 337 0.42 10.57 -33.53
CA HIS D 337 1.60 11.00 -34.27
C HIS D 337 1.41 10.72 -35.76
N ASP D 338 2.34 11.23 -36.55
CA ASP D 338 2.29 11.07 -38.01
C ASP D 338 3.07 9.84 -38.48
N VAL D 339 2.76 8.69 -37.86
CA VAL D 339 3.43 7.45 -38.25
C VAL D 339 2.99 7.06 -39.65
N HIS D 340 3.97 6.83 -40.51
CA HIS D 340 3.64 6.49 -41.87
C HIS D 340 3.11 5.07 -42.00
N GLU D 341 3.81 4.12 -41.38
CA GLU D 341 3.46 2.71 -41.50
C GLU D 341 3.44 2.06 -40.13
N THR D 342 2.67 0.98 -40.03
CA THR D 342 2.57 0.20 -38.81
C THR D 342 2.61 -1.28 -39.15
N TYR D 343 3.09 -2.08 -38.21
CA TYR D 343 3.18 -3.53 -38.38
C TYR D 343 2.65 -4.19 -37.12
N GLU D 344 1.71 -5.11 -37.28
CA GLU D 344 1.15 -5.89 -36.19
C GLU D 344 1.76 -7.28 -36.23
N ILE D 345 2.32 -7.72 -35.10
CA ILE D 345 3.03 -8.99 -35.01
C ILE D 345 2.12 -10.01 -34.33
N LYS D 346 1.91 -11.13 -35.01
CA LYS D 346 1.01 -12.18 -34.53
C LYS D 346 1.80 -13.25 -33.79
N VAL D 347 1.06 -14.19 -33.21
CA VAL D 347 1.65 -15.28 -32.43
C VAL D 347 2.37 -16.26 -33.36
N LEU D 348 3.18 -17.13 -32.78
CA LEU D 348 3.93 -18.10 -33.56
C LEU D 348 3.02 -19.23 -34.03
N GLU D 349 3.49 -19.98 -35.02
CA GLU D 349 2.73 -21.09 -35.58
C GLU D 349 3.10 -22.39 -34.85
N LYS D 350 2.48 -23.49 -35.29
CA LYS D 350 2.67 -24.77 -34.62
C LYS D 350 4.13 -25.23 -34.71
N ASP D 351 4.70 -25.21 -35.92
CA ASP D 351 6.07 -25.65 -36.09
C ASP D 351 7.03 -24.76 -35.30
N GLU D 352 6.84 -23.44 -35.39
CA GLU D 352 7.75 -22.52 -34.73
C GLU D 352 7.64 -22.63 -33.21
N ALA D 353 6.42 -22.79 -32.69
CA ALA D 353 6.25 -22.96 -31.25
C ALA D 353 6.93 -24.23 -30.77
N ILE D 354 6.78 -25.32 -31.51
CA ILE D 354 7.43 -26.57 -31.13
C ILE D 354 8.94 -26.42 -31.15
N GLU D 355 9.48 -25.77 -32.18
CA GLU D 355 10.93 -25.59 -32.28
C GLU D 355 11.46 -24.75 -31.12
N LEU D 356 10.77 -23.67 -30.78
CA LEU D 356 11.25 -22.80 -29.70
C LEU D 356 11.18 -23.52 -28.35
N PHE D 357 10.07 -24.22 -28.08
CA PHE D 357 9.96 -24.94 -26.82
C PHE D 357 11.02 -26.03 -26.73
N ASN D 358 11.26 -26.75 -27.83
CA ASN D 358 12.30 -27.78 -27.81
C ASN D 358 13.67 -27.17 -27.57
N LEU D 359 13.91 -25.99 -28.12
CA LEU D 359 15.19 -25.31 -27.88
C LEU D 359 15.35 -24.94 -26.41
N HIS D 360 14.28 -24.46 -25.77
CA HIS D 360 14.38 -24.04 -24.38
C HIS D 360 14.48 -25.24 -23.44
N ALA D 361 13.64 -26.26 -23.65
CA ALA D 361 13.64 -27.40 -22.74
C ALA D 361 14.87 -28.28 -22.95
N PHE D 362 15.26 -28.50 -24.21
CA PHE D 362 16.43 -29.32 -24.54
C PHE D 362 17.30 -28.52 -25.50
N LYS D 363 18.19 -27.69 -24.95
CA LYS D 363 19.00 -26.83 -25.79
C LYS D 363 19.98 -27.61 -26.66
N ARG D 364 20.60 -28.66 -26.11
CA ARG D 364 21.47 -29.53 -26.89
C ARG D 364 20.82 -30.87 -27.24
N SER D 365 20.21 -31.54 -26.26
CA SER D 365 19.73 -32.90 -26.46
C SER D 365 18.39 -32.89 -27.18
N SER D 366 17.78 -34.07 -27.31
CA SER D 366 16.50 -34.28 -27.96
C SER D 366 15.60 -35.10 -27.06
N PRO D 367 14.27 -34.96 -27.18
CA PRO D 367 13.37 -35.76 -26.35
C PRO D 367 13.57 -37.25 -26.56
N GLU D 368 13.44 -38.01 -25.47
CA GLU D 368 13.74 -39.44 -25.50
C GLU D 368 12.57 -40.26 -26.04
N LYS D 369 12.07 -39.89 -27.22
CA LYS D 369 10.99 -40.61 -27.93
C LYS D 369 9.82 -40.98 -27.02
N GLU D 370 9.55 -40.15 -26.01
CA GLU D 370 8.36 -40.36 -25.18
C GLU D 370 7.67 -39.07 -24.77
N PHE D 371 8.11 -37.91 -25.25
CA PHE D 371 7.54 -36.62 -24.86
C PHE D 371 6.68 -35.98 -25.94
N LYS D 372 6.45 -36.67 -27.06
CA LYS D 372 5.74 -36.04 -28.18
C LYS D 372 4.29 -35.72 -27.82
N GLU D 373 3.59 -36.64 -27.16
CA GLU D 373 2.21 -36.35 -26.74
C GLU D 373 2.19 -35.20 -25.74
N LEU D 374 3.11 -35.21 -24.78
CA LEU D 374 3.19 -34.11 -23.81
C LEU D 374 3.60 -32.81 -24.51
N LEU D 375 4.47 -32.90 -25.51
CA LEU D 375 4.86 -31.72 -26.28
C LEU D 375 3.65 -31.08 -26.95
N ASN D 376 2.82 -31.91 -27.59
CA ASN D 376 1.64 -31.39 -28.28
C ASN D 376 0.67 -30.76 -27.28
N LEU D 377 0.43 -31.41 -26.15
CA LEU D 377 -0.49 -30.85 -25.17
C LEU D 377 0.00 -29.51 -24.63
N VAL D 378 1.29 -29.42 -24.29
CA VAL D 378 1.82 -28.18 -23.71
C VAL D 378 1.75 -27.05 -24.72
N VAL D 379 2.19 -27.31 -25.95
CA VAL D 379 2.20 -26.25 -26.96
C VAL D 379 0.77 -25.83 -27.30
N ASP D 380 -0.15 -26.78 -27.34
CA ASP D 380 -1.55 -26.45 -27.61
C ASP D 380 -2.13 -25.59 -26.48
N TYR D 381 -1.67 -25.80 -25.25
CA TYR D 381 -2.16 -25.01 -24.13
C TYR D 381 -1.82 -23.53 -24.31
N THR D 382 -0.61 -23.22 -24.76
CA THR D 382 -0.20 -21.83 -24.94
C THR D 382 -0.80 -21.24 -26.21
N GLY D 383 -0.54 -21.87 -27.36
CA GLY D 383 -1.01 -21.36 -28.62
C GLY D 383 -0.29 -20.09 -29.03
N GLY D 384 0.99 -20.20 -29.35
CA GLY D 384 1.79 -19.03 -29.65
C GLY D 384 2.30 -18.37 -28.37
N LEU D 385 2.45 -17.04 -28.45
CA LEU D 385 2.91 -16.24 -27.32
C LEU D 385 4.23 -16.79 -26.80
N PRO D 386 5.34 -16.53 -27.50
CA PRO D 386 6.63 -17.15 -27.12
C PRO D 386 7.05 -16.91 -25.68
N LEU D 387 6.49 -15.91 -25.00
CA LEU D 387 6.80 -15.71 -23.59
C LEU D 387 6.36 -16.91 -22.75
N ALA D 388 5.17 -17.44 -23.04
CA ALA D 388 4.70 -18.62 -22.33
C ALA D 388 5.60 -19.83 -22.60
N LEU D 389 6.06 -19.96 -23.84
CA LEU D 389 6.99 -21.05 -24.17
C LEU D 389 8.29 -20.90 -23.40
N LYS D 390 8.80 -19.67 -23.27
CA LYS D 390 10.02 -19.46 -22.50
C LYS D 390 9.82 -19.81 -21.03
N VAL D 391 8.68 -19.42 -20.47
CA VAL D 391 8.42 -19.68 -19.05
C VAL D 391 8.31 -21.18 -18.80
N LEU D 392 7.54 -21.89 -19.63
CA LEU D 392 7.36 -23.32 -19.42
C LEU D 392 8.60 -24.11 -19.81
N GLY D 393 9.41 -23.60 -20.74
CA GLY D 393 10.61 -24.30 -21.13
C GLY D 393 11.63 -24.41 -20.00
N SER D 394 11.79 -23.33 -19.24
CA SER D 394 12.71 -23.34 -18.11
C SER D 394 12.17 -24.09 -16.90
N LEU D 395 10.88 -24.38 -16.87
CA LEU D 395 10.30 -25.07 -15.73
C LEU D 395 10.47 -26.58 -15.81
N LEU D 396 10.21 -27.16 -16.99
CA LEU D 396 10.33 -28.60 -17.20
C LEU D 396 11.69 -28.92 -17.81
N TYR D 397 12.75 -28.69 -17.04
CA TYR D 397 14.12 -28.87 -17.50
C TYR D 397 14.83 -29.84 -16.57
N LYS D 398 15.36 -30.93 -17.14
CA LYS D 398 15.84 -32.10 -16.40
C LYS D 398 14.85 -32.53 -15.32
N GLU D 399 13.59 -32.65 -15.73
CA GLU D 399 12.53 -33.12 -14.85
C GLU D 399 11.97 -34.43 -15.39
N ASP D 400 11.75 -35.38 -14.50
CA ASP D 400 11.29 -36.70 -14.91
C ASP D 400 9.87 -36.65 -15.46
N LEU D 401 9.50 -37.73 -16.14
CA LEU D 401 8.17 -37.80 -16.75
C LEU D 401 7.08 -37.80 -15.69
N ASP D 402 7.37 -38.21 -14.46
CA ASP D 402 6.35 -38.27 -13.42
C ASP D 402 5.78 -36.90 -13.10
N VAL D 403 6.59 -35.84 -13.23
CA VAL D 403 6.13 -34.50 -12.89
C VAL D 403 5.44 -33.81 -14.06
N TRP D 404 5.62 -34.30 -15.28
CA TRP D 404 5.07 -33.62 -16.45
C TRP D 404 3.54 -33.65 -16.43
N ILE D 405 2.95 -34.81 -16.14
CA ILE D 405 1.49 -34.93 -16.11
C ILE D 405 0.91 -34.04 -15.02
N SER D 406 1.55 -34.02 -13.85
CA SER D 406 1.12 -33.12 -12.78
C SER D 406 1.18 -31.68 -13.23
N THR D 407 2.18 -31.32 -14.03
CA THR D 407 2.26 -29.97 -14.58
C THR D 407 1.10 -29.68 -15.50
N ILE D 408 0.69 -30.65 -16.32
CA ILE D 408 -0.44 -30.45 -17.21
C ILE D 408 -1.71 -30.20 -16.41
N ASP D 409 -1.93 -31.00 -15.36
CA ASP D 409 -3.12 -30.82 -14.54
C ASP D 409 -3.11 -29.48 -13.82
N ARG D 410 -1.96 -29.09 -13.28
CA ARG D 410 -1.86 -27.80 -12.61
C ARG D 410 -2.11 -26.65 -13.58
N LEU D 411 -1.55 -26.73 -14.79
CA LEU D 411 -1.78 -25.69 -15.79
C LEU D 411 -3.25 -25.64 -16.18
N LYS D 412 -3.92 -26.79 -16.21
CA LYS D 412 -5.35 -26.81 -16.49
C LYS D 412 -6.13 -26.06 -15.41
N ASP D 413 -5.74 -26.23 -14.15
CA ASP D 413 -6.47 -25.59 -13.06
C ASP D 413 -5.90 -24.24 -12.66
N ASN D 414 -4.56 -24.08 -12.71
CA ASN D 414 -3.97 -22.81 -12.30
C ASN D 414 -3.46 -22.04 -13.50
N PRO D 415 -3.56 -20.71 -13.47
CA PRO D 415 -3.20 -19.90 -14.64
C PRO D 415 -1.70 -19.62 -14.79
N GLU D 416 -0.85 -20.14 -13.92
CA GLU D 416 0.59 -19.93 -13.99
C GLU D 416 0.90 -18.42 -13.91
N GLY D 417 0.65 -17.89 -12.72
CA GLY D 417 0.67 -16.47 -12.45
C GLY D 417 1.83 -15.64 -12.98
N GLU D 418 2.98 -16.26 -13.23
CA GLU D 418 4.14 -15.51 -13.70
C GLU D 418 3.84 -14.80 -15.00
N ILE D 419 3.32 -15.52 -16.00
CA ILE D 419 2.91 -14.88 -17.24
C ILE D 419 1.72 -13.96 -16.99
N MET D 420 0.85 -14.33 -16.06
CA MET D 420 -0.36 -13.56 -15.82
C MET D 420 -0.04 -12.15 -15.31
N ALA D 421 1.10 -11.98 -14.65
CA ALA D 421 1.49 -10.65 -14.20
C ALA D 421 1.85 -9.75 -15.37
N THR D 422 2.62 -10.28 -16.32
CA THR D 422 2.98 -9.49 -17.50
C THR D 422 1.73 -9.10 -18.30
N LEU D 423 0.78 -10.02 -18.42
CA LEU D 423 -0.49 -9.66 -19.04
C LEU D 423 -1.28 -8.69 -18.18
N LYS D 424 -1.20 -8.82 -16.85
CA LYS D 424 -1.91 -7.93 -15.94
C LYS D 424 -1.46 -6.49 -16.09
N ILE D 425 -0.22 -6.26 -16.53
CA ILE D 425 0.27 -4.91 -16.72
C ILE D 425 -0.62 -4.15 -17.69
N SER D 426 -1.06 -4.81 -18.76
CA SER D 426 -1.92 -4.17 -19.75
C SER D 426 -3.31 -3.88 -19.19
N PHE D 427 -3.76 -4.66 -18.20
CA PHE D 427 -5.09 -4.44 -17.65
C PHE D 427 -5.20 -3.08 -16.97
N ASP D 428 -4.17 -2.70 -16.21
CA ASP D 428 -4.17 -1.39 -15.55
C ASP D 428 -4.13 -0.29 -16.61
N GLY D 429 -5.12 0.61 -16.56
CA GLY D 429 -5.24 1.64 -17.56
C GLY D 429 -6.68 1.84 -18.00
N LEU D 430 -7.44 0.76 -18.03
CA LEU D 430 -8.87 0.87 -18.32
C LEU D 430 -9.56 1.67 -17.23
N ARG D 431 -10.41 2.61 -17.63
CA ARG D 431 -10.82 3.65 -16.69
C ARG D 431 -11.96 3.19 -15.79
N ASP D 432 -13.15 3.00 -16.34
CA ASP D 432 -14.27 2.60 -15.49
C ASP D 432 -15.06 1.44 -16.05
N TYR D 433 -15.30 1.43 -17.36
CA TYR D 433 -16.21 0.48 -17.99
C TYR D 433 -15.52 -0.53 -18.87
N GLU D 434 -14.28 -0.26 -19.29
CA GLU D 434 -13.55 -1.22 -20.12
C GLU D 434 -13.26 -2.50 -19.36
N LYS D 435 -12.99 -2.38 -18.05
CA LYS D 435 -12.82 -3.57 -17.22
C LYS D 435 -14.09 -4.39 -17.17
N SER D 436 -15.25 -3.74 -17.01
CA SER D 436 -16.51 -4.46 -16.99
C SER D 436 -16.80 -5.13 -18.32
N ILE D 437 -16.51 -4.45 -19.43
CA ILE D 437 -16.71 -5.04 -20.75
C ILE D 437 -15.81 -6.26 -20.93
N PHE D 438 -14.54 -6.11 -20.58
CA PHE D 438 -13.59 -7.20 -20.73
C PHE D 438 -13.97 -8.39 -19.86
N LEU D 439 -14.38 -8.13 -18.61
CA LEU D 439 -14.78 -9.21 -17.73
C LEU D 439 -16.03 -9.92 -18.24
N ASP D 440 -16.99 -9.14 -18.77
CA ASP D 440 -18.19 -9.76 -19.34
C ASP D 440 -17.85 -10.65 -20.52
N ILE D 441 -16.96 -10.19 -21.40
CA ILE D 441 -16.61 -10.98 -22.57
C ILE D 441 -15.86 -12.24 -22.16
N ALA D 442 -14.88 -12.09 -21.27
CA ALA D 442 -14.07 -13.23 -20.87
C ALA D 442 -14.91 -14.28 -20.13
N CYS D 443 -15.79 -13.84 -19.23
CA CYS D 443 -16.51 -14.78 -18.38
C CYS D 443 -17.53 -15.59 -19.17
N PHE D 444 -18.36 -14.91 -19.98
CA PHE D 444 -19.48 -15.58 -20.63
C PHE D 444 -19.35 -15.61 -22.15
N PHE D 445 -19.22 -14.45 -22.79
CA PHE D 445 -19.39 -14.34 -24.24
C PHE D 445 -18.03 -14.14 -24.89
N ARG D 446 -17.42 -15.23 -25.36
CA ARG D 446 -16.13 -15.15 -26.04
C ARG D 446 -16.26 -15.15 -27.55
N GLY D 447 -17.06 -16.06 -28.10
CA GLY D 447 -17.22 -16.15 -29.54
C GLY D 447 -18.64 -15.90 -30.01
N TYR D 448 -19.31 -14.91 -29.43
CA TYR D 448 -20.68 -14.60 -29.78
C TYR D 448 -20.73 -13.55 -30.89
N ASN D 449 -21.95 -13.21 -31.31
CA ASN D 449 -22.14 -12.24 -32.37
C ASN D 449 -21.84 -10.84 -31.87
N GLN D 450 -21.27 -10.00 -32.74
CA GLN D 450 -20.90 -8.64 -32.35
C GLN D 450 -22.13 -7.80 -32.03
N ARG D 451 -23.14 -7.82 -32.91
CA ARG D 451 -24.24 -6.88 -32.79
C ARG D 451 -25.00 -7.06 -31.48
N ASP D 452 -25.24 -8.31 -31.07
CA ASP D 452 -25.89 -8.54 -29.78
C ASP D 452 -25.01 -8.09 -28.63
N MET D 453 -23.69 -8.23 -28.76
CA MET D 453 -22.78 -7.76 -27.72
C MET D 453 -22.87 -6.26 -27.54
N THR D 454 -22.86 -5.50 -28.64
CA THR D 454 -22.97 -4.06 -28.54
C THR D 454 -24.34 -3.64 -28.01
N ALA D 455 -25.39 -4.37 -28.39
CA ALA D 455 -26.71 -4.06 -27.86
C ALA D 455 -26.75 -4.26 -26.35
N LEU D 456 -26.18 -5.36 -25.86
CA LEU D 456 -26.13 -5.61 -24.43
C LEU D 456 -25.35 -4.52 -23.70
N PHE D 457 -24.14 -4.23 -24.20
CA PHE D 457 -23.27 -3.27 -23.51
C PHE D 457 -23.86 -1.88 -23.51
N HIS D 458 -24.50 -1.47 -24.62
CA HIS D 458 -25.14 -0.17 -24.66
C HIS D 458 -26.32 -0.11 -23.71
N ALA D 459 -27.11 -1.18 -23.64
CA ALA D 459 -28.29 -1.18 -22.78
C ALA D 459 -27.93 -1.34 -21.30
N SER D 460 -26.72 -1.78 -20.99
CA SER D 460 -26.33 -2.02 -19.60
C SER D 460 -25.62 -0.85 -18.95
N GLY D 461 -25.48 0.28 -19.66
CA GLY D 461 -24.84 1.45 -19.11
C GLY D 461 -23.42 1.68 -19.61
N PHE D 462 -22.80 0.66 -20.20
CA PHE D 462 -21.46 0.83 -20.76
C PHE D 462 -21.56 1.58 -22.09
N HIS D 463 -20.40 1.86 -22.70
CA HIS D 463 -20.33 2.60 -23.96
C HIS D 463 -19.59 1.75 -24.97
N PRO D 464 -20.29 0.93 -25.75
CA PRO D 464 -19.60 0.04 -26.71
C PRO D 464 -18.81 0.79 -27.75
N VAL D 465 -19.27 1.97 -28.18
CA VAL D 465 -18.58 2.73 -29.21
C VAL D 465 -17.17 3.09 -28.75
N LEU D 466 -17.00 3.39 -27.48
CA LEU D 466 -15.68 3.66 -26.92
C LEU D 466 -15.00 2.37 -26.44
N GLY D 467 -15.71 1.57 -25.65
CA GLY D 467 -15.08 0.45 -24.99
C GLY D 467 -14.58 -0.62 -25.96
N VAL D 468 -15.41 -0.99 -26.92
CA VAL D 468 -15.01 -2.02 -27.88
C VAL D 468 -13.85 -1.52 -28.74
N LYS D 469 -13.93 -0.27 -29.19
CA LYS D 469 -12.88 0.27 -30.05
C LYS D 469 -11.54 0.32 -29.33
N THR D 470 -11.53 0.75 -28.06
CA THR D 470 -10.26 0.86 -27.35
C THR D 470 -9.74 -0.50 -26.90
N LEU D 471 -10.63 -1.45 -26.58
CA LEU D 471 -10.17 -2.79 -26.23
C LEU D 471 -9.51 -3.46 -27.43
N VAL D 472 -10.10 -3.33 -28.61
CA VAL D 472 -9.44 -3.78 -29.83
C VAL D 472 -8.16 -2.99 -30.05
N GLU D 473 -8.18 -1.71 -29.69
CA GLU D 473 -7.01 -0.85 -29.88
C GLU D 473 -5.82 -1.32 -29.06
N LYS D 474 -6.06 -1.74 -27.82
CA LYS D 474 -4.99 -2.18 -26.93
C LYS D 474 -4.63 -3.65 -27.10
N SER D 475 -5.10 -4.28 -28.18
CA SER D 475 -4.78 -5.67 -28.50
C SER D 475 -5.15 -6.62 -27.36
N LEU D 476 -6.28 -6.36 -26.71
CA LEU D 476 -6.84 -7.33 -25.76
C LEU D 476 -7.79 -8.29 -26.45
N ILE D 477 -8.58 -7.80 -27.41
CA ILE D 477 -9.49 -8.61 -28.19
C ILE D 477 -9.30 -8.27 -29.67
N PHE D 478 -9.70 -9.19 -30.53
CA PHE D 478 -9.68 -8.97 -31.96
C PHE D 478 -10.98 -9.49 -32.57
N ILE D 479 -11.33 -8.94 -33.73
CA ILE D 479 -12.59 -9.26 -34.40
C ILE D 479 -12.28 -10.19 -35.56
N LEU D 480 -12.95 -11.34 -35.58
CA LEU D 480 -12.76 -12.34 -36.64
C LEU D 480 -14.12 -12.88 -37.04
N GLU D 481 -14.52 -12.58 -38.28
CA GLU D 481 -15.80 -13.04 -38.83
C GLU D 481 -16.97 -12.61 -37.94
N ASP D 482 -16.98 -11.33 -37.59
CA ASP D 482 -18.05 -10.71 -36.78
C ASP D 482 -18.14 -11.37 -35.41
N LYS D 483 -17.01 -11.85 -34.89
CA LYS D 483 -16.93 -12.42 -33.55
C LYS D 483 -15.92 -11.63 -32.73
N ILE D 484 -15.88 -11.93 -31.43
CA ILE D 484 -15.04 -11.19 -30.49
C ILE D 484 -14.08 -12.17 -29.82
N GLN D 485 -13.62 -13.16 -30.58
CA GLN D 485 -12.68 -14.14 -30.06
C GLN D 485 -11.41 -13.44 -29.55
N MET D 486 -10.92 -13.91 -28.41
CA MET D 486 -9.67 -13.43 -27.82
C MET D 486 -8.65 -14.57 -27.78
N HIS D 487 -7.48 -14.26 -27.22
CA HIS D 487 -6.48 -15.28 -27.00
C HIS D 487 -6.89 -16.19 -25.84
N ASP D 488 -6.38 -17.42 -25.85
CA ASP D 488 -6.74 -18.38 -24.81
C ASP D 488 -6.25 -17.93 -23.44
N LEU D 489 -5.02 -17.42 -23.37
CA LEU D 489 -4.46 -17.04 -22.07
C LEU D 489 -5.11 -15.78 -21.50
N MET D 490 -5.55 -14.87 -22.36
CA MET D 490 -6.25 -13.68 -21.88
C MET D 490 -7.58 -14.05 -21.23
N GLN D 491 -8.24 -15.10 -21.72
CA GLN D 491 -9.46 -15.57 -21.08
C GLN D 491 -9.18 -16.08 -19.67
N GLU D 492 -8.07 -16.81 -19.49
CA GLU D 492 -7.70 -17.26 -18.16
C GLU D 492 -7.35 -16.07 -17.25
N MET D 493 -6.72 -15.05 -17.83
CA MET D 493 -6.48 -13.82 -17.08
C MET D 493 -7.77 -13.22 -16.55
N GLY D 494 -8.76 -13.03 -17.43
CA GLY D 494 -10.01 -12.45 -16.99
C GLY D 494 -10.73 -13.31 -15.97
N ARG D 495 -10.71 -14.63 -16.18
CA ARG D 495 -11.37 -15.54 -15.25
C ARG D 495 -10.73 -15.48 -13.86
N GLN D 496 -9.40 -15.46 -13.81
CA GLN D 496 -8.71 -15.37 -12.53
C GLN D 496 -9.00 -14.06 -11.82
N ILE D 497 -9.00 -12.95 -12.57
CA ILE D 497 -9.30 -11.65 -11.96
C ILE D 497 -10.71 -11.64 -11.40
N ALA D 498 -11.66 -12.21 -12.15
CA ALA D 498 -13.03 -12.29 -11.65
C ALA D 498 -13.13 -13.14 -10.38
N VAL D 499 -12.32 -14.20 -10.31
CA VAL D 499 -12.36 -15.07 -9.13
C VAL D 499 -11.86 -14.33 -7.89
N GLN D 500 -10.72 -13.63 -8.01
CA GLN D 500 -10.16 -12.90 -6.87
C GLN D 500 -10.96 -11.61 -6.66
N GLU D 501 -12.06 -11.75 -5.93
CA GLU D 501 -12.93 -10.62 -5.63
C GLU D 501 -13.81 -11.00 -4.44
N SER D 502 -13.75 -10.22 -3.37
CA SER D 502 -14.52 -10.56 -2.18
C SER D 502 -16.03 -10.58 -2.43
N PRO D 503 -16.64 -9.64 -3.18
CA PRO D 503 -18.04 -9.86 -3.58
C PRO D 503 -18.10 -10.63 -4.88
N MET D 504 -18.79 -11.77 -4.88
CA MET D 504 -18.81 -12.65 -6.05
C MET D 504 -19.73 -12.02 -7.10
N ARG D 505 -19.14 -11.23 -7.99
CA ARG D 505 -19.88 -10.56 -9.04
C ARG D 505 -20.01 -11.38 -10.31
N ARG D 506 -19.33 -12.52 -10.40
CA ARG D 506 -19.36 -13.32 -11.62
C ARG D 506 -19.28 -14.79 -11.21
N ILE D 507 -20.42 -15.47 -11.21
CA ILE D 507 -20.51 -16.88 -10.84
C ILE D 507 -20.67 -17.69 -12.12
N TYR D 508 -19.64 -18.48 -12.45
CA TYR D 508 -19.70 -19.38 -13.59
C TYR D 508 -19.24 -20.77 -13.18
N ARG D 509 -18.34 -20.84 -12.19
CA ARG D 509 -17.82 -22.10 -11.72
C ARG D 509 -18.82 -22.79 -10.78
N PRO D 510 -18.82 -24.12 -10.73
CA PRO D 510 -19.84 -24.81 -9.92
C PRO D 510 -19.70 -24.61 -8.43
N GLU D 511 -18.47 -24.58 -7.91
CA GLU D 511 -18.29 -24.43 -6.47
C GLU D 511 -18.65 -23.02 -6.00
N ASP D 512 -18.47 -22.02 -6.87
CA ASP D 512 -18.89 -20.66 -6.52
C ASP D 512 -20.40 -20.58 -6.32
N VAL D 513 -21.15 -21.41 -7.05
CA VAL D 513 -22.60 -21.48 -6.85
C VAL D 513 -22.90 -21.94 -5.43
N LYS D 514 -22.15 -22.94 -4.93
CA LYS D 514 -22.32 -23.37 -3.55
C LYS D 514 -22.00 -22.24 -2.58
N ASP D 515 -20.91 -21.51 -2.83
CA ASP D 515 -20.55 -20.41 -1.94
C ASP D 515 -21.57 -19.27 -1.98
N ALA D 516 -22.36 -19.18 -3.05
CA ALA D 516 -23.34 -18.12 -3.18
C ALA D 516 -24.66 -18.42 -2.47
N CYS D 517 -24.79 -19.58 -1.84
CA CYS D 517 -26.01 -19.95 -1.14
C CYS D 517 -25.99 -19.56 0.33
N ILE D 518 -24.98 -18.81 0.77
CA ILE D 518 -24.93 -18.37 2.16
C ILE D 518 -26.11 -17.46 2.47
N GLY D 519 -26.37 -16.50 1.62
CA GLY D 519 -27.53 -15.64 1.76
C GLY D 519 -27.20 -14.32 2.43
N ASP D 520 -28.00 -13.32 2.08
CA ASP D 520 -27.91 -11.94 2.61
C ASP D 520 -26.58 -11.21 2.36
N MET D 521 -25.60 -11.89 1.79
CA MET D 521 -24.32 -11.27 1.49
C MET D 521 -24.01 -11.27 0.00
N ARG D 522 -24.07 -12.43 -0.65
CA ARG D 522 -23.66 -12.55 -2.04
C ARG D 522 -24.77 -12.21 -3.03
N LYS D 523 -26.02 -12.14 -2.58
CA LYS D 523 -27.13 -11.88 -3.48
C LYS D 523 -27.11 -10.45 -3.99
N GLU D 524 -26.73 -9.49 -3.14
CA GLU D 524 -26.81 -8.08 -3.49
C GLU D 524 -25.80 -7.67 -4.55
N ALA D 525 -24.82 -8.52 -4.85
CA ALA D 525 -23.80 -8.20 -5.85
C ALA D 525 -23.56 -9.38 -6.77
N ILE D 526 -24.62 -10.08 -7.15
CA ILE D 526 -24.47 -11.25 -8.01
C ILE D 526 -24.06 -10.84 -9.43
N GLU D 527 -24.69 -9.80 -9.96
CA GLU D 527 -24.35 -9.21 -11.27
C GLU D 527 -24.04 -10.27 -12.32
N GLY D 528 -24.94 -11.24 -12.45
CA GLY D 528 -24.76 -12.28 -13.45
C GLY D 528 -24.79 -13.69 -12.89
N LEU D 529 -24.99 -14.67 -13.77
CA LEU D 529 -25.05 -16.06 -13.35
C LEU D 529 -24.81 -16.95 -14.56
N LEU D 530 -24.40 -18.19 -14.29
CA LEU D 530 -24.22 -19.20 -15.34
C LEU D 530 -24.40 -20.56 -14.69
N LEU D 531 -25.60 -21.12 -14.84
CA LEU D 531 -25.88 -22.46 -14.30
C LEU D 531 -25.21 -23.52 -15.17
N THR D 532 -24.71 -24.56 -14.51
CA THR D 532 -23.94 -25.59 -15.21
C THR D 532 -24.53 -26.98 -14.97
N GLU D 533 -23.80 -28.02 -15.34
CA GLU D 533 -24.30 -29.38 -15.24
C GLU D 533 -24.61 -29.72 -13.78
N PRO D 534 -25.70 -30.43 -13.52
CA PRO D 534 -26.10 -30.73 -12.13
C PRO D 534 -25.45 -31.95 -11.51
N GLU D 535 -24.65 -32.73 -12.24
CA GLU D 535 -23.99 -33.87 -11.63
C GLU D 535 -22.70 -33.44 -10.95
N GLN D 536 -22.77 -32.37 -10.15
CA GLN D 536 -21.68 -31.95 -9.29
C GLN D 536 -22.16 -31.50 -7.92
N PHE D 537 -23.45 -31.28 -7.72
CA PHE D 537 -24.02 -30.80 -6.46
C PHE D 537 -24.53 -31.93 -5.59
N GLU D 538 -25.36 -32.82 -6.15
CA GLU D 538 -25.89 -34.01 -5.51
C GLU D 538 -26.71 -33.72 -4.25
N GLU D 539 -27.09 -32.47 -4.03
CA GLU D 539 -27.92 -32.13 -2.87
C GLU D 539 -29.02 -31.13 -3.18
N GLY D 540 -29.16 -30.67 -4.42
CA GLY D 540 -30.20 -29.73 -4.78
C GLY D 540 -29.86 -28.27 -4.64
N GLU D 541 -28.59 -27.90 -4.60
CA GLU D 541 -28.23 -26.49 -4.55
C GLU D 541 -28.66 -25.76 -5.82
N LEU D 542 -28.59 -26.44 -6.97
CA LEU D 542 -28.95 -25.82 -8.24
C LEU D 542 -30.41 -25.39 -8.26
N GLU D 543 -31.30 -26.23 -7.75
CA GLU D 543 -32.72 -25.90 -7.74
C GLU D 543 -33.02 -24.74 -6.81
N TYR D 544 -32.30 -24.63 -5.70
CA TYR D 544 -32.52 -23.53 -4.78
C TYR D 544 -32.05 -22.20 -5.38
N MET D 545 -30.98 -22.22 -6.17
CA MET D 545 -30.41 -20.98 -6.69
C MET D 545 -31.40 -20.23 -7.56
N TYR D 546 -32.14 -20.95 -8.41
CA TYR D 546 -33.12 -20.32 -9.29
C TYR D 546 -34.53 -20.38 -8.73
N SER D 547 -34.68 -20.76 -7.46
CA SER D 547 -35.98 -20.80 -6.81
C SER D 547 -36.55 -19.39 -6.68
N ALA D 548 -37.84 -19.32 -6.34
CA ALA D 548 -38.54 -18.04 -6.29
C ALA D 548 -37.98 -17.14 -5.20
N GLU D 549 -37.86 -17.65 -3.97
CA GLU D 549 -37.46 -16.80 -2.85
C GLU D 549 -36.00 -16.41 -2.92
N ALA D 550 -35.16 -17.20 -3.57
CA ALA D 550 -33.74 -16.86 -3.69
C ALA D 550 -33.55 -15.64 -4.58
N LEU D 551 -34.34 -15.52 -5.65
CA LEU D 551 -34.18 -14.45 -6.62
C LEU D 551 -34.70 -13.12 -6.11
N LYS D 552 -35.49 -13.10 -5.04
CA LYS D 552 -35.98 -11.84 -4.49
C LYS D 552 -34.91 -11.11 -3.69
N LYS D 553 -33.86 -11.80 -3.27
CA LYS D 553 -32.79 -11.17 -2.50
C LYS D 553 -31.79 -10.44 -3.37
N THR D 554 -31.81 -10.66 -4.68
CA THR D 554 -30.94 -9.96 -5.60
C THR D 554 -31.72 -8.88 -6.34
N ARG D 555 -31.09 -7.72 -6.49
CA ARG D 555 -31.73 -6.59 -7.14
C ARG D 555 -31.00 -6.11 -8.39
N ARG D 556 -29.72 -6.40 -8.55
CA ARG D 556 -28.97 -6.08 -9.75
C ARG D 556 -28.61 -7.39 -10.46
N LEU D 557 -29.19 -7.60 -11.63
CA LEU D 557 -28.98 -8.83 -12.38
C LEU D 557 -29.17 -8.54 -13.86
N ARG D 558 -28.15 -8.80 -14.66
CA ARG D 558 -28.16 -8.52 -16.09
C ARG D 558 -28.10 -9.78 -16.95
N ILE D 559 -27.24 -10.72 -16.61
CA ILE D 559 -27.01 -11.91 -17.42
C ILE D 559 -27.39 -13.14 -16.60
N LEU D 560 -28.20 -14.01 -17.18
CA LEU D 560 -28.58 -15.26 -16.54
C LEU D 560 -28.68 -16.33 -17.62
N VAL D 561 -27.86 -17.37 -17.49
CA VAL D 561 -27.77 -18.44 -18.48
C VAL D 561 -27.97 -19.77 -17.78
N LYS D 562 -28.84 -20.61 -18.33
CA LYS D 562 -29.12 -21.94 -17.80
C LYS D 562 -29.02 -22.93 -18.96
N GLU D 563 -27.90 -23.65 -19.04
CA GLU D 563 -27.61 -24.53 -20.18
C GLU D 563 -27.31 -25.95 -19.69
N TYR D 564 -28.37 -26.73 -19.52
CA TYR D 564 -28.25 -28.17 -19.27
C TYR D 564 -29.63 -28.79 -19.47
N TYR D 565 -29.66 -29.94 -20.14
CA TYR D 565 -30.94 -30.55 -20.49
C TYR D 565 -31.66 -31.03 -19.24
N ASN D 566 -32.98 -30.91 -19.26
CA ASN D 566 -33.80 -31.22 -18.10
C ASN D 566 -33.86 -32.72 -17.91
N ARG D 567 -33.40 -33.20 -16.75
CA ARG D 567 -33.43 -34.62 -16.47
C ARG D 567 -34.84 -35.11 -16.15
N GLY D 568 -35.68 -34.24 -15.58
CA GLY D 568 -36.99 -34.64 -15.10
C GLY D 568 -37.12 -34.38 -13.61
N PHE D 569 -36.24 -33.52 -13.09
CA PHE D 569 -36.18 -33.21 -11.67
C PHE D 569 -36.06 -31.70 -11.48
N ASP D 570 -36.84 -30.94 -12.23
CA ASP D 570 -36.83 -29.48 -12.17
C ASP D 570 -38.13 -28.97 -11.56
N GLU D 571 -38.14 -27.67 -11.29
CA GLU D 571 -39.28 -27.03 -10.65
C GLU D 571 -39.68 -25.78 -11.41
N PRO D 572 -40.95 -25.40 -11.36
CA PRO D 572 -41.38 -24.16 -12.04
C PRO D 572 -40.80 -22.92 -11.40
N VAL D 573 -40.61 -21.89 -12.22
CA VAL D 573 -40.04 -20.62 -11.79
C VAL D 573 -41.15 -19.61 -11.59
N ALA D 574 -40.97 -18.72 -10.61
CA ALA D 574 -42.00 -17.77 -10.23
C ALA D 574 -41.60 -16.32 -10.41
N TYR D 575 -40.45 -15.90 -9.88
CA TYR D 575 -40.15 -14.47 -9.81
C TYR D 575 -39.71 -13.92 -11.17
N LEU D 576 -38.55 -14.39 -11.67
CA LEU D 576 -37.94 -13.80 -12.86
C LEU D 576 -37.81 -12.29 -12.69
N PRO D 577 -36.84 -11.81 -11.91
CA PRO D 577 -36.83 -10.42 -11.47
C PRO D 577 -36.86 -9.42 -12.62
N ASN D 578 -37.24 -8.20 -12.30
CA ASN D 578 -37.48 -7.17 -13.30
C ASN D 578 -36.24 -6.33 -13.59
N SER D 579 -35.12 -7.00 -13.86
CA SER D 579 -33.89 -6.29 -14.20
C SER D 579 -33.06 -6.98 -15.27
N LEU D 580 -33.48 -8.12 -15.81
CA LEU D 580 -32.63 -8.88 -16.71
C LEU D 580 -32.46 -8.17 -18.04
N LEU D 581 -31.30 -8.41 -18.67
CA LEU D 581 -31.01 -7.95 -20.01
C LEU D 581 -30.71 -9.08 -20.99
N TRP D 582 -30.30 -10.25 -20.50
CA TRP D 582 -29.98 -11.40 -21.32
C TRP D 582 -30.56 -12.65 -20.68
N LEU D 583 -31.34 -13.40 -21.45
CA LEU D 583 -32.03 -14.57 -20.95
C LEU D 583 -31.70 -15.78 -21.84
N GLU D 584 -31.35 -16.89 -21.20
CA GLU D 584 -31.09 -18.14 -21.90
C GLU D 584 -31.53 -19.27 -20.99
N TRP D 585 -32.54 -20.03 -21.42
CA TRP D 585 -33.09 -21.10 -20.62
C TRP D 585 -33.26 -22.36 -21.48
N ARG D 586 -32.96 -23.50 -20.89
CA ARG D 586 -33.20 -24.79 -21.50
C ARG D 586 -34.67 -25.17 -21.33
N ASN D 587 -34.99 -26.45 -21.52
CA ASN D 587 -36.35 -26.95 -21.38
C ASN D 587 -37.10 -26.31 -20.22
N TYR D 588 -38.27 -25.78 -20.52
CA TYR D 588 -39.05 -24.99 -19.57
C TYR D 588 -40.13 -25.84 -18.94
N SER D 589 -40.11 -25.94 -17.61
CA SER D 589 -41.10 -26.71 -16.90
C SER D 589 -42.43 -25.97 -16.81
N SER D 590 -42.39 -24.65 -16.64
CA SER D 590 -43.60 -23.88 -16.47
C SER D 590 -44.37 -23.78 -17.78
N ASN D 591 -45.67 -23.49 -17.67
CA ASN D 591 -46.52 -23.39 -18.85
C ASN D 591 -46.21 -22.13 -19.65
N SER D 592 -46.05 -21.00 -18.97
CA SER D 592 -45.81 -19.73 -19.64
C SER D 592 -45.11 -18.79 -18.65
N PHE D 593 -44.78 -17.60 -19.14
CA PHE D 593 -44.11 -16.61 -18.31
C PHE D 593 -45.04 -16.13 -17.20
N PRO D 594 -44.48 -15.77 -16.04
CA PRO D 594 -45.31 -15.23 -14.96
C PRO D 594 -45.92 -13.89 -15.35
N SER D 595 -47.11 -13.63 -14.81
CA SER D 595 -47.82 -12.39 -15.12
C SER D 595 -47.19 -11.17 -14.47
N ASN D 596 -46.26 -11.35 -13.53
CA ASN D 596 -45.59 -10.25 -12.86
C ASN D 596 -44.30 -9.84 -13.57
N PHE D 597 -44.06 -10.33 -14.78
CA PHE D 597 -42.83 -10.04 -15.51
C PHE D 597 -43.04 -8.86 -16.45
N GLU D 598 -42.13 -7.91 -16.37
CA GLU D 598 -41.96 -6.84 -17.34
C GLU D 598 -40.65 -7.04 -18.08
N PRO D 599 -40.60 -6.78 -19.39
CA PRO D 599 -39.34 -6.99 -20.12
C PRO D 599 -38.17 -6.24 -19.52
N SER D 600 -38.39 -5.02 -19.03
CA SER D 600 -37.36 -4.23 -18.36
C SER D 600 -36.12 -4.08 -19.26
N LYS D 601 -36.34 -3.38 -20.36
CA LYS D 601 -35.33 -3.11 -21.39
C LYS D 601 -34.50 -4.36 -21.71
N LEU D 602 -35.21 -5.46 -21.98
CA LEU D 602 -34.56 -6.70 -22.39
C LEU D 602 -33.87 -6.52 -23.74
N VAL D 603 -32.90 -7.40 -24.00
CA VAL D 603 -32.10 -7.34 -25.22
C VAL D 603 -32.14 -8.66 -25.97
N TYR D 604 -31.82 -9.76 -25.30
CA TYR D 604 -31.68 -11.07 -25.92
C TYR D 604 -32.52 -12.08 -25.15
N LEU D 605 -33.29 -12.88 -25.88
CA LEU D 605 -34.12 -13.91 -25.26
C LEU D 605 -34.36 -15.01 -26.27
N THR D 606 -33.72 -16.16 -26.06
CA THR D 606 -34.00 -17.37 -26.83
C THR D 606 -34.30 -18.51 -25.88
N MET D 607 -35.32 -19.29 -26.22
CA MET D 607 -35.82 -20.36 -25.35
C MET D 607 -35.81 -21.65 -26.14
N LYS D 608 -34.95 -22.58 -25.72
CA LYS D 608 -34.86 -23.88 -26.37
C LYS D 608 -35.88 -24.87 -25.82
N GLY D 609 -36.68 -24.47 -24.84
CA GLY D 609 -37.66 -25.36 -24.27
C GLY D 609 -38.77 -25.70 -25.26
N SER D 610 -39.28 -26.92 -25.13
CA SER D 610 -40.33 -27.43 -26.00
C SER D 610 -41.72 -27.35 -25.38
N SER D 611 -41.85 -26.78 -24.19
CA SER D 611 -43.12 -26.70 -23.49
C SER D 611 -43.43 -25.23 -23.19
N ILE D 612 -44.04 -24.56 -24.15
CA ILE D 612 -44.50 -23.18 -24.01
C ILE D 612 -45.79 -23.00 -24.81
N ILE D 613 -46.86 -22.64 -24.12
CA ILE D 613 -48.13 -22.42 -24.79
C ILE D 613 -48.16 -21.07 -25.48
N GLU D 614 -47.99 -19.99 -24.70
CA GLU D 614 -47.92 -18.64 -25.24
C GLU D 614 -46.88 -17.86 -24.46
N LEU D 615 -46.22 -16.92 -25.15
CA LEU D 615 -45.20 -16.10 -24.50
C LEU D 615 -45.82 -15.16 -23.47
N TRP D 616 -46.89 -14.46 -23.85
CA TRP D 616 -47.57 -13.54 -22.94
C TRP D 616 -49.04 -13.48 -23.30
N ASN D 617 -49.84 -13.04 -22.33
CA ASN D 617 -51.28 -12.93 -22.56
C ASN D 617 -51.62 -11.75 -23.47
N GLY D 618 -50.88 -10.66 -23.38
CA GLY D 618 -51.15 -9.48 -24.19
C GLY D 618 -49.98 -9.08 -25.06
N ALA D 619 -49.80 -7.78 -25.26
CA ALA D 619 -48.71 -7.24 -26.08
C ALA D 619 -48.01 -6.16 -25.28
N LYS D 620 -46.86 -6.49 -24.71
CA LYS D 620 -46.12 -5.55 -23.87
C LYS D 620 -45.21 -4.68 -24.74
N ARG D 621 -44.33 -3.90 -24.09
CA ARG D 621 -43.58 -2.87 -24.80
C ARG D 621 -42.52 -3.48 -25.72
N LEU D 622 -41.57 -4.20 -25.13
CA LEU D 622 -40.43 -4.75 -25.87
C LEU D 622 -39.69 -3.64 -26.63
N ALA D 623 -39.20 -2.68 -25.86
CA ALA D 623 -38.54 -1.52 -26.43
C ALA D 623 -37.26 -1.90 -27.17
N PHE D 624 -36.48 -2.82 -26.61
CA PHE D 624 -35.24 -3.25 -27.23
C PHE D 624 -35.22 -4.76 -27.41
N LEU D 625 -34.60 -5.19 -28.50
CA LEU D 625 -34.47 -6.61 -28.81
C LEU D 625 -33.18 -6.88 -29.59
PG ATP E . 0.41 22.38 -11.80
O1G ATP E . -0.79 23.29 -11.74
O2G ATP E . 1.53 22.80 -10.88
O3G ATP E . 0.09 20.91 -11.77
PB ATP E . 0.62 23.86 -14.18
O1B ATP E . -0.89 23.87 -14.33
O2B ATP E . 1.34 25.07 -13.65
O3B ATP E . 1.03 22.61 -13.26
PA ATP E . 0.63 24.03 -16.99
O1A ATP E . 1.78 24.42 -17.90
O2A ATP E . -0.44 25.04 -16.68
O3A ATP E . 1.27 23.50 -15.61
O5' ATP E . -0.07 22.69 -17.57
C5' ATP E . -1.10 22.77 -18.54
C4' ATP E . -0.67 22.21 -19.90
O4' ATP E . -1.49 22.79 -20.91
C3' ATP E . 0.77 22.57 -20.22
O3' ATP E . 1.47 21.41 -20.70
C2' ATP E . 0.71 23.62 -21.31
O2' ATP E . 1.58 23.26 -22.38
C1' ATP E . -0.73 23.63 -21.78
N9 ATP E . -1.25 25.01 -21.72
C8 ATP E . -1.83 25.58 -20.64
N7 ATP E . -2.20 26.86 -20.91
C5 ATP E . -1.84 27.13 -22.17
C6 ATP E . -1.94 28.30 -23.08
N6 ATP E . -2.50 29.46 -22.66
N1 ATP E . -1.44 28.16 -24.32
C2 ATP E . -0.88 27.01 -24.75
N3 ATP E . -0.77 25.92 -23.98
C4 ATP E . -1.22 25.90 -22.70
MG MG F . 2.71 23.73 -12.88
PG ATP G . 14.38 14.15 15.27
O1G ATP G . 14.05 14.26 16.73
O2G ATP G . 15.53 13.22 14.97
O3G ATP G . 13.18 13.98 14.36
PB ATP G . 15.43 16.66 15.96
O1B ATP G . 14.28 16.91 16.91
O2B ATP G . 16.78 16.22 16.47
O3B ATP G . 14.97 15.60 14.85
PA ATP G . 15.49 19.47 15.72
O1A ATP G . 16.58 20.35 15.18
O2A ATP G . 15.32 19.33 17.22
O3A ATP G . 15.66 18.01 15.09
O5' ATP G . 14.08 19.94 15.09
C5' ATP G . 13.30 20.98 15.69
C4' ATP G . 13.25 22.23 14.82
O4' ATP G . 12.96 23.36 15.66
C3' ATP G . 14.57 22.50 14.13
O3' ATP G . 14.35 22.81 12.75
C2' ATP G . 15.18 23.70 14.83
O2' ATP G . 15.58 24.67 13.87
C1' ATP G . 14.06 24.27 15.71
N9 ATP G . 14.55 24.39 17.10
C8 ATP G . 14.50 23.41 18.03
N7 ATP G . 15.04 23.84 19.20
C5 ATP G . 15.45 25.10 19.03
C6 ATP G . 16.10 26.14 19.86
N6 ATP G . 16.43 25.88 21.15
N1 ATP G . 16.37 27.33 19.29
C2 ATP G . 16.05 27.59 18.00
N3 ATP G . 15.45 26.70 17.19
C4 ATP G . 15.13 25.46 17.63
MG MG H . 16.98 15.24 14.69
PG ATP I . 20.48 -14.48 3.43
O1G ATP I . 20.33 -15.90 3.91
O2G ATP I . 20.76 -14.36 1.95
O3G ATP I . 19.43 -13.53 3.95
PB ATP I . 22.91 -14.95 4.75
O1B ATP I . 22.21 -15.80 5.79
O2B ATP I . 23.67 -15.60 3.62
O3B ATP I . 21.85 -13.94 4.10
PA ATP I . 24.74 -14.41 6.82
O1A ATP I . 26.14 -13.86 6.71
O2A ATP I . 24.57 -15.90 7.01
O3A ATP I . 23.93 -13.96 5.51
O5' ATP I . 23.95 -13.65 8.00
C5' ATP I . 24.04 -14.08 9.35
C4' ATP I . 24.78 -13.08 10.23
O4' ATP I . 25.31 -13.77 11.38
C3' ATP I . 25.95 -12.45 9.51
O3' ATP I . 25.95 -11.03 9.71
C2' ATP I . 27.21 -13.05 10.12
O2' ATP I . 28.13 -12.02 10.48
C1' ATP I . 26.74 -13.78 11.37
N9 ATP I . 27.23 -15.18 11.32
C8 ATP I . 26.58 -16.21 10.73
N7 ATP I . 27.28 -17.36 10.86
C5 ATP I . 28.42 -17.07 11.53
C6 ATP I . 29.60 -17.83 11.99
N6 ATP I . 29.71 -19.16 11.76
N1 ATP I . 30.55 -17.15 12.67
C2 ATP I . 30.44 -15.82 12.91
N3 ATP I . 29.39 -15.08 12.51
C4 ATP I . 28.37 -15.63 11.83
MG MG J . 23.16 -13.94 2.52
PG ATP K . 6.49 -6.25 -23.65
O1G ATP K . 5.46 -6.88 -24.57
O2G ATP K . 6.74 -4.79 -23.92
O3G ATP K . 6.30 -6.60 -22.19
PB ATP K . 8.08 -7.76 -25.40
O1B ATP K . 7.02 -8.84 -25.47
O2B ATP K . 8.21 -6.76 -26.51
O3B ATP K . 7.90 -6.94 -24.03
PA ATP K . 9.88 -9.87 -25.91
O1A ATP K . 11.31 -9.78 -26.38
O2A ATP K . 8.80 -10.21 -26.90
O3A ATP K . 9.51 -8.47 -25.21
O5' ATP K . 9.79 -10.90 -24.68
C5' ATP K . 9.62 -12.30 -24.89
C4' ATP K . 10.85 -13.11 -24.50
O4' ATP K . 10.83 -14.35 -25.21
C3' ATP K . 12.13 -12.39 -24.86
O3' ATP K . 13.05 -12.43 -23.76
C2' ATP K . 12.72 -13.14 -26.03
O2' ATP K . 14.09 -13.44 -25.79
C1' ATP K . 11.92 -14.43 -26.14
N9 ATP K . 11.39 -14.56 -27.52
C8 ATP K . 10.23 -14.06 -27.95
N7 ATP K . 10.04 -14.35 -29.27
C5 ATP K . 11.10 -15.05 -29.68
C6 ATP K . 11.53 -15.68 -30.96
N6 ATP K . 10.77 -15.59 -32.07
N1 ATP K . 12.72 -16.33 -30.97
C2 ATP K . 13.48 -16.41 -29.86
N3 ATP K . 13.15 -15.87 -28.67
C4 ATP K . 11.99 -15.20 -28.53
MG MG L . 8.86 -5.45 -25.07
#